data_4R7O
#
_entry.id   4R7O
#
_cell.length_a   209.644
_cell.length_b   85.891
_cell.length_c   191.539
_cell.angle_alpha   90.00
_cell.angle_beta   121.33
_cell.angle_gamma   90.00
#
_symmetry.space_group_name_H-M   'C 1 2 1'
#
loop_
_entity.id
_entity.type
_entity.pdbx_description
1 polymer 'Glycerophosphoryl diester phosphodiesterase, putative'
2 non-polymer 'MAGNESIUM ION'
3 non-polymer 'SULFATE ION'
4 non-polymer 1,2-ETHANEDIOL
5 non-polymer GLYCEROL
6 non-polymer DI(HYDROXYETHYL)ETHER
7 water water
#
_entity_poly.entity_id   1
_entity_poly.type   'polypeptide(L)'
_entity_poly.pdbx_seq_one_letter_code
;SNAKAEGKHEWNKNKFLNIAHRGASGHAPEHTFASYDLVKKMKADYLELDIQLTKDGQLIAMHDTAVDRTTNGTGEVRDK
TLSEIKSLDAGSWFNKAYPEKAKQEYVGQKVPTLEEIFQKYGRSMKYYIETKSPDVYPGMEEKLLALLEKYNLIGQNMSS
SRVMIQSFSKDSLKKIHSINKNIPLVQLLWYYPNENNEIVEWSGITHEPKRVTNDDFQEIKKYAVGIGPNLRNDNGDLII
NESYMKMARQNGLLIHPYTINEKPDMRLLMKWGATGMFTNYPDRLHTVLKEK
;
_entity_poly.pdbx_strand_id   A,B,C,D,E,F,G
#
# COMPACT_ATOMS: atom_id res chain seq x y z
N LYS A 13 -23.39 -21.58 -40.26
CA LYS A 13 -23.12 -22.54 -39.17
C LYS A 13 -22.13 -21.96 -38.17
N ASN A 14 -20.98 -21.52 -38.64
CA ASN A 14 -20.04 -20.78 -37.80
C ASN A 14 -19.96 -19.29 -38.20
N LYS A 15 -21.03 -18.80 -38.81
CA LYS A 15 -21.16 -17.38 -39.16
C LYS A 15 -20.99 -16.48 -37.94
N PHE A 16 -20.24 -15.39 -38.09
CA PHE A 16 -19.90 -14.54 -36.96
C PHE A 16 -21.06 -13.68 -36.50
N LEU A 17 -21.37 -13.76 -35.21
CA LEU A 17 -22.51 -13.03 -34.65
C LEU A 17 -22.07 -11.77 -33.93
N ASN A 18 -22.58 -10.64 -34.42
CA ASN A 18 -22.38 -9.35 -33.80
C ASN A 18 -23.53 -9.13 -32.83
N ILE A 19 -23.24 -9.22 -31.55
CA ILE A 19 -24.28 -9.21 -30.52
C ILE A 19 -24.27 -7.89 -29.75
N ALA A 20 -25.31 -7.08 -29.90
CA ALA A 20 -25.38 -5.78 -29.22
C ALA A 20 -25.77 -5.93 -27.75
N HIS A 21 -24.76 -5.88 -26.88
CA HIS A 21 -24.88 -6.00 -25.43
C HIS A 21 -25.79 -4.93 -24.81
N ARG A 22 -27.02 -5.32 -24.46
CA ARG A 22 -28.02 -4.40 -23.90
C ARG A 22 -28.43 -3.33 -24.89
N GLY A 23 -28.33 -3.64 -26.17
CA GLY A 23 -28.53 -2.67 -27.24
C GLY A 23 -27.19 -2.07 -27.63
N ALA A 24 -27.20 -0.92 -28.29
CA ALA A 24 -25.96 -0.20 -28.52
C ALA A 24 -25.70 0.67 -27.29
N SER A 25 -25.44 -0.01 -26.18
CA SER A 25 -25.41 0.62 -24.87
C SER A 25 -24.20 1.53 -24.64
N GLY A 26 -23.27 1.54 -25.59
CA GLY A 26 -22.17 2.49 -25.53
C GLY A 26 -22.54 3.84 -26.11
N HIS A 27 -23.70 3.91 -26.77
CA HIS A 27 -24.15 5.11 -27.46
C HIS A 27 -25.42 5.68 -26.85
N ALA A 28 -26.15 4.83 -26.13
CA ALA A 28 -27.42 5.24 -25.51
C ALA A 28 -27.65 4.41 -24.23
N PRO A 29 -28.54 4.87 -23.31
CA PRO A 29 -28.80 4.13 -22.06
C PRO A 29 -29.19 2.68 -22.31
N GLU A 30 -28.53 1.75 -21.61
CA GLU A 30 -28.79 0.32 -21.76
C GLU A 30 -30.27 -0.03 -21.50
N HIS A 31 -30.77 -1.01 -22.25
CA HIS A 31 -32.13 -1.50 -22.07
C HIS A 31 -33.19 -0.41 -22.09
N THR A 32 -33.06 0.50 -23.05
CA THR A 32 -34.11 1.44 -23.41
C THR A 32 -34.35 1.34 -24.90
N PHE A 33 -35.43 1.89 -25.39
CA PHE A 33 -35.63 1.86 -26.83
C PHE A 33 -34.62 2.77 -27.54
N ALA A 34 -34.16 3.80 -26.86
CA ALA A 34 -33.10 4.66 -27.41
C ALA A 34 -31.89 3.82 -27.82
N SER A 35 -31.60 2.81 -27.01
CA SER A 35 -30.48 1.91 -27.24
C SER A 35 -30.81 0.81 -28.27
N TYR A 36 -32.03 0.29 -28.21
CA TYR A 36 -32.46 -0.78 -29.09
C TYR A 36 -32.67 -0.29 -30.53
N ASP A 37 -33.09 0.96 -30.69
CA ASP A 37 -33.36 1.52 -32.00
C ASP A 37 -32.09 1.71 -32.85
N LEU A 38 -30.91 1.58 -32.24
CA LEU A 38 -29.67 1.77 -32.98
C LEU A 38 -29.08 0.46 -33.53
N VAL A 39 -29.56 -0.66 -33.01
CA VAL A 39 -28.98 -1.97 -33.30
C VAL A 39 -29.04 -2.40 -34.79
N LYS A 40 -30.21 -2.29 -35.39
CA LYS A 40 -30.40 -2.64 -36.80
C LYS A 40 -29.53 -1.74 -37.68
N LYS A 41 -29.58 -0.45 -37.40
CA LYS A 41 -28.76 0.56 -38.04
C LYS A 41 -27.27 0.22 -38.05
N MET A 42 -26.76 -0.17 -36.88
CA MET A 42 -25.34 -0.44 -36.69
C MET A 42 -24.90 -1.86 -37.10
N LYS A 43 -25.82 -2.59 -37.72
CA LYS A 43 -25.57 -3.87 -38.37
C LYS A 43 -25.34 -5.02 -37.39
N ALA A 44 -25.87 -4.90 -36.19
CA ALA A 44 -25.81 -6.03 -35.24
C ALA A 44 -26.67 -7.19 -35.74
N ASP A 45 -26.31 -8.42 -35.34
CA ASP A 45 -27.08 -9.60 -35.70
C ASP A 45 -28.12 -9.96 -34.62
N TYR A 46 -27.79 -9.64 -33.37
CA TYR A 46 -28.63 -10.01 -32.23
C TYR A 46 -28.77 -8.84 -31.30
N LEU A 47 -29.92 -8.75 -30.67
CA LEU A 47 -30.16 -7.80 -29.62
C LEU A 47 -30.12 -8.55 -28.29
N GLU A 48 -29.18 -8.21 -27.40
CA GLU A 48 -29.02 -8.95 -26.16
C GLU A 48 -29.87 -8.35 -25.05
N LEU A 49 -30.66 -9.19 -24.39
CA LEU A 49 -31.65 -8.76 -23.40
C LEU A 49 -31.50 -9.50 -22.08
N ASP A 50 -31.43 -8.75 -20.98
CA ASP A 50 -31.53 -9.30 -19.64
C ASP A 50 -32.96 -9.10 -19.14
N ILE A 51 -33.55 -10.10 -18.51
CA ILE A 51 -34.94 -9.93 -18.05
C ILE A 51 -35.14 -10.14 -16.56
N GLN A 52 -36.04 -9.35 -16.00
CA GLN A 52 -36.47 -9.46 -14.61
C GLN A 52 -37.97 -9.69 -14.60
N LEU A 53 -38.51 -10.06 -13.44
CA LEU A 53 -39.95 -10.31 -13.33
C LEU A 53 -40.56 -9.42 -12.27
N THR A 54 -41.58 -8.66 -12.65
CA THR A 54 -42.19 -7.72 -11.71
C THR A 54 -43.14 -8.45 -10.79
N LYS A 55 -43.62 -7.75 -9.75
CA LYS A 55 -44.44 -8.38 -8.73
C LYS A 55 -45.74 -8.92 -9.30
N ASP A 56 -46.30 -8.23 -10.29
CA ASP A 56 -47.52 -8.69 -10.92
C ASP A 56 -47.24 -9.60 -12.13
N GLY A 57 -46.02 -10.14 -12.20
CA GLY A 57 -45.70 -11.18 -13.16
C GLY A 57 -45.41 -10.78 -14.60
N GLN A 58 -44.95 -9.54 -14.81
CA GLN A 58 -44.58 -9.05 -16.14
C GLN A 58 -43.07 -9.06 -16.32
N LEU A 59 -42.61 -9.48 -17.50
CA LEU A 59 -41.19 -9.52 -17.81
C LEU A 59 -40.69 -8.17 -18.34
N ILE A 60 -39.64 -7.62 -17.72
CA ILE A 60 -39.09 -6.35 -18.18
C ILE A 60 -37.60 -6.47 -18.45
N ALA A 61 -37.06 -5.56 -19.24
CA ALA A 61 -35.65 -5.56 -19.59
C ALA A 61 -34.86 -4.67 -18.65
N MET A 62 -33.98 -5.31 -17.88
CA MET A 62 -33.12 -4.62 -16.93
C MET A 62 -32.04 -5.60 -16.49
N HIS A 63 -30.83 -5.09 -16.28
CA HIS A 63 -29.71 -5.97 -15.97
C HIS A 63 -29.68 -6.36 -14.49
N ASP A 64 -29.71 -5.36 -13.61
CA ASP A 64 -29.69 -5.56 -12.15
C ASP A 64 -31.06 -6.00 -11.65
N THR A 65 -31.09 -6.68 -10.50
CA THR A 65 -32.36 -7.03 -9.87
C THR A 65 -32.96 -5.81 -9.16
N ALA A 66 -32.10 -4.85 -8.82
CA ALA A 66 -32.52 -3.58 -8.22
C ALA A 66 -32.57 -2.48 -9.28
N VAL A 67 -33.48 -1.52 -9.11
CA VAL A 67 -33.64 -0.45 -10.10
C VAL A 67 -32.68 0.72 -9.89
N ASP A 68 -31.91 0.68 -8.80
CA ASP A 68 -31.09 1.82 -8.38
C ASP A 68 -30.08 2.37 -9.39
N ARG A 69 -29.25 1.50 -9.96
CA ARG A 69 -28.12 1.97 -10.77
C ARG A 69 -28.56 2.70 -12.03
N THR A 70 -29.64 2.23 -12.66
CA THR A 70 -30.05 2.78 -13.97
C THR A 70 -31.34 3.59 -13.95
N THR A 71 -31.90 3.85 -12.78
CA THR A 71 -33.07 4.74 -12.71
C THR A 71 -32.99 5.71 -11.55
N ASN A 72 -34.06 6.50 -11.41
CA ASN A 72 -34.18 7.46 -10.32
C ASN A 72 -34.93 6.87 -9.14
N GLY A 73 -35.23 5.58 -9.19
CA GLY A 73 -35.91 4.90 -8.11
C GLY A 73 -34.98 4.05 -7.27
N THR A 74 -35.53 3.37 -6.29
CA THR A 74 -34.77 2.45 -5.44
C THR A 74 -35.59 1.20 -5.17
N GLY A 75 -34.92 0.08 -4.96
CA GLY A 75 -35.60 -1.15 -4.56
C GLY A 75 -35.51 -2.26 -5.59
N GLU A 76 -35.92 -3.47 -5.17
CA GLU A 76 -35.92 -4.65 -6.04
C GLU A 76 -37.06 -4.65 -7.04
N VAL A 77 -36.81 -5.19 -8.23
CA VAL A 77 -37.84 -5.28 -9.26
C VAL A 77 -39.00 -6.12 -8.75
N ARG A 78 -38.68 -7.26 -8.13
CA ARG A 78 -39.68 -8.25 -7.71
C ARG A 78 -40.69 -7.72 -6.70
N ASP A 79 -40.36 -6.60 -6.08
CA ASP A 79 -41.24 -5.97 -5.10
C ASP A 79 -42.07 -4.86 -5.74
N LYS A 80 -41.96 -4.70 -7.05
CA LYS A 80 -42.62 -3.59 -7.75
C LYS A 80 -43.58 -4.09 -8.83
N THR A 81 -44.72 -3.42 -8.96
CA THR A 81 -45.62 -3.71 -10.06
C THR A 81 -45.07 -3.09 -11.34
N LEU A 82 -45.62 -3.51 -12.47
CA LEU A 82 -45.24 -2.97 -13.76
C LEU A 82 -45.53 -1.46 -13.81
N SER A 83 -46.67 -1.07 -13.24
CA SER A 83 -47.04 0.34 -13.14
C SER A 83 -45.97 1.22 -12.46
N GLU A 84 -45.44 0.77 -11.33
CA GLU A 84 -44.42 1.53 -10.60
C GLU A 84 -43.14 1.61 -11.41
N ILE A 85 -42.75 0.49 -12.00
CA ILE A 85 -41.57 0.45 -12.87
C ILE A 85 -41.67 1.51 -13.98
N LYS A 86 -42.86 1.60 -14.57
CA LYS A 86 -43.06 2.44 -15.75
C LYS A 86 -43.00 3.94 -15.47
N SER A 87 -43.09 4.36 -14.22
CA SER A 87 -42.97 5.79 -13.95
C SER A 87 -41.53 6.24 -13.71
N LEU A 88 -40.60 5.28 -13.71
CA LEU A 88 -39.19 5.57 -13.49
C LEU A 88 -38.50 6.15 -14.73
N ASP A 89 -37.53 7.02 -14.49
CA ASP A 89 -36.68 7.54 -15.54
C ASP A 89 -35.48 6.61 -15.71
N ALA A 90 -35.48 5.82 -16.77
CA ALA A 90 -34.39 4.87 -16.99
C ALA A 90 -33.30 5.40 -17.93
N GLY A 91 -33.35 6.70 -18.26
CA GLY A 91 -32.39 7.28 -19.18
C GLY A 91 -31.48 8.43 -18.71
N SER A 92 -31.87 9.15 -17.67
CA SER A 92 -31.11 10.33 -17.23
C SER A 92 -29.72 10.01 -16.68
N TRP A 93 -29.60 8.87 -16.01
CA TRP A 93 -28.33 8.44 -15.45
C TRP A 93 -27.21 8.43 -16.51
N PHE A 94 -27.56 8.07 -17.76
CA PHE A 94 -26.61 7.99 -18.86
C PHE A 94 -26.05 9.37 -19.20
N ASN A 95 -26.93 10.36 -19.27
CA ASN A 95 -26.47 11.71 -19.52
C ASN A 95 -25.49 12.18 -18.43
N LYS A 96 -25.71 11.74 -17.20
CA LYS A 96 -24.83 12.14 -16.09
C LYS A 96 -23.49 11.41 -16.14
N ALA A 97 -23.53 10.09 -16.33
CA ALA A 97 -22.31 9.30 -16.41
C ALA A 97 -21.47 9.62 -17.64
N TYR A 98 -22.12 9.87 -18.77
CA TYR A 98 -21.38 10.10 -20.01
C TYR A 98 -21.73 11.42 -20.68
N PRO A 99 -21.23 12.53 -20.14
CA PRO A 99 -21.58 13.87 -20.59
C PRO A 99 -21.33 14.08 -22.08
N GLU A 100 -20.29 13.45 -22.59
CA GLU A 100 -19.90 13.63 -23.98
C GLU A 100 -20.86 12.92 -24.94
N LYS A 101 -21.68 12.02 -24.41
CA LYS A 101 -22.64 11.29 -25.23
C LYS A 101 -24.09 11.68 -24.93
N ALA A 102 -24.29 12.50 -23.90
CA ALA A 102 -25.62 12.93 -23.48
C ALA A 102 -26.53 13.43 -24.61
N LYS A 103 -27.83 13.18 -24.48
CA LYS A 103 -28.85 13.68 -25.39
C LYS A 103 -30.12 13.97 -24.60
N GLN A 104 -30.79 15.08 -24.92
CA GLN A 104 -32.08 15.40 -24.31
C GLN A 104 -33.08 14.26 -24.48
N GLU A 105 -33.06 13.61 -25.63
CA GLU A 105 -34.01 12.52 -25.89
C GLU A 105 -33.86 11.38 -24.89
N TYR A 106 -32.68 11.25 -24.29
CA TYR A 106 -32.47 10.13 -23.36
C TYR A 106 -33.20 10.37 -22.05
N VAL A 107 -33.53 11.62 -21.76
CA VAL A 107 -34.24 11.97 -20.54
C VAL A 107 -35.68 11.47 -20.56
N GLY A 108 -36.02 10.64 -19.57
CA GLY A 108 -37.36 10.12 -19.45
C GLY A 108 -37.61 8.76 -20.08
N GLN A 109 -36.60 8.17 -20.71
CA GLN A 109 -36.77 6.84 -21.32
C GLN A 109 -37.33 5.84 -20.32
N LYS A 110 -38.37 5.13 -20.72
CA LYS A 110 -39.00 4.20 -19.81
C LYS A 110 -38.37 2.82 -19.91
N VAL A 111 -38.53 2.04 -18.84
CA VAL A 111 -38.11 0.63 -18.84
C VAL A 111 -39.00 -0.16 -19.81
N PRO A 112 -38.38 -0.91 -20.73
CA PRO A 112 -39.21 -1.68 -21.66
C PRO A 112 -39.68 -3.00 -21.06
N THR A 113 -40.89 -3.43 -21.43
CA THR A 113 -41.30 -4.80 -21.18
C THR A 113 -40.86 -5.64 -22.35
N LEU A 114 -40.66 -6.94 -22.13
CA LEU A 114 -40.22 -7.84 -23.18
C LEU A 114 -41.27 -7.94 -24.30
N GLU A 115 -42.54 -7.86 -23.93
CA GLU A 115 -43.59 -7.92 -24.92
C GLU A 115 -43.49 -6.71 -25.86
N GLU A 116 -43.34 -5.51 -25.30
CA GLU A 116 -43.16 -4.31 -26.11
C GLU A 116 -42.00 -4.44 -27.10
N ILE A 117 -40.88 -5.00 -26.66
CA ILE A 117 -39.74 -5.22 -27.54
C ILE A 117 -40.14 -6.11 -28.70
N PHE A 118 -40.77 -7.24 -28.40
CA PHE A 118 -41.23 -8.16 -29.44
C PHE A 118 -42.25 -7.52 -30.39
N GLN A 119 -43.15 -6.72 -29.84
CA GLN A 119 -44.18 -6.08 -30.65
C GLN A 119 -43.59 -5.04 -31.59
N LYS A 120 -42.45 -4.47 -31.22
CA LYS A 120 -41.91 -3.40 -32.03
C LYS A 120 -41.05 -3.93 -33.19
N TYR A 121 -40.23 -4.94 -32.91
CA TYR A 121 -39.28 -5.40 -33.92
C TYR A 121 -39.75 -6.64 -34.63
N GLY A 122 -40.56 -7.45 -33.93
CA GLY A 122 -41.05 -8.71 -34.46
C GLY A 122 -39.90 -9.57 -34.95
N ARG A 123 -39.99 -9.98 -36.20
CA ARG A 123 -38.98 -10.82 -36.83
C ARG A 123 -37.91 -10.04 -37.59
N SER A 124 -37.81 -8.73 -37.41
CA SER A 124 -36.73 -7.98 -38.08
C SER A 124 -35.44 -8.03 -37.28
N MET A 125 -35.48 -8.71 -36.15
CA MET A 125 -34.38 -8.72 -35.20
C MET A 125 -34.26 -10.11 -34.60
N LYS A 126 -33.05 -10.53 -34.25
CA LYS A 126 -32.89 -11.78 -33.54
C LYS A 126 -32.61 -11.47 -32.09
N TYR A 127 -33.10 -12.29 -31.18
CA TYR A 127 -32.95 -12.00 -29.75
C TYR A 127 -32.08 -13.03 -29.04
N TYR A 128 -31.28 -12.50 -28.13
CA TYR A 128 -30.30 -13.22 -27.35
C TYR A 128 -30.69 -12.95 -25.89
N ILE A 129 -31.47 -13.83 -25.29
CA ILE A 129 -32.14 -13.53 -24.02
C ILE A 129 -31.55 -14.29 -22.82
N GLU A 130 -31.27 -13.55 -21.74
CA GLU A 130 -30.66 -14.16 -20.56
C GLU A 130 -31.66 -14.51 -19.47
N THR A 131 -31.55 -15.72 -18.94
CA THR A 131 -32.32 -16.13 -17.78
C THR A 131 -31.45 -16.25 -16.51
N LYS A 132 -32.14 -16.27 -15.37
CA LYS A 132 -31.49 -16.40 -14.06
C LYS A 132 -31.75 -17.81 -13.52
N SER A 133 -31.20 -18.10 -12.34
CA SER A 133 -31.50 -19.36 -11.65
C SER A 133 -33.00 -19.51 -11.44
N PRO A 134 -33.50 -20.76 -11.57
CA PRO A 134 -34.94 -21.03 -11.46
C PRO A 134 -35.55 -20.57 -10.13
N ASP A 135 -34.74 -20.52 -9.09
CA ASP A 135 -35.21 -20.13 -7.76
C ASP A 135 -35.37 -18.62 -7.61
N VAL A 136 -34.68 -17.85 -8.45
CA VAL A 136 -34.73 -16.40 -8.37
C VAL A 136 -36.10 -15.83 -8.77
N TYR A 137 -36.55 -16.17 -9.97
CA TYR A 137 -37.89 -15.79 -10.42
C TYR A 137 -38.66 -17.03 -10.85
N PRO A 138 -39.32 -17.71 -9.90
CA PRO A 138 -40.08 -18.92 -10.21
C PRO A 138 -41.06 -18.73 -11.36
N GLY A 139 -40.94 -19.61 -12.36
CA GLY A 139 -41.82 -19.59 -13.50
C GLY A 139 -41.41 -18.65 -14.62
N MET A 140 -40.22 -18.06 -14.50
CA MET A 140 -39.74 -17.11 -15.51
C MET A 140 -39.54 -17.79 -16.87
N GLU A 141 -38.88 -18.95 -16.87
CA GLU A 141 -38.60 -19.66 -18.12
C GLU A 141 -39.87 -20.01 -18.87
N GLU A 142 -40.89 -20.52 -18.17
CA GLU A 142 -42.17 -20.87 -18.83
C GLU A 142 -42.89 -19.64 -19.39
N LYS A 143 -42.92 -18.53 -18.63
CA LYS A 143 -43.48 -17.28 -19.14
C LYS A 143 -42.72 -16.80 -20.37
N LEU A 144 -41.39 -16.83 -20.30
CA LEU A 144 -40.57 -16.49 -21.44
C LEU A 144 -40.87 -17.35 -22.67
N LEU A 145 -40.97 -18.66 -22.51
CA LEU A 145 -41.25 -19.52 -23.65
C LEU A 145 -42.67 -19.33 -24.22
N ALA A 146 -43.62 -18.89 -23.40
CA ALA A 146 -44.96 -18.64 -23.92
C ALA A 146 -44.96 -17.34 -24.73
N LEU A 147 -44.24 -16.34 -24.23
CA LEU A 147 -44.12 -15.06 -24.94
C LEU A 147 -43.48 -15.25 -26.31
N LEU A 148 -42.40 -16.00 -26.34
CA LEU A 148 -41.68 -16.29 -27.57
C LEU A 148 -42.62 -16.96 -28.55
N GLU A 149 -43.41 -17.89 -28.04
CA GLU A 149 -44.41 -18.61 -28.85
C GLU A 149 -45.54 -17.71 -29.39
N LYS A 150 -46.03 -16.80 -28.56
CA LYS A 150 -47.07 -15.87 -28.96
C LYS A 150 -46.67 -15.03 -30.17
N TYR A 151 -45.39 -14.70 -30.30
CA TYR A 151 -44.90 -13.83 -31.36
C TYR A 151 -44.16 -14.60 -32.43
N ASN A 152 -44.35 -15.92 -32.44
CA ASN A 152 -43.76 -16.82 -33.43
C ASN A 152 -42.26 -16.65 -33.61
N LEU A 153 -41.57 -16.49 -32.48
CA LEU A 153 -40.14 -16.28 -32.48
C LEU A 153 -39.37 -17.60 -32.38
N ILE A 154 -40.07 -18.66 -32.00
CA ILE A 154 -39.45 -19.98 -32.00
C ILE A 154 -39.90 -20.76 -33.24
N GLY A 155 -38.96 -21.11 -34.11
CA GLY A 155 -39.26 -22.00 -35.22
C GLY A 155 -39.38 -23.41 -34.67
N GLN A 156 -39.90 -24.34 -35.47
CA GLN A 156 -39.99 -25.71 -35.00
C GLN A 156 -38.69 -26.47 -35.34
N ASN A 157 -37.73 -25.73 -35.89
CA ASN A 157 -36.39 -26.25 -36.13
C ASN A 157 -35.35 -25.36 -35.47
N MET A 158 -34.20 -25.95 -35.11
CA MET A 158 -33.15 -25.23 -34.37
C MET A 158 -32.41 -24.20 -35.22
N SER A 159 -32.40 -24.41 -36.54
CA SER A 159 -31.60 -23.60 -37.45
C SER A 159 -32.23 -22.24 -37.82
N SER A 160 -33.57 -22.20 -37.90
CA SER A 160 -34.26 -20.97 -38.29
C SER A 160 -34.76 -20.17 -37.09
N SER A 161 -34.15 -20.41 -35.94
CA SER A 161 -34.57 -19.74 -34.71
C SER A 161 -34.22 -18.24 -34.72
N ARG A 162 -35.16 -17.43 -34.25
CA ARG A 162 -34.98 -16.00 -34.14
C ARG A 162 -34.50 -15.64 -32.74
N VAL A 163 -34.19 -16.67 -31.96
CA VAL A 163 -33.86 -16.49 -30.55
C VAL A 163 -32.79 -17.46 -30.07
N MET A 164 -31.81 -16.95 -29.32
CA MET A 164 -30.93 -17.81 -28.54
C MET A 164 -31.16 -17.50 -27.05
N ILE A 165 -31.02 -18.49 -26.19
CA ILE A 165 -31.13 -18.22 -24.76
C ILE A 165 -29.79 -18.51 -24.07
N GLN A 166 -29.41 -17.61 -23.19
CA GLN A 166 -28.12 -17.65 -22.49
C GLN A 166 -28.32 -17.58 -20.96
N SER A 167 -27.39 -18.15 -20.20
CA SER A 167 -27.53 -18.13 -18.76
C SER A 167 -26.24 -18.55 -18.08
N PHE A 168 -25.99 -17.99 -16.90
CA PHE A 168 -24.92 -18.49 -16.01
C PHE A 168 -25.38 -19.75 -15.28
N SER A 169 -26.70 -19.93 -15.20
CA SER A 169 -27.30 -21.05 -14.48
C SER A 169 -27.52 -22.27 -15.38
N LYS A 170 -26.71 -23.29 -15.18
CA LYS A 170 -26.85 -24.56 -15.85
C LYS A 170 -28.24 -25.18 -15.62
N ASP A 171 -28.81 -24.97 -14.44
CA ASP A 171 -30.10 -25.58 -14.12
C ASP A 171 -31.19 -24.99 -14.98
N SER A 172 -31.09 -23.70 -15.22
CA SER A 172 -32.05 -22.95 -16.01
C SER A 172 -32.04 -23.44 -17.46
N LEU A 173 -30.84 -23.67 -17.99
CA LEU A 173 -30.65 -24.16 -19.35
C LEU A 173 -31.13 -25.61 -19.52
N LYS A 174 -30.73 -26.50 -18.62
CA LYS A 174 -31.22 -27.88 -18.64
C LYS A 174 -32.76 -27.96 -18.55
N LYS A 175 -33.36 -27.02 -17.84
CA LYS A 175 -34.81 -26.92 -17.75
C LYS A 175 -35.40 -26.65 -19.13
N ILE A 176 -34.93 -25.57 -19.76
CA ILE A 176 -35.40 -25.18 -21.07
C ILE A 176 -35.13 -26.29 -22.10
N HIS A 177 -33.92 -26.83 -22.09
CA HIS A 177 -33.58 -27.92 -22.97
C HIS A 177 -34.52 -29.12 -22.86
N SER A 178 -35.06 -29.35 -21.67
CA SER A 178 -36.04 -30.40 -21.45
C SER A 178 -37.41 -30.07 -22.05
N ILE A 179 -37.80 -28.79 -21.98
CA ILE A 179 -39.07 -28.34 -22.49
C ILE A 179 -39.08 -28.19 -24.02
N ASN A 180 -37.97 -27.74 -24.58
CA ASN A 180 -37.88 -27.45 -26.00
C ASN A 180 -36.46 -27.57 -26.53
N LYS A 181 -36.19 -28.67 -27.23
CA LYS A 181 -34.85 -28.96 -27.77
C LYS A 181 -34.42 -27.97 -28.87
N ASN A 182 -35.37 -27.23 -29.42
CA ASN A 182 -35.13 -26.45 -30.64
C ASN A 182 -34.65 -25.03 -30.41
N ILE A 183 -34.32 -24.69 -29.18
CA ILE A 183 -33.79 -23.36 -28.94
C ILE A 183 -32.32 -23.51 -28.65
N PRO A 184 -31.48 -22.78 -29.40
CA PRO A 184 -30.05 -22.84 -29.10
C PRO A 184 -29.79 -22.17 -27.77
N LEU A 185 -29.02 -22.85 -26.92
CA LEU A 185 -28.71 -22.36 -25.59
C LEU A 185 -27.23 -22.11 -25.49
N VAL A 186 -26.87 -21.08 -24.73
CA VAL A 186 -25.48 -20.76 -24.54
C VAL A 186 -25.17 -20.74 -23.05
N GLN A 187 -24.15 -21.48 -22.67
CA GLN A 187 -23.68 -21.50 -21.29
C GLN A 187 -22.68 -20.36 -21.05
N LEU A 188 -23.13 -19.32 -20.35
CA LEU A 188 -22.21 -18.26 -19.93
C LEU A 188 -21.27 -18.74 -18.82
N LEU A 189 -20.04 -18.26 -18.86
CA LEU A 189 -19.02 -18.63 -17.89
C LEU A 189 -18.43 -17.36 -17.32
N TRP A 190 -18.04 -17.41 -16.05
CA TRP A 190 -17.35 -16.27 -15.43
C TRP A 190 -16.12 -16.78 -14.71
N TYR A 191 -14.94 -16.38 -15.19
CA TYR A 191 -13.68 -16.75 -14.57
C TYR A 191 -13.14 -15.58 -13.77
N TYR A 192 -12.66 -15.85 -12.56
CA TYR A 192 -12.08 -14.82 -11.70
C TYR A 192 -11.05 -15.43 -10.74
N PRO A 193 -10.11 -14.60 -10.27
CA PRO A 193 -9.15 -15.12 -9.28
C PRO A 193 -9.76 -15.15 -7.90
N ASN A 194 -9.65 -16.26 -7.18
CA ASN A 194 -10.22 -16.31 -5.82
C ASN A 194 -9.28 -15.70 -4.77
N GLU A 195 -9.56 -15.95 -3.49
CA GLU A 195 -8.80 -15.31 -2.41
C GLU A 195 -7.35 -15.78 -2.37
N ASN A 196 -7.07 -16.95 -2.93
CA ASN A 196 -5.69 -17.42 -3.03
C ASN A 196 -5.07 -17.07 -4.38
N ASN A 197 -5.73 -16.18 -5.12
CA ASN A 197 -5.31 -15.82 -6.47
C ASN A 197 -5.26 -17.01 -7.45
N GLU A 198 -6.11 -18.00 -7.21
CA GLU A 198 -6.31 -19.12 -8.10
C GLU A 198 -7.53 -18.81 -8.96
N ILE A 199 -7.39 -19.01 -10.27
CA ILE A 199 -8.50 -18.75 -11.16
C ILE A 199 -9.53 -19.90 -11.12
N VAL A 200 -10.80 -19.54 -10.95
CA VAL A 200 -11.87 -20.53 -10.86
C VAL A 200 -13.05 -20.07 -11.68
N GLU A 201 -13.87 -21.02 -12.13
CA GLU A 201 -15.14 -20.68 -12.79
C GLU A 201 -16.22 -20.54 -11.73
N TRP A 202 -16.99 -19.47 -11.82
CA TRP A 202 -18.04 -19.15 -10.86
C TRP A 202 -18.91 -20.35 -10.49
N SER A 203 -19.37 -21.09 -11.49
CA SER A 203 -20.26 -22.21 -11.22
C SER A 203 -19.52 -23.55 -11.08
N GLY A 204 -18.22 -23.57 -11.34
CA GLY A 204 -17.47 -24.80 -11.28
C GLY A 204 -17.70 -25.68 -12.49
N ILE A 205 -18.07 -25.06 -13.60
CA ILE A 205 -18.48 -25.75 -14.81
C ILE A 205 -17.26 -26.18 -15.67
N THR A 206 -16.15 -25.45 -15.57
CA THR A 206 -14.92 -25.91 -16.21
C THR A 206 -13.71 -25.75 -15.30
N HIS A 207 -12.58 -26.31 -15.72
CA HIS A 207 -11.29 -26.03 -15.09
C HIS A 207 -10.94 -24.58 -15.40
N GLU A 208 -9.87 -24.05 -14.80
CA GLU A 208 -9.39 -22.74 -15.24
C GLU A 208 -9.07 -22.76 -16.75
N PRO A 209 -9.13 -21.59 -17.41
CA PRO A 209 -8.96 -21.56 -18.88
C PRO A 209 -7.68 -22.22 -19.42
N LYS A 210 -6.57 -22.11 -18.69
CA LYS A 210 -5.33 -22.75 -19.13
C LYS A 210 -5.35 -24.27 -19.09
N ARG A 211 -6.31 -24.84 -18.37
CA ARG A 211 -6.32 -26.28 -18.16
C ARG A 211 -7.65 -26.95 -18.48
N VAL A 212 -8.46 -26.35 -19.34
CA VAL A 212 -9.75 -26.95 -19.69
C VAL A 212 -9.57 -28.30 -20.37
N THR A 213 -10.56 -29.17 -20.20
CA THR A 213 -10.54 -30.50 -20.74
C THR A 213 -11.66 -30.72 -21.76
N ASN A 214 -11.50 -31.74 -22.60
CA ASN A 214 -12.56 -32.14 -23.50
C ASN A 214 -13.85 -32.31 -22.72
N ASP A 215 -13.75 -33.06 -21.63
CA ASP A 215 -14.89 -33.41 -20.79
C ASP A 215 -15.64 -32.18 -20.28
N ASP A 216 -14.94 -31.15 -19.80
CA ASP A 216 -15.55 -29.86 -19.48
C ASP A 216 -16.55 -29.44 -20.56
N PHE A 217 -16.10 -29.46 -21.81
CA PHE A 217 -16.90 -28.98 -22.93
C PHE A 217 -17.94 -29.97 -23.43
N GLN A 218 -17.60 -31.26 -23.45
CA GLN A 218 -18.59 -32.29 -23.81
C GLN A 218 -19.81 -32.28 -22.86
N GLU A 219 -19.57 -32.00 -21.58
CA GLU A 219 -20.67 -31.86 -20.62
C GLU A 219 -21.59 -30.69 -20.95
N ILE A 220 -21.02 -29.55 -21.32
CA ILE A 220 -21.80 -28.40 -21.74
C ILE A 220 -22.58 -28.71 -22.99
N LYS A 221 -21.95 -29.49 -23.87
CA LYS A 221 -22.52 -29.78 -25.17
C LYS A 221 -23.81 -30.62 -25.08
N LYS A 222 -24.05 -31.24 -23.93
CA LYS A 222 -25.27 -32.02 -23.77
C LYS A 222 -26.54 -31.18 -23.70
N TYR A 223 -26.40 -29.89 -23.38
CA TYR A 223 -27.57 -29.00 -23.32
C TYR A 223 -27.38 -27.68 -24.08
N ALA A 224 -26.15 -27.34 -24.44
CA ALA A 224 -25.87 -26.03 -25.03
C ALA A 224 -25.11 -26.14 -26.34
N VAL A 225 -25.34 -25.19 -27.25
CA VAL A 225 -24.58 -25.14 -28.51
C VAL A 225 -23.32 -24.30 -28.41
N GLY A 226 -23.17 -23.55 -27.32
CA GLY A 226 -21.98 -22.74 -27.21
C GLY A 226 -21.69 -22.21 -25.83
N ILE A 227 -20.56 -21.52 -25.69
CA ILE A 227 -20.18 -20.90 -24.44
C ILE A 227 -19.98 -19.39 -24.59
N GLY A 228 -20.16 -18.68 -23.49
CA GLY A 228 -19.88 -17.26 -23.46
C GLY A 228 -19.02 -16.87 -22.28
N PRO A 229 -17.68 -16.92 -22.46
CA PRO A 229 -16.69 -16.60 -21.41
C PRO A 229 -16.35 -15.12 -21.33
N ASN A 230 -15.97 -14.63 -20.15
CA ASN A 230 -15.45 -13.27 -20.05
C ASN A 230 -14.03 -13.31 -20.58
N LEU A 231 -13.66 -12.30 -21.36
CA LEU A 231 -12.32 -12.26 -21.94
C LEU A 231 -11.30 -11.79 -20.91
N ARG A 232 -11.73 -10.85 -20.06
CA ARG A 232 -10.86 -10.21 -19.08
C ARG A 232 -11.46 -10.32 -17.68
N ASN A 233 -10.63 -10.17 -16.64
CA ASN A 233 -11.13 -10.11 -15.28
C ASN A 233 -11.48 -8.65 -14.94
N ASP A 234 -11.94 -8.42 -13.71
CA ASP A 234 -12.42 -7.08 -13.35
C ASP A 234 -11.31 -6.04 -13.31
N ASN A 235 -10.08 -6.50 -13.07
CA ASN A 235 -8.90 -5.67 -13.09
C ASN A 235 -8.57 -5.15 -14.50
N GLY A 236 -9.11 -5.82 -15.52
CA GLY A 236 -8.76 -5.53 -16.90
C GLY A 236 -7.79 -6.52 -17.51
N ASP A 237 -7.41 -7.54 -16.75
CA ASP A 237 -6.37 -8.49 -17.19
C ASP A 237 -6.99 -9.62 -18.02
N LEU A 238 -6.26 -10.02 -19.04
CA LEU A 238 -6.64 -11.14 -19.88
C LEU A 238 -6.77 -12.38 -19.03
N ILE A 239 -7.83 -13.16 -19.23
CA ILE A 239 -8.04 -14.35 -18.40
C ILE A 239 -8.34 -15.63 -19.21
N ILE A 240 -8.72 -15.49 -20.48
CA ILE A 240 -8.72 -16.66 -21.36
C ILE A 240 -7.57 -16.56 -22.36
N ASN A 241 -7.24 -17.66 -23.03
CA ASN A 241 -6.15 -17.64 -24.02
C ASN A 241 -6.54 -18.35 -25.32
N GLU A 242 -5.65 -18.35 -26.31
CA GLU A 242 -5.94 -18.95 -27.60
C GLU A 242 -6.18 -20.46 -27.48
N SER A 243 -5.33 -21.13 -26.73
CA SER A 243 -5.45 -22.54 -26.37
C SER A 243 -6.88 -22.98 -26.00
N TYR A 244 -7.52 -22.16 -25.16
CA TYR A 244 -8.86 -22.37 -24.64
C TYR A 244 -9.91 -22.29 -25.76
N MET A 245 -9.83 -21.27 -26.60
CA MET A 245 -10.68 -21.16 -27.79
C MET A 245 -10.51 -22.38 -28.73
N LYS A 246 -9.28 -22.81 -28.93
CA LYS A 246 -9.00 -23.95 -29.78
C LYS A 246 -9.69 -25.21 -29.25
N MET A 247 -9.66 -25.43 -27.93
CA MET A 247 -10.28 -26.60 -27.30
C MET A 247 -11.81 -26.56 -27.37
N ALA A 248 -12.40 -25.39 -27.21
CA ALA A 248 -13.85 -25.26 -27.31
C ALA A 248 -14.34 -25.50 -28.76
N ARG A 249 -13.63 -24.92 -29.73
CA ARG A 249 -13.96 -25.14 -31.14
C ARG A 249 -13.80 -26.59 -31.55
N GLN A 250 -12.82 -27.27 -31.00
CA GLN A 250 -12.56 -28.64 -31.41
C GLN A 250 -13.63 -29.57 -30.82
N ASN A 251 -14.33 -29.08 -29.79
CA ASN A 251 -15.49 -29.79 -29.26
C ASN A 251 -16.79 -29.31 -29.86
N GLY A 252 -16.72 -28.55 -30.95
CA GLY A 252 -17.92 -28.13 -31.63
C GLY A 252 -18.81 -27.12 -30.94
N LEU A 253 -18.24 -26.28 -30.10
CA LEU A 253 -19.02 -25.22 -29.47
C LEU A 253 -18.84 -23.88 -30.17
N LEU A 254 -19.93 -23.13 -30.27
CA LEU A 254 -19.82 -21.71 -30.58
C LEU A 254 -19.17 -20.99 -29.37
N ILE A 255 -18.49 -19.88 -29.63
CA ILE A 255 -17.88 -19.09 -28.55
C ILE A 255 -18.18 -17.60 -28.70
N HIS A 256 -18.81 -17.04 -27.68
CA HIS A 256 -19.24 -15.63 -27.66
C HIS A 256 -18.66 -14.88 -26.45
N PRO A 257 -17.43 -14.35 -26.56
CA PRO A 257 -16.90 -13.62 -25.40
C PRO A 257 -17.60 -12.30 -25.11
N TYR A 258 -17.52 -11.84 -23.87
CA TYR A 258 -18.07 -10.54 -23.46
C TYR A 258 -17.02 -9.89 -22.54
N THR A 259 -17.04 -8.58 -22.37
CA THR A 259 -17.79 -7.62 -23.18
C THR A 259 -16.73 -6.84 -23.96
N ILE A 260 -16.72 -6.96 -25.27
CA ILE A 260 -15.59 -6.49 -26.05
C ILE A 260 -15.88 -5.15 -26.71
N ASN A 261 -15.30 -4.08 -26.13
CA ASN A 261 -15.55 -2.74 -26.64
C ASN A 261 -14.36 -2.13 -27.39
N GLU A 262 -13.21 -2.81 -27.36
CA GLU A 262 -11.98 -2.25 -27.93
C GLU A 262 -11.58 -2.98 -29.21
N LYS A 263 -11.22 -2.20 -30.23
CA LYS A 263 -10.84 -2.77 -31.52
C LYS A 263 -9.69 -3.79 -31.45
N PRO A 264 -8.58 -3.46 -30.73
CA PRO A 264 -7.50 -4.46 -30.63
C PRO A 264 -7.94 -5.78 -29.98
N ASP A 265 -8.82 -5.74 -28.98
CA ASP A 265 -9.43 -6.94 -28.40
C ASP A 265 -10.37 -7.63 -29.40
N MET A 266 -11.06 -6.87 -30.24
CA MET A 266 -11.87 -7.44 -31.30
C MET A 266 -11.00 -8.19 -32.32
N ARG A 267 -9.88 -7.60 -32.69
CA ARG A 267 -9.01 -8.21 -33.69
C ARG A 267 -8.34 -9.48 -33.15
N LEU A 268 -8.01 -9.48 -31.87
CA LEU A 268 -7.41 -10.64 -31.22
C LEU A 268 -8.37 -11.84 -31.17
N LEU A 269 -9.63 -11.61 -30.79
CA LEU A 269 -10.60 -12.69 -30.71
C LEU A 269 -10.97 -13.25 -32.09
N MET A 270 -10.98 -12.41 -33.12
CA MET A 270 -11.15 -12.89 -34.50
C MET A 270 -10.09 -13.93 -34.79
N LYS A 271 -8.83 -13.52 -34.63
CA LYS A 271 -7.67 -14.38 -34.82
C LYS A 271 -7.72 -15.66 -33.96
N TRP A 272 -8.21 -15.55 -32.73
CA TRP A 272 -8.25 -16.73 -31.84
C TRP A 272 -9.40 -17.67 -32.17
N GLY A 273 -10.37 -17.19 -32.94
CA GLY A 273 -11.45 -18.05 -33.44
C GLY A 273 -12.80 -17.92 -32.75
N ALA A 274 -13.09 -16.77 -32.15
CA ALA A 274 -14.43 -16.53 -31.63
C ALA A 274 -15.43 -16.60 -32.79
N THR A 275 -16.67 -16.99 -32.50
CA THR A 275 -17.68 -17.07 -33.53
C THR A 275 -18.76 -16.00 -33.32
N GLY A 276 -18.57 -15.18 -32.29
CA GLY A 276 -19.45 -14.05 -32.02
C GLY A 276 -18.81 -13.24 -30.91
N MET A 277 -19.41 -12.11 -30.56
CA MET A 277 -18.90 -11.26 -29.47
C MET A 277 -20.04 -10.43 -28.90
N PHE A 278 -20.07 -10.28 -27.58
CA PHE A 278 -20.91 -9.24 -26.99
C PHE A 278 -20.16 -7.92 -27.03
N THR A 279 -20.80 -6.87 -27.53
CA THR A 279 -20.16 -5.55 -27.54
C THR A 279 -21.16 -4.44 -27.23
N ASN A 280 -20.69 -3.38 -26.59
CA ASN A 280 -21.53 -2.18 -26.43
C ASN A 280 -21.44 -1.27 -27.65
N TYR A 281 -20.61 -1.65 -28.62
CA TYR A 281 -20.36 -0.84 -29.83
C TYR A 281 -20.45 -1.67 -31.10
N PRO A 282 -21.67 -2.07 -31.48
CA PRO A 282 -21.86 -2.93 -32.66
C PRO A 282 -21.34 -2.25 -33.95
N ASP A 283 -21.30 -0.93 -33.98
CA ASP A 283 -20.70 -0.23 -35.11
C ASP A 283 -19.20 -0.49 -35.22
N ARG A 284 -18.48 -0.46 -34.10
CA ARG A 284 -17.05 -0.72 -34.11
C ARG A 284 -16.73 -2.12 -34.59
N LEU A 285 -17.52 -3.11 -34.15
CA LEU A 285 -17.29 -4.50 -34.51
C LEU A 285 -17.56 -4.73 -36.01
N HIS A 286 -18.64 -4.16 -36.49
CA HIS A 286 -18.95 -4.23 -37.91
C HIS A 286 -17.78 -3.68 -38.73
N THR A 287 -17.28 -2.52 -38.33
CA THR A 287 -16.10 -1.94 -38.97
C THR A 287 -14.89 -2.90 -38.96
N VAL A 288 -14.66 -3.56 -37.83
CA VAL A 288 -13.51 -4.45 -37.69
C VAL A 288 -13.69 -5.72 -38.53
N LEU A 289 -14.93 -6.19 -38.59
CA LEU A 289 -15.29 -7.29 -39.50
C LEU A 289 -15.07 -6.95 -40.97
N LYS A 290 -15.12 -5.67 -41.32
CA LYS A 290 -14.93 -5.29 -42.73
C LYS A 290 -13.46 -5.15 -43.15
N GLU A 291 -12.55 -5.00 -42.19
CA GLU A 291 -11.14 -4.81 -42.51
C GLU A 291 -10.59 -5.99 -43.30
N LYS B 13 15.58 -9.58 40.29
CA LYS B 13 16.53 -8.98 39.35
C LYS B 13 16.15 -7.54 39.01
N ASN B 14 15.05 -7.07 39.57
CA ASN B 14 14.52 -5.72 39.31
C ASN B 14 14.62 -4.79 40.51
N LYS B 15 15.62 -5.02 41.35
CA LYS B 15 15.87 -4.13 42.49
C LYS B 15 16.37 -2.77 42.00
N PHE B 16 15.93 -1.71 42.66
CA PHE B 16 16.26 -0.36 42.23
C PHE B 16 17.74 -0.06 42.39
N LEU B 17 18.31 0.60 41.39
CA LEU B 17 19.74 0.90 41.38
C LEU B 17 20.04 2.41 41.44
N ASN B 18 20.57 2.82 42.57
CA ASN B 18 21.03 4.19 42.79
C ASN B 18 22.45 4.32 42.23
N ILE B 19 22.57 4.92 41.06
CA ILE B 19 23.82 4.99 40.32
C ILE B 19 24.44 6.35 40.45
N ALA B 20 25.66 6.40 40.98
CA ALA B 20 26.36 7.68 41.24
C ALA B 20 27.11 8.18 40.01
N HIS B 21 26.51 9.17 39.34
CA HIS B 21 27.02 9.73 38.09
C HIS B 21 28.40 10.40 38.24
N ARG B 22 29.45 9.71 37.77
CA ARG B 22 30.83 10.18 37.90
C ARG B 22 31.18 10.42 39.35
N GLY B 23 30.70 9.53 40.23
CA GLY B 23 30.82 9.71 41.66
C GLY B 23 29.69 10.58 42.19
N ALA B 24 29.84 11.08 43.41
CA ALA B 24 28.89 12.07 43.93
C ALA B 24 29.26 13.44 43.36
N SER B 25 29.12 13.58 42.05
CA SER B 25 29.68 14.72 41.35
C SER B 25 28.95 16.03 41.65
N GLY B 26 27.75 15.94 42.22
CA GLY B 26 27.06 17.15 42.66
C GLY B 26 27.72 17.77 43.90
N HIS B 27 28.59 17.00 44.57
CA HIS B 27 29.22 17.43 45.82
C HIS B 27 30.72 17.70 45.68
N ALA B 28 31.36 17.02 44.73
CA ALA B 28 32.81 17.03 44.58
C ALA B 28 33.15 16.93 43.09
N PRO B 29 34.37 17.31 42.69
CA PRO B 29 34.71 17.24 41.27
C PRO B 29 34.57 15.83 40.71
N GLU B 30 33.82 15.71 39.62
CA GLU B 30 33.65 14.43 38.92
C GLU B 30 34.97 13.70 38.67
N HIS B 31 34.90 12.38 38.82
CA HIS B 31 36.01 11.48 38.53
C HIS B 31 37.28 11.90 39.25
N THR B 32 37.13 12.10 40.56
CA THR B 32 38.27 12.22 41.44
C THR B 32 37.96 11.34 42.63
N PHE B 33 38.97 11.02 43.42
CA PHE B 33 38.73 10.20 44.59
C PHE B 33 37.90 10.98 45.61
N ALA B 34 38.01 12.30 45.61
CA ALA B 34 37.17 13.13 46.48
C ALA B 34 35.70 12.84 46.18
N SER B 35 35.41 12.58 44.91
CA SER B 35 34.07 12.28 44.47
C SER B 35 33.67 10.83 44.76
N TYR B 36 34.59 9.89 44.55
CA TYR B 36 34.30 8.46 44.75
C TYR B 36 34.19 8.12 46.21
N ASP B 37 34.90 8.86 47.05
CA ASP B 37 34.96 8.54 48.47
C ASP B 37 33.62 8.80 49.16
N LEU B 38 32.76 9.60 48.53
CA LEU B 38 31.48 9.98 49.12
C LEU B 38 30.39 8.96 48.86
N VAL B 39 30.63 8.10 47.86
CA VAL B 39 29.60 7.27 47.24
C VAL B 39 29.03 6.19 48.16
N LYS B 40 29.91 5.51 48.87
CA LYS B 40 29.51 4.43 49.77
C LYS B 40 28.60 4.95 50.90
N LYS B 41 29.01 6.00 51.60
CA LYS B 41 28.22 6.51 52.72
C LYS B 41 26.94 7.23 52.27
N MET B 42 26.86 7.66 51.01
CA MET B 42 25.62 8.25 50.49
C MET B 42 24.64 7.19 50.00
N LYS B 43 25.07 5.93 50.03
CA LYS B 43 24.24 4.75 49.76
C LYS B 43 23.95 4.51 48.27
N ALA B 44 24.89 4.85 47.39
CA ALA B 44 24.75 4.47 45.99
C ALA B 44 25.00 2.97 45.85
N ASP B 45 24.37 2.35 44.85
CA ASP B 45 24.57 0.93 44.61
C ASP B 45 25.70 0.71 43.64
N TYR B 46 25.91 1.68 42.75
CA TYR B 46 26.93 1.59 41.73
C TYR B 46 27.70 2.88 41.62
N LEU B 47 28.98 2.75 41.32
CA LEU B 47 29.82 3.89 40.98
C LEU B 47 29.96 3.93 39.46
N GLU B 48 29.61 5.07 38.85
CA GLU B 48 29.60 5.18 37.39
C GLU B 48 30.87 5.82 36.85
N LEU B 49 31.54 5.13 35.92
CA LEU B 49 32.83 5.59 35.40
C LEU B 49 32.85 5.77 33.89
N ASP B 50 33.44 6.86 33.45
CA ASP B 50 33.72 7.06 32.03
C ASP B 50 35.21 6.80 31.82
N ILE B 51 35.57 6.02 30.80
CA ILE B 51 37.00 5.74 30.62
C ILE B 51 37.58 6.23 29.30
N GLN B 52 38.81 6.76 29.38
CA GLN B 52 39.62 7.12 28.21
C GLN B 52 40.89 6.28 28.24
N LEU B 53 41.73 6.42 27.22
CA LEU B 53 42.95 5.63 27.10
C LEU B 53 44.12 6.57 26.79
N THR B 54 45.17 6.53 27.60
CA THR B 54 46.31 7.41 27.36
C THR B 54 47.19 6.82 26.26
N LYS B 55 48.02 7.69 25.66
CA LYS B 55 48.89 7.31 24.56
C LYS B 55 49.72 6.08 24.88
N ASP B 56 50.20 5.98 26.11
CA ASP B 56 50.94 4.79 26.53
C ASP B 56 50.01 3.71 27.11
N GLY B 57 48.75 3.70 26.69
CA GLY B 57 47.86 2.55 26.88
C GLY B 57 47.25 2.29 28.24
N GLN B 58 47.03 3.35 29.02
CA GLN B 58 46.47 3.24 30.37
C GLN B 58 45.05 3.77 30.43
N LEU B 59 44.14 2.97 30.98
CA LEU B 59 42.75 3.40 31.13
C LEU B 59 42.61 4.38 32.30
N ILE B 60 41.94 5.50 32.06
CA ILE B 60 41.74 6.49 33.12
C ILE B 60 40.30 6.91 33.17
N ALA B 61 39.91 7.52 34.27
CA ALA B 61 38.52 7.95 34.45
C ALA B 61 38.37 9.43 34.14
N MET B 62 37.72 9.72 33.02
CA MET B 62 37.49 11.10 32.58
C MET B 62 36.35 11.08 31.57
N HIS B 63 35.45 12.06 31.63
CA HIS B 63 34.29 12.09 30.76
C HIS B 63 34.60 12.56 29.33
N ASP B 64 35.25 13.72 29.19
CA ASP B 64 35.60 14.28 27.87
C ASP B 64 36.85 13.61 27.33
N THR B 65 36.97 13.55 26.00
CA THR B 65 38.19 13.06 25.36
C THR B 65 39.37 14.04 25.52
N ALA B 66 39.06 15.33 25.70
CA ALA B 66 40.06 16.36 25.97
C ALA B 66 40.12 16.73 27.44
N VAL B 67 41.31 17.07 27.95
CA VAL B 67 41.45 17.42 29.36
C VAL B 67 41.01 18.85 29.73
N ASP B 68 40.53 19.61 28.74
CA ASP B 68 40.34 21.05 28.94
C ASP B 68 39.32 21.43 30.01
N ARG B 69 38.16 20.79 30.00
CA ARG B 69 37.05 21.24 30.84
C ARG B 69 37.30 21.00 32.32
N THR B 70 37.87 19.85 32.67
CA THR B 70 38.00 19.48 34.08
C THR B 70 39.45 19.45 34.57
N THR B 71 40.38 20.03 33.83
CA THR B 71 41.74 20.18 34.37
C THR B 71 42.31 21.57 34.03
N ASN B 72 43.55 21.79 34.43
CA ASN B 72 44.24 23.02 34.07
C ASN B 72 45.08 22.84 32.82
N GLY B 73 44.96 21.67 32.19
CA GLY B 73 45.72 21.38 30.99
C GLY B 73 44.95 21.57 29.70
N THR B 74 45.54 21.17 28.58
CA THR B 74 44.87 21.28 27.30
C THR B 74 45.27 20.12 26.37
N GLY B 75 44.36 19.71 25.49
CA GLY B 75 44.66 18.62 24.57
C GLY B 75 43.94 17.31 24.85
N GLU B 76 44.03 16.39 23.89
CA GLU B 76 43.35 15.11 23.97
C GLU B 76 44.12 14.12 24.83
N VAL B 77 43.37 13.33 25.59
CA VAL B 77 43.90 12.22 26.36
C VAL B 77 44.72 11.23 25.51
N ARG B 78 44.23 10.90 24.32
CA ARG B 78 44.91 9.94 23.46
C ARG B 78 46.29 10.42 23.02
N ASP B 79 46.57 11.72 23.20
CA ASP B 79 47.86 12.30 22.83
C ASP B 79 48.79 12.54 24.04
N LYS B 80 48.38 12.09 25.22
CA LYS B 80 49.20 12.32 26.42
C LYS B 80 49.59 11.02 27.10
N THR B 81 50.78 10.98 27.68
CA THR B 81 51.17 9.84 28.51
C THR B 81 50.51 9.95 29.88
N LEU B 82 50.45 8.83 30.59
CA LEU B 82 49.89 8.79 31.94
C LEU B 82 50.66 9.73 32.87
N SER B 83 51.99 9.70 32.76
CA SER B 83 52.84 10.59 33.55
C SER B 83 52.47 12.07 33.38
N GLU B 84 52.07 12.46 32.17
CA GLU B 84 51.63 13.82 31.87
C GLU B 84 50.24 14.13 32.43
N ILE B 85 49.29 13.22 32.24
CA ILE B 85 47.96 13.36 32.83
C ILE B 85 48.02 13.57 34.35
N LYS B 86 48.97 12.89 34.99
CA LYS B 86 49.08 12.89 36.45
C LYS B 86 49.57 14.20 37.06
N SER B 87 50.11 15.08 36.22
CA SER B 87 50.61 16.35 36.74
C SER B 87 49.54 17.43 36.69
N LEU B 88 48.37 17.08 36.16
CA LEU B 88 47.26 18.01 36.01
C LEU B 88 46.48 18.16 37.30
N ASP B 89 45.80 19.30 37.42
CA ASP B 89 44.91 19.58 38.53
C ASP B 89 43.48 19.30 38.07
N ALA B 90 42.87 18.23 38.58
CA ALA B 90 41.52 17.88 38.15
C ALA B 90 40.47 18.26 39.18
N GLY B 91 40.82 19.22 40.04
CA GLY B 91 39.93 19.65 41.12
C GLY B 91 39.55 21.13 41.18
N SER B 92 40.50 22.01 40.90
CA SER B 92 40.28 23.46 41.04
C SER B 92 39.13 23.96 40.18
N TRP B 93 38.98 23.40 38.99
CA TRP B 93 37.93 23.80 38.06
C TRP B 93 36.60 23.81 38.76
N PHE B 94 36.43 22.87 39.68
CA PHE B 94 35.19 22.70 40.42
C PHE B 94 34.95 23.87 41.36
N ASN B 95 35.97 24.26 42.14
CA ASN B 95 35.79 25.39 43.06
C ASN B 95 35.43 26.66 42.31
N LYS B 96 36.05 26.89 41.16
CA LYS B 96 35.76 28.04 40.33
C LYS B 96 34.35 28.00 39.76
N ALA B 97 33.92 26.81 39.34
CA ALA B 97 32.58 26.63 38.76
C ALA B 97 31.45 26.72 39.80
N TYR B 98 31.62 26.06 40.95
CA TYR B 98 30.59 26.07 42.00
C TYR B 98 31.16 26.56 43.33
N PRO B 99 31.38 27.87 43.45
CA PRO B 99 32.11 28.43 44.59
C PRO B 99 31.43 28.13 45.93
N GLU B 100 30.12 27.90 45.90
CA GLU B 100 29.37 27.58 47.11
C GLU B 100 29.57 26.13 47.54
N LYS B 101 30.05 25.27 46.64
CA LYS B 101 30.36 23.90 47.04
C LYS B 101 31.85 23.70 47.24
N ALA B 102 32.61 24.80 47.10
CA ALA B 102 34.07 24.74 47.10
C ALA B 102 34.68 24.18 48.37
N LYS B 103 35.75 23.41 48.20
CA LYS B 103 36.55 22.92 49.32
C LYS B 103 38.04 23.03 48.99
N GLN B 104 38.87 23.32 50.00
CA GLN B 104 40.29 23.49 49.77
C GLN B 104 40.97 22.18 49.38
N GLU B 105 40.48 21.07 49.94
CA GLU B 105 41.06 19.77 49.63
C GLU B 105 40.86 19.34 48.18
N TYR B 106 39.98 20.02 47.45
CA TYR B 106 39.73 19.67 46.05
C TYR B 106 40.86 20.16 45.16
N VAL B 107 41.57 21.21 45.60
CA VAL B 107 42.72 21.73 44.87
C VAL B 107 43.83 20.67 44.75
N GLY B 108 44.31 20.44 43.53
CA GLY B 108 45.33 19.44 43.31
C GLY B 108 44.85 17.99 43.22
N GLN B 109 43.53 17.77 43.17
CA GLN B 109 43.04 16.41 43.01
C GLN B 109 43.51 15.89 41.66
N LYS B 110 43.89 14.62 41.63
CA LYS B 110 44.45 14.02 40.43
C LYS B 110 43.50 13.08 39.69
N VAL B 111 43.69 12.98 38.39
CA VAL B 111 42.95 12.05 37.53
C VAL B 111 43.24 10.59 37.95
N PRO B 112 42.19 9.86 38.36
CA PRO B 112 42.35 8.46 38.76
C PRO B 112 42.56 7.55 37.55
N THR B 113 43.43 6.56 37.66
CA THR B 113 43.47 5.50 36.66
C THR B 113 42.45 4.47 37.08
N LEU B 114 41.98 3.68 36.13
CA LEU B 114 41.00 2.67 36.41
C LEU B 114 41.61 1.62 37.34
N GLU B 115 42.88 1.32 37.15
CA GLU B 115 43.52 0.37 38.03
C GLU B 115 43.62 0.87 39.49
N GLU B 116 43.87 2.17 39.68
CA GLU B 116 43.87 2.77 41.03
C GLU B 116 42.51 2.66 41.71
N ILE B 117 41.44 2.90 40.96
CA ILE B 117 40.08 2.79 41.50
C ILE B 117 39.80 1.36 41.98
N PHE B 118 40.11 0.37 41.15
CA PHE B 118 39.93 -1.01 41.52
C PHE B 118 40.80 -1.43 42.70
N GLN B 119 42.00 -0.84 42.81
CA GLN B 119 42.87 -1.19 43.91
C GLN B 119 42.32 -0.64 45.21
N LYS B 120 41.72 0.54 45.15
CA LYS B 120 41.24 1.16 46.37
C LYS B 120 39.93 0.53 46.87
N TYR B 121 39.01 0.19 45.97
CA TYR B 121 37.70 -0.31 46.38
C TYR B 121 37.46 -1.80 46.15
N GLY B 122 38.21 -2.41 45.23
CA GLY B 122 38.06 -3.83 44.95
C GLY B 122 36.62 -4.23 44.67
N ARG B 123 36.22 -5.41 45.17
CA ARG B 123 34.87 -5.92 44.95
C ARG B 123 33.89 -5.40 45.99
N SER B 124 34.34 -4.46 46.81
CA SER B 124 33.48 -3.90 47.85
C SER B 124 32.53 -2.86 47.23
N MET B 125 32.85 -2.41 46.03
CA MET B 125 32.04 -1.46 45.28
C MET B 125 31.53 -2.12 43.99
N LYS B 126 30.38 -1.69 43.47
CA LYS B 126 29.95 -2.12 42.14
C LYS B 126 30.21 -1.01 41.11
N TYR B 127 30.65 -1.42 39.92
CA TYR B 127 31.05 -0.45 38.89
C TYR B 127 30.17 -0.46 37.66
N TYR B 128 29.80 0.75 37.22
CA TYR B 128 28.96 0.95 36.06
C TYR B 128 29.82 1.68 35.02
N ILE B 129 30.45 0.92 34.13
CA ILE B 129 31.56 1.44 33.33
C ILE B 129 31.17 1.68 31.86
N GLU B 130 31.40 2.91 31.39
CA GLU B 130 31.07 3.29 30.02
C GLU B 130 32.21 3.10 29.02
N THR B 131 31.96 2.36 27.94
CA THR B 131 32.94 2.30 26.87
C THR B 131 32.59 3.20 25.71
N LYS B 132 33.60 3.45 24.87
CA LYS B 132 33.45 4.28 23.68
C LYS B 132 33.26 3.46 22.41
N SER B 133 33.01 4.13 21.30
CA SER B 133 32.87 3.45 20.03
C SER B 133 34.22 2.83 19.65
N PRO B 134 34.19 1.64 19.00
CA PRO B 134 35.42 0.88 18.76
C PRO B 134 36.40 1.59 17.81
N ASP B 135 35.99 2.72 17.24
CA ASP B 135 36.84 3.43 16.28
C ASP B 135 37.81 4.36 16.98
N VAL B 136 37.41 4.97 18.08
CA VAL B 136 38.26 5.99 18.69
C VAL B 136 39.42 5.38 19.50
N TYR B 137 39.14 4.31 20.27
CA TYR B 137 40.17 3.58 21.00
C TYR B 137 40.13 2.09 20.70
N PRO B 138 40.64 1.64 19.56
CA PRO B 138 40.53 0.19 19.33
C PRO B 138 41.19 -0.64 20.44
N GLY B 139 40.60 -1.79 20.73
CA GLY B 139 41.05 -2.65 21.79
C GLY B 139 40.63 -2.24 23.20
N MET B 140 39.90 -1.14 23.34
CA MET B 140 39.51 -0.66 24.67
C MET B 140 38.70 -1.73 25.41
N GLU B 141 37.79 -2.39 24.69
CA GLU B 141 36.95 -3.41 25.27
C GLU B 141 37.78 -4.54 25.85
N GLU B 142 38.72 -5.08 25.07
CA GLU B 142 39.59 -6.14 25.57
C GLU B 142 40.55 -5.68 26.68
N LYS B 143 41.10 -4.47 26.59
CA LYS B 143 41.93 -3.92 27.67
C LYS B 143 41.12 -3.81 28.95
N LEU B 144 39.86 -3.42 28.81
CA LEU B 144 38.95 -3.32 29.93
C LEU B 144 38.65 -4.68 30.58
N LEU B 145 38.29 -5.66 29.77
CA LEU B 145 37.97 -6.98 30.32
C LEU B 145 39.15 -7.62 31.04
N ALA B 146 40.37 -7.43 30.53
CA ALA B 146 41.57 -7.90 31.22
C ALA B 146 41.70 -7.30 32.64
N LEU B 147 41.52 -5.98 32.77
CA LEU B 147 41.53 -5.32 34.07
C LEU B 147 40.52 -5.93 35.03
N LEU B 148 39.28 -6.02 34.56
CA LEU B 148 38.18 -6.59 35.35
C LEU B 148 38.57 -7.99 35.82
N GLU B 149 39.19 -8.75 34.93
CA GLU B 149 39.56 -10.10 35.27
C GLU B 149 40.65 -10.10 36.35
N LYS B 150 41.57 -9.15 36.22
CA LYS B 150 42.70 -9.04 37.14
C LYS B 150 42.23 -8.78 38.57
N TYR B 151 41.11 -8.09 38.72
CA TYR B 151 40.68 -7.72 40.06
C TYR B 151 39.48 -8.51 40.51
N ASN B 152 39.20 -9.60 39.79
CA ASN B 152 38.09 -10.49 40.08
C ASN B 152 36.75 -9.75 40.19
N LEU B 153 36.48 -8.86 39.25
CA LEU B 153 35.23 -8.09 39.26
C LEU B 153 34.14 -8.73 38.38
N ILE B 154 34.54 -9.56 37.43
CA ILE B 154 33.59 -10.26 36.57
C ILE B 154 33.07 -11.49 37.28
N GLY B 155 31.76 -11.57 37.38
CA GLY B 155 31.13 -12.71 38.02
C GLY B 155 31.40 -14.05 37.37
N GLN B 156 31.33 -15.08 38.21
CA GLN B 156 31.24 -16.46 37.75
C GLN B 156 29.97 -16.57 36.88
N ASN B 157 28.95 -15.79 37.24
CA ASN B 157 27.77 -15.58 36.39
C ASN B 157 27.31 -14.11 36.42
N MET B 158 26.11 -13.84 35.89
CA MET B 158 25.59 -12.48 35.77
C MET B 158 25.06 -11.92 37.09
N SER B 159 24.89 -12.80 38.07
CA SER B 159 24.34 -12.45 39.38
C SER B 159 25.39 -11.94 40.37
N SER B 160 26.59 -12.53 40.33
CA SER B 160 27.65 -12.16 41.29
C SER B 160 28.68 -11.22 40.67
N SER B 161 28.25 -10.48 39.66
CA SER B 161 29.11 -9.54 38.99
C SER B 161 29.31 -8.29 39.85
N ARG B 162 30.48 -7.68 39.75
CA ARG B 162 30.69 -6.41 40.43
C ARG B 162 30.65 -5.25 39.43
N VAL B 163 30.38 -5.56 38.16
CA VAL B 163 30.39 -4.53 37.11
C VAL B 163 29.25 -4.62 36.07
N MET B 164 28.66 -3.48 35.73
CA MET B 164 27.83 -3.37 34.52
C MET B 164 28.60 -2.54 33.51
N ILE B 165 28.41 -2.84 32.23
CA ILE B 165 28.99 -2.02 31.17
C ILE B 165 27.89 -1.36 30.35
N GLN B 166 28.07 -0.08 30.06
CA GLN B 166 27.10 0.73 29.37
C GLN B 166 27.80 1.37 28.17
N SER B 167 27.06 1.60 27.09
CA SER B 167 27.62 2.31 25.94
C SER B 167 26.51 2.86 25.04
N PHE B 168 26.80 3.96 24.37
CA PHE B 168 25.94 4.44 23.29
C PHE B 168 26.17 3.60 22.05
N SER B 169 27.33 2.94 22.00
CA SER B 169 27.71 2.15 20.82
C SER B 169 27.20 0.71 20.89
N LYS B 170 26.28 0.39 20.00
CA LYS B 170 25.73 -0.95 19.87
C LYS B 170 26.81 -1.96 19.52
N ASP B 171 27.82 -1.52 18.77
CA ASP B 171 28.86 -2.42 18.30
C ASP B 171 29.82 -2.79 19.43
N SER B 172 30.13 -1.82 20.27
CA SER B 172 30.95 -2.06 21.43
C SER B 172 30.29 -3.10 22.34
N LEU B 173 28.98 -2.96 22.59
CA LEU B 173 28.26 -3.92 23.42
C LEU B 173 28.12 -5.33 22.77
N LYS B 174 27.93 -5.42 21.46
CA LYS B 174 27.85 -6.75 20.88
C LYS B 174 29.23 -7.41 20.93
N LYS B 175 30.27 -6.59 20.83
CA LYS B 175 31.62 -7.13 20.90
C LYS B 175 31.86 -7.79 22.26
N ILE B 176 31.56 -7.06 23.33
CA ILE B 176 31.74 -7.57 24.68
C ILE B 176 30.84 -8.78 24.93
N HIS B 177 29.62 -8.70 24.45
CA HIS B 177 28.67 -9.76 24.69
C HIS B 177 29.15 -11.10 24.11
N SER B 178 29.78 -11.08 22.95
CA SER B 178 30.23 -12.33 22.35
C SER B 178 31.59 -12.78 22.90
N ILE B 179 32.23 -11.96 23.72
CA ILE B 179 33.43 -12.41 24.42
C ILE B 179 33.03 -13.02 25.75
N ASN B 180 32.15 -12.31 26.46
CA ASN B 180 31.81 -12.68 27.81
C ASN B 180 30.35 -12.38 28.08
N LYS B 181 29.53 -13.43 28.11
CA LYS B 181 28.08 -13.26 28.33
C LYS B 181 27.67 -13.05 29.80
N ASN B 182 28.61 -13.17 30.72
CA ASN B 182 28.30 -13.02 32.15
C ASN B 182 28.29 -11.58 32.64
N ILE B 183 28.65 -10.64 31.77
CA ILE B 183 28.62 -9.22 32.13
C ILE B 183 27.33 -8.59 31.63
N PRO B 184 26.53 -8.05 32.56
CA PRO B 184 25.30 -7.32 32.19
C PRO B 184 25.63 -6.05 31.40
N LEU B 185 24.99 -5.87 30.24
CA LEU B 185 25.23 -4.71 29.41
C LEU B 185 24.01 -3.81 29.36
N VAL B 186 24.25 -2.50 29.25
CA VAL B 186 23.18 -1.52 29.20
C VAL B 186 23.37 -0.61 28.01
N GLN B 187 22.38 -0.60 27.11
CA GLN B 187 22.39 0.21 25.90
C GLN B 187 21.95 1.64 26.21
N LEU B 188 22.86 2.59 26.06
CA LEU B 188 22.48 3.98 26.26
C LEU B 188 21.80 4.53 25.02
N LEU B 189 20.83 5.41 25.22
CA LEU B 189 20.13 6.05 24.14
C LEU B 189 20.15 7.56 24.34
N TRP B 190 20.24 8.31 23.25
CA TRP B 190 20.14 9.75 23.29
C TRP B 190 19.11 10.21 22.26
N TYR B 191 18.01 10.79 22.73
CA TYR B 191 16.98 11.36 21.87
C TYR B 191 17.13 12.87 21.78
N TYR B 192 16.99 13.38 20.56
CA TYR B 192 17.15 14.80 20.32
C TYR B 192 16.36 15.22 19.08
N PRO B 193 15.84 16.45 19.08
CA PRO B 193 15.22 17.03 17.89
C PRO B 193 16.28 17.35 16.84
N ASN B 194 16.17 16.79 15.65
CA ASN B 194 17.11 17.13 14.59
C ASN B 194 16.74 18.48 13.95
N GLU B 195 17.33 18.78 12.80
CA GLU B 195 17.15 20.08 12.15
C GLU B 195 15.77 20.27 11.49
N ASN B 196 15.00 19.19 11.32
CA ASN B 196 13.62 19.29 10.84
C ASN B 196 12.64 19.24 12.00
N ASN B 197 13.18 19.40 13.20
CA ASN B 197 12.43 19.24 14.44
C ASN B 197 11.81 17.84 14.64
N GLU B 198 12.31 16.84 13.91
CA GLU B 198 11.99 15.44 14.19
C GLU B 198 12.85 14.94 15.32
N ILE B 199 12.24 14.27 16.29
CA ILE B 199 13.00 13.63 17.32
C ILE B 199 13.59 12.33 16.79
N VAL B 200 14.87 12.11 17.03
CA VAL B 200 15.51 10.87 16.59
C VAL B 200 16.43 10.35 17.69
N GLU B 201 16.81 9.08 17.57
CA GLU B 201 17.82 8.51 18.46
C GLU B 201 19.17 8.70 17.80
N TRP B 202 20.14 9.13 18.59
CA TRP B 202 21.53 9.32 18.18
C TRP B 202 22.04 8.33 17.12
N SER B 203 21.93 7.02 17.36
CA SER B 203 22.45 6.06 16.39
C SER B 203 21.39 5.18 15.73
N GLY B 204 20.14 5.65 15.74
CA GLY B 204 19.04 4.95 15.09
C GLY B 204 18.60 3.62 15.71
N ILE B 205 18.90 3.45 16.99
CA ILE B 205 18.72 2.17 17.65
C ILE B 205 17.23 1.92 17.97
N THR B 206 16.45 3.00 18.08
CA THR B 206 14.99 2.89 18.21
C THR B 206 14.31 3.94 17.34
N HIS B 207 12.98 3.85 17.26
CA HIS B 207 12.17 4.98 16.80
C HIS B 207 12.20 6.08 17.86
N GLU B 208 11.62 7.23 17.52
CA GLU B 208 11.43 8.27 18.50
C GLU B 208 10.54 7.70 19.62
N PRO B 209 10.66 8.24 20.84
CA PRO B 209 9.99 7.62 21.99
C PRO B 209 8.47 7.37 21.80
N LYS B 210 7.79 8.23 21.07
CA LYS B 210 6.35 8.06 20.89
C LYS B 210 6.00 6.97 19.87
N ARG B 211 6.99 6.42 19.20
CA ARG B 211 6.70 5.48 18.13
C ARG B 211 7.45 4.17 18.28
N VAL B 212 8.07 3.92 19.45
CA VAL B 212 8.86 2.71 19.61
C VAL B 212 8.04 1.45 19.40
N THR B 213 8.72 0.37 19.08
CA THR B 213 8.08 -0.91 18.83
C THR B 213 8.67 -1.97 19.73
N ASN B 214 7.99 -3.10 19.85
CA ASN B 214 8.55 -4.22 20.60
C ASN B 214 9.84 -4.75 19.99
N ASP B 215 9.90 -4.78 18.66
CA ASP B 215 11.12 -5.16 17.98
C ASP B 215 12.32 -4.28 18.37
N ASP B 216 12.12 -2.96 18.53
CA ASP B 216 13.25 -2.10 18.93
C ASP B 216 13.90 -2.63 20.21
N PHE B 217 13.04 -3.08 21.12
CA PHE B 217 13.48 -3.48 22.43
C PHE B 217 13.98 -4.88 22.42
N GLN B 218 13.30 -5.77 21.71
CA GLN B 218 13.78 -7.14 21.57
C GLN B 218 15.14 -7.20 20.87
N GLU B 219 15.40 -6.29 19.94
CA GLU B 219 16.73 -6.20 19.32
C GLU B 219 17.82 -5.90 20.36
N ILE B 220 17.56 -4.93 21.23
CA ILE B 220 18.45 -4.60 22.32
C ILE B 220 18.63 -5.78 23.29
N LYS B 221 17.53 -6.46 23.58
CA LYS B 221 17.50 -7.58 24.54
C LYS B 221 18.43 -8.73 24.18
N LYS B 222 18.87 -8.79 22.92
CA LYS B 222 19.78 -9.86 22.48
C LYS B 222 21.21 -9.70 22.99
N TYR B 223 21.60 -8.48 23.38
CA TYR B 223 22.94 -8.29 23.92
C TYR B 223 22.90 -7.50 25.23
N ALA B 224 21.83 -6.75 25.48
CA ALA B 224 21.74 -5.94 26.70
C ALA B 224 20.62 -6.37 27.66
N VAL B 225 20.75 -6.04 28.95
CA VAL B 225 19.70 -6.33 29.93
C VAL B 225 18.86 -5.09 30.21
N GLY B 226 19.30 -3.94 29.72
CA GLY B 226 18.59 -2.71 29.95
C GLY B 226 18.95 -1.58 29.02
N ILE B 227 18.24 -0.47 29.16
CA ILE B 227 18.50 0.73 28.39
C ILE B 227 18.76 1.91 29.33
N GLY B 228 19.49 2.90 28.83
CA GLY B 228 19.69 4.13 29.57
C GLY B 228 19.37 5.30 28.68
N PRO B 229 18.11 5.70 28.64
CA PRO B 229 17.58 6.84 27.87
C PRO B 229 17.74 8.17 28.59
N ASN B 230 17.73 9.29 27.87
CA ASN B 230 17.67 10.59 28.54
C ASN B 230 16.23 11.01 28.80
N LEU B 231 15.96 11.48 30.00
CA LEU B 231 14.63 11.95 30.36
C LEU B 231 14.26 13.24 29.64
N ARG B 232 15.22 14.16 29.54
CA ARG B 232 14.95 15.49 29.00
C ARG B 232 15.91 15.85 27.86
N ASN B 233 15.54 16.84 27.08
CA ASN B 233 16.41 17.29 26.02
C ASN B 233 17.28 18.42 26.59
N ASP B 234 18.12 19.03 25.76
CA ASP B 234 19.05 20.04 26.26
C ASP B 234 18.35 21.31 26.77
N ASN B 235 17.18 21.63 26.23
CA ASN B 235 16.37 22.74 26.75
C ASN B 235 15.65 22.47 28.07
N GLY B 236 15.66 21.23 28.55
CA GLY B 236 14.99 20.89 29.78
C GLY B 236 13.58 20.33 29.65
N ASP B 237 13.15 20.04 28.42
CA ASP B 237 11.82 19.49 28.17
C ASP B 237 11.80 17.96 28.22
N LEU B 238 10.73 17.37 28.73
CA LEU B 238 10.56 15.90 28.68
C LEU B 238 10.65 15.43 27.25
N ILE B 239 11.32 14.31 27.03
CA ILE B 239 11.46 13.79 25.69
C ILE B 239 11.07 12.30 25.63
N ILE B 240 10.89 11.66 26.79
CA ILE B 240 10.27 10.33 26.87
C ILE B 240 8.97 10.44 27.66
N ASN B 241 8.18 9.36 27.72
CA ASN B 241 6.85 9.39 28.37
C ASN B 241 6.57 8.08 29.09
N GLU B 242 5.45 7.99 29.81
CA GLU B 242 5.17 6.77 30.56
C GLU B 242 4.91 5.56 29.62
N SER B 243 4.31 5.79 28.47
CA SER B 243 4.08 4.71 27.49
C SER B 243 5.40 4.09 27.00
N TYR B 244 6.38 4.95 26.76
CA TYR B 244 7.73 4.56 26.43
C TYR B 244 8.30 3.60 27.48
N MET B 245 8.27 4.01 28.76
CA MET B 245 8.75 3.16 29.88
C MET B 245 8.02 1.82 29.97
N LYS B 246 6.70 1.84 29.79
CA LYS B 246 5.87 0.65 29.82
C LYS B 246 6.26 -0.38 28.75
N MET B 247 6.50 0.13 27.53
N MET B 247 6.53 0.11 27.54
CA MET B 247 6.93 -0.73 26.43
CA MET B 247 6.88 -0.79 26.44
C MET B 247 8.23 -1.41 26.77
C MET B 247 8.28 -1.38 26.63
N ALA B 248 9.18 -0.62 27.24
CA ALA B 248 10.50 -1.16 27.59
C ALA B 248 10.35 -2.26 28.68
N ARG B 249 9.63 -1.94 29.75
CA ARG B 249 9.38 -2.92 30.82
C ARG B 249 8.69 -4.18 30.31
N GLN B 250 7.68 -4.03 29.45
CA GLN B 250 6.97 -5.23 28.97
C GLN B 250 7.83 -6.13 28.08
N ASN B 251 8.94 -5.61 27.55
CA ASN B 251 9.91 -6.46 26.87
C ASN B 251 11.05 -6.92 27.79
N GLY B 252 10.93 -6.65 29.09
CA GLY B 252 11.81 -7.23 30.09
C GLY B 252 13.15 -6.55 30.26
N LEU B 253 13.22 -5.29 29.85
CA LEU B 253 14.42 -4.50 29.94
C LEU B 253 14.48 -3.75 31.26
N LEU B 254 15.66 -3.66 31.86
CA LEU B 254 15.86 -2.72 32.95
C LEU B 254 15.91 -1.31 32.36
N ILE B 255 15.55 -0.29 33.13
CA ILE B 255 15.58 1.10 32.64
C ILE B 255 16.24 2.07 33.61
N HIS B 256 17.33 2.68 33.17
CA HIS B 256 18.12 3.62 33.97
C HIS B 256 18.24 4.99 33.29
N PRO B 257 17.26 5.87 33.51
CA PRO B 257 17.33 7.20 32.88
C PRO B 257 18.46 8.07 33.46
N TYR B 258 18.90 9.08 32.70
CA TYR B 258 19.95 10.00 33.14
C TYR B 258 19.57 11.37 32.63
N THR B 259 20.17 12.45 33.17
CA THR B 259 20.75 12.47 34.52
C THR B 259 19.74 13.15 35.45
N ILE B 260 19.39 12.48 36.54
CA ILE B 260 18.26 12.93 37.35
C ILE B 260 18.70 13.51 38.69
N ASN B 261 18.63 14.82 38.81
CA ASN B 261 19.12 15.49 40.02
C ASN B 261 18.02 16.17 40.82
N GLU B 262 16.83 16.32 40.24
CA GLU B 262 15.71 16.95 40.92
C GLU B 262 14.76 15.90 41.50
N LYS B 263 14.30 16.13 42.71
CA LYS B 263 13.42 15.18 43.39
C LYS B 263 12.07 14.95 42.69
N PRO B 264 11.44 16.01 42.15
CA PRO B 264 10.20 15.70 41.43
C PRO B 264 10.39 14.77 40.21
N ASP B 265 11.55 14.82 39.56
CA ASP B 265 11.84 13.88 38.51
C ASP B 265 12.13 12.48 39.03
N MET B 266 12.82 12.40 40.17
CA MET B 266 13.11 11.10 40.79
C MET B 266 11.78 10.39 41.11
N ARG B 267 10.84 11.11 41.73
CA ARG B 267 9.53 10.57 42.07
C ARG B 267 8.71 10.17 40.84
N LEU B 268 8.71 11.02 39.82
CA LEU B 268 8.03 10.75 38.57
C LEU B 268 8.49 9.44 37.91
N LEU B 269 9.80 9.23 37.82
CA LEU B 269 10.37 8.03 37.21
C LEU B 269 10.07 6.76 38.01
N MET B 270 10.04 6.88 39.35
CA MET B 270 9.59 5.78 40.19
C MET B 270 8.20 5.36 39.75
N LYS B 271 7.29 6.33 39.66
CA LYS B 271 5.91 6.12 39.29
C LYS B 271 5.77 5.52 37.88
N TRP B 272 6.70 5.84 36.99
CA TRP B 272 6.66 5.37 35.61
C TRP B 272 7.36 4.02 35.41
N GLY B 273 8.02 3.51 36.44
CA GLY B 273 8.64 2.20 36.36
C GLY B 273 10.14 2.11 36.07
N ALA B 274 10.88 3.21 36.20
CA ALA B 274 12.34 3.12 36.17
C ALA B 274 12.84 2.14 37.23
N THR B 275 13.86 1.38 36.89
CA THR B 275 14.40 0.39 37.83
C THR B 275 15.75 0.87 38.33
N GLY B 276 16.06 2.13 38.07
CA GLY B 276 17.35 2.69 38.42
C GLY B 276 17.46 4.10 37.91
N MET B 277 18.52 4.80 38.28
CA MET B 277 18.69 6.22 37.94
C MET B 277 20.16 6.60 37.99
N PHE B 278 20.61 7.37 37.01
CA PHE B 278 21.90 8.04 37.07
C PHE B 278 21.65 9.35 37.76
N THR B 279 22.38 9.64 38.83
CA THR B 279 22.22 10.91 39.56
C THR B 279 23.57 11.45 40.02
N ASN B 280 23.70 12.76 40.05
CA ASN B 280 24.87 13.42 40.64
C ASN B 280 24.70 13.52 42.13
N TYR B 281 23.49 13.23 42.63
CA TYR B 281 23.19 13.37 44.06
C TYR B 281 22.62 12.10 44.67
N PRO B 282 23.46 11.07 44.84
CA PRO B 282 23.03 9.77 45.39
C PRO B 282 22.29 9.90 46.72
N ASP B 283 22.70 10.87 47.55
CA ASP B 283 22.04 11.19 48.82
C ASP B 283 20.58 11.59 48.62
N ARG B 284 20.32 12.46 47.65
CA ARG B 284 18.97 12.89 47.33
C ARG B 284 18.10 11.72 46.91
N LEU B 285 18.67 10.87 46.09
CA LEU B 285 17.95 9.72 45.61
C LEU B 285 17.67 8.76 46.77
N HIS B 286 18.60 8.63 47.69
CA HIS B 286 18.37 7.77 48.84
C HIS B 286 17.19 8.28 49.67
N THR B 287 17.19 9.58 49.94
CA THR B 287 16.13 10.23 50.68
C THR B 287 14.77 9.98 50.03
N VAL B 288 14.71 10.09 48.71
CA VAL B 288 13.46 9.90 48.00
C VAL B 288 13.00 8.44 48.05
N LEU B 289 13.92 7.49 48.09
CA LEU B 289 13.53 6.08 48.25
C LEU B 289 12.97 5.76 49.64
N LYS B 290 13.26 6.62 50.62
CA LYS B 290 12.77 6.46 51.98
C LYS B 290 11.39 7.13 52.18
N GLU B 291 10.54 7.10 51.15
CA GLU B 291 9.24 7.78 51.24
C GLU B 291 8.11 6.77 51.02
N ASN C 12 -5.41 -46.85 -37.59
CA ASN C 12 -5.37 -45.64 -38.39
C ASN C 12 -4.14 -44.79 -38.08
N LYS C 13 -4.37 -43.50 -37.87
CA LYS C 13 -3.32 -42.56 -37.49
C LYS C 13 -2.72 -42.91 -36.13
N ASN C 14 -3.59 -43.34 -35.22
CA ASN C 14 -3.17 -43.72 -33.86
C ASN C 14 -3.06 -45.24 -33.64
N LYS C 15 -2.62 -45.98 -34.65
CA LYS C 15 -2.34 -47.40 -34.44
C LYS C 15 -1.28 -47.55 -33.33
N PHE C 16 -1.41 -48.60 -32.52
CA PHE C 16 -0.49 -48.79 -31.41
C PHE C 16 0.89 -49.22 -31.89
N LEU C 17 1.95 -48.57 -31.38
CA LEU C 17 3.32 -48.92 -31.76
C LEU C 17 4.09 -49.65 -30.65
N ASN C 18 4.49 -50.87 -30.98
CA ASN C 18 5.34 -51.69 -30.15
C ASN C 18 6.80 -51.37 -30.48
N ILE C 19 7.42 -50.53 -29.66
CA ILE C 19 8.77 -50.03 -29.91
C ILE C 19 9.84 -50.82 -29.14
N ALA C 20 10.71 -51.51 -29.88
CA ALA C 20 11.74 -52.34 -29.28
C ALA C 20 12.90 -51.49 -28.78
N HIS C 21 12.98 -51.32 -27.46
CA HIS C 21 13.91 -50.37 -26.84
C HIS C 21 15.35 -50.90 -26.91
N ARG C 22 16.18 -50.28 -27.73
CA ARG C 22 17.55 -50.74 -28.02
C ARG C 22 17.55 -52.18 -28.56
N GLY C 23 16.47 -52.54 -29.25
CA GLY C 23 16.27 -53.90 -29.72
C GLY C 23 15.53 -54.72 -28.69
N ALA C 24 15.60 -56.04 -28.81
CA ALA C 24 15.04 -56.90 -27.79
C ALA C 24 16.06 -57.00 -26.64
N SER C 25 16.28 -55.87 -25.97
CA SER C 25 17.40 -55.72 -25.05
C SER C 25 17.17 -56.41 -23.70
N GLY C 26 15.95 -56.86 -23.46
CA GLY C 26 15.70 -57.72 -22.33
C GLY C 26 16.13 -59.15 -22.60
N HIS C 27 16.38 -59.50 -23.87
CA HIS C 27 16.76 -60.87 -24.23
C HIS C 27 18.22 -61.01 -24.67
N ALA C 28 18.77 -59.93 -25.18
CA ALA C 28 20.11 -59.94 -25.74
C ALA C 28 20.75 -58.56 -25.48
N PRO C 29 22.09 -58.47 -25.54
CA PRO C 29 22.74 -57.19 -25.21
C PRO C 29 22.30 -56.03 -26.10
N GLU C 30 21.97 -54.89 -25.49
CA GLU C 30 21.47 -53.74 -26.22
C GLU C 30 22.39 -53.30 -27.36
N HIS C 31 21.78 -52.81 -28.44
CA HIS C 31 22.49 -52.25 -29.59
C HIS C 31 23.60 -53.16 -30.13
N THR C 32 23.24 -54.41 -30.36
CA THR C 32 24.09 -55.36 -31.08
C THR C 32 23.18 -56.04 -32.09
N PHE C 33 23.75 -56.70 -33.07
CA PHE C 33 22.88 -57.38 -34.00
C PHE C 33 22.19 -58.58 -33.37
N ALA C 34 22.74 -59.10 -32.27
CA ALA C 34 22.08 -60.20 -31.57
C ALA C 34 20.78 -59.69 -30.96
N SER C 35 20.74 -58.42 -30.62
CA SER C 35 19.54 -57.78 -30.09
C SER C 35 18.55 -57.43 -31.23
N TYR C 36 19.07 -56.86 -32.32
CA TYR C 36 18.27 -56.42 -33.45
C TYR C 36 17.62 -57.58 -34.23
N ASP C 37 18.31 -58.72 -34.28
CA ASP C 37 17.86 -59.85 -35.07
C ASP C 37 16.60 -60.50 -34.52
N LEU C 38 16.32 -60.28 -33.23
CA LEU C 38 15.14 -60.87 -32.58
C LEU C 38 13.83 -60.13 -32.86
N VAL C 39 13.94 -58.89 -33.31
CA VAL C 39 12.87 -57.93 -33.21
C VAL C 39 11.72 -58.16 -34.19
N LYS C 40 12.06 -58.55 -35.41
CA LYS C 40 11.06 -58.85 -36.42
C LYS C 40 10.20 -60.03 -35.96
N LYS C 41 10.83 -61.06 -35.42
CA LYS C 41 10.10 -62.26 -34.97
C LYS C 41 9.21 -61.99 -33.76
N MET C 42 9.66 -61.09 -32.89
CA MET C 42 8.91 -60.72 -31.70
C MET C 42 7.80 -59.71 -32.02
N LYS C 43 7.65 -59.36 -33.29
CA LYS C 43 6.56 -58.52 -33.79
C LYS C 43 6.59 -57.04 -33.34
N ALA C 44 7.76 -56.50 -33.09
CA ALA C 44 7.89 -55.08 -32.85
C ALA C 44 7.58 -54.26 -34.11
N ASP C 45 7.01 -53.08 -33.92
CA ASP C 45 6.73 -52.21 -35.05
C ASP C 45 7.93 -51.36 -35.40
N TYR C 46 8.79 -51.09 -34.41
CA TYR C 46 9.93 -50.21 -34.61
C TYR C 46 11.18 -50.69 -33.91
N LEU C 47 12.32 -50.41 -34.50
CA LEU C 47 13.61 -50.63 -33.85
C LEU C 47 14.12 -49.30 -33.34
N GLU C 48 14.29 -49.19 -32.02
CA GLU C 48 14.75 -47.93 -31.44
C GLU C 48 16.29 -47.88 -31.37
N LEU C 49 16.86 -46.76 -31.85
CA LEU C 49 18.30 -46.58 -31.94
C LEU C 49 18.77 -45.30 -31.28
N ASP C 50 19.79 -45.42 -30.42
CA ASP C 50 20.49 -44.26 -29.87
C ASP C 50 21.74 -44.09 -30.70
N ILE C 51 22.10 -42.87 -31.08
CA ILE C 51 23.32 -42.76 -31.89
C ILE C 51 24.37 -41.82 -31.30
N GLN C 52 25.63 -42.24 -31.47
CA GLN C 52 26.77 -41.44 -31.07
C GLN C 52 27.60 -41.17 -32.32
N LEU C 53 28.50 -40.20 -32.23
CA LEU C 53 29.35 -39.86 -33.36
C LEU C 53 30.83 -40.06 -33.00
N THR C 54 31.52 -40.88 -33.80
CA THR C 54 32.93 -41.13 -33.61
C THR C 54 33.80 -39.93 -33.98
N LYS C 55 35.04 -39.96 -33.51
CA LYS C 55 36.04 -38.94 -33.78
C LYS C 55 36.27 -38.72 -35.28
N ASP C 56 36.14 -39.77 -36.09
CA ASP C 56 36.32 -39.64 -37.54
C ASP C 56 34.99 -39.62 -38.30
N GLY C 57 33.91 -39.19 -37.63
CA GLY C 57 32.68 -38.84 -38.32
C GLY C 57 31.66 -39.91 -38.64
N GLN C 58 31.73 -41.05 -37.97
CA GLN C 58 30.80 -42.14 -38.22
C GLN C 58 29.73 -42.25 -37.12
N LEU C 59 28.49 -42.48 -37.53
CA LEU C 59 27.37 -42.63 -36.61
C LEU C 59 27.30 -44.08 -36.18
N ILE C 60 27.33 -44.32 -34.87
CA ILE C 60 27.23 -45.69 -34.34
C ILE C 60 26.07 -45.79 -33.36
N ALA C 61 25.64 -47.01 -33.08
CA ALA C 61 24.56 -47.22 -32.15
C ALA C 61 25.09 -47.57 -30.74
N MET C 62 24.84 -46.66 -29.80
CA MET C 62 25.25 -46.85 -28.40
C MET C 62 24.50 -45.83 -27.58
N HIS C 63 24.06 -46.23 -26.37
CA HIS C 63 23.21 -45.38 -25.56
C HIS C 63 23.98 -44.31 -24.82
N ASP C 64 25.06 -44.68 -24.15
CA ASP C 64 25.88 -43.75 -23.37
C ASP C 64 26.94 -43.12 -24.25
N THR C 65 27.34 -41.89 -23.92
CA THR C 65 28.43 -41.22 -24.64
C THR C 65 29.80 -41.86 -24.37
N ALA C 66 29.93 -42.59 -23.25
CA ALA C 66 31.16 -43.30 -22.92
C ALA C 66 30.98 -44.81 -23.11
N VAL C 67 32.05 -45.51 -23.45
CA VAL C 67 31.90 -46.92 -23.81
C VAL C 67 31.87 -47.84 -22.60
N ASP C 68 32.08 -47.29 -21.41
CA ASP C 68 32.41 -48.13 -20.25
C ASP C 68 31.35 -49.17 -19.87
N ARG C 69 30.09 -48.77 -19.78
CA ARG C 69 29.05 -49.69 -19.30
C ARG C 69 28.88 -50.93 -20.16
N THR C 70 28.91 -50.77 -21.48
CA THR C 70 28.52 -51.87 -22.37
C THR C 70 29.67 -52.46 -23.18
N THR C 71 30.92 -52.12 -22.84
CA THR C 71 32.06 -52.75 -23.49
C THR C 71 33.17 -53.04 -22.47
N ASN C 72 34.28 -53.57 -22.98
CA ASN C 72 35.47 -53.82 -22.17
C ASN C 72 36.50 -52.70 -22.30
N GLY C 73 36.11 -51.60 -22.94
CA GLY C 73 36.99 -50.45 -23.08
C GLY C 73 36.60 -49.29 -22.19
N THR C 74 37.23 -48.14 -22.40
CA THR C 74 36.96 -46.97 -21.57
C THR C 74 37.17 -45.70 -22.37
N GLY C 75 36.46 -44.64 -22.00
CA GLY C 75 36.58 -43.37 -22.69
C GLY C 75 35.35 -42.95 -23.48
N GLU C 76 35.37 -41.72 -23.97
CA GLU C 76 34.23 -41.17 -24.71
C GLU C 76 34.23 -41.58 -26.17
N VAL C 77 33.04 -41.75 -26.73
CA VAL C 77 32.88 -42.17 -28.11
C VAL C 77 33.44 -41.09 -29.03
N ARG C 78 33.29 -39.83 -28.64
CA ARG C 78 33.70 -38.72 -29.50
C ARG C 78 35.21 -38.64 -29.65
N ASP C 79 35.92 -39.37 -28.79
CA ASP C 79 37.38 -39.38 -28.78
C ASP C 79 37.96 -40.68 -29.34
N LYS C 80 37.11 -41.48 -29.96
CA LYS C 80 37.57 -42.73 -30.56
C LYS C 80 37.22 -42.82 -32.05
N THR C 81 38.13 -43.38 -32.84
CA THR C 81 37.84 -43.65 -34.25
C THR C 81 36.98 -44.90 -34.34
N LEU C 82 36.31 -45.09 -35.47
CA LEU C 82 35.47 -46.27 -35.65
C LEU C 82 36.29 -47.55 -35.52
N SER C 83 37.53 -47.50 -35.97
CA SER C 83 38.45 -48.62 -35.89
C SER C 83 38.66 -49.10 -34.46
N GLU C 84 38.84 -48.15 -33.54
CA GLU C 84 38.99 -48.44 -32.12
C GLU C 84 37.71 -49.06 -31.56
N ILE C 85 36.58 -48.50 -31.95
CA ILE C 85 35.27 -48.93 -31.47
C ILE C 85 34.98 -50.36 -31.86
N LYS C 86 35.41 -50.75 -33.06
CA LYS C 86 35.07 -52.06 -33.58
C LYS C 86 35.91 -53.17 -32.95
N SER C 87 36.99 -52.79 -32.27
CA SER C 87 37.82 -53.80 -31.61
C SER C 87 37.32 -54.10 -30.20
N LEU C 88 36.20 -53.52 -29.83
CA LEU C 88 35.61 -53.76 -28.51
C LEU C 88 34.59 -54.90 -28.53
N ASP C 89 34.43 -55.52 -27.36
CA ASP C 89 33.40 -56.52 -27.14
C ASP C 89 32.21 -55.79 -26.54
N ALA C 90 31.11 -55.72 -27.29
CA ALA C 90 29.91 -55.03 -26.81
C ALA C 90 28.86 -56.00 -26.31
N GLY C 91 29.26 -57.25 -26.04
CA GLY C 91 28.32 -58.26 -25.61
C GLY C 91 28.55 -58.87 -24.23
N SER C 92 29.80 -59.05 -23.82
CA SER C 92 30.06 -59.79 -22.59
C SER C 92 29.47 -59.14 -21.35
N TRP C 93 29.39 -57.81 -21.35
CA TRP C 93 28.86 -57.08 -20.21
C TRP C 93 27.47 -57.58 -19.81
N PHE C 94 26.71 -58.06 -20.79
CA PHE C 94 25.32 -58.48 -20.61
C PHE C 94 25.27 -59.86 -19.95
N ASN C 95 26.22 -60.73 -20.27
CA ASN C 95 26.29 -62.02 -19.59
C ASN C 95 26.61 -61.85 -18.11
N LYS C 96 27.43 -60.84 -17.80
CA LYS C 96 27.73 -60.55 -16.41
C LYS C 96 26.51 -59.93 -15.71
N ALA C 97 25.85 -58.98 -16.37
CA ALA C 97 24.69 -58.31 -15.79
C ALA C 97 23.47 -59.21 -15.63
N TYR C 98 23.18 -60.04 -16.63
CA TYR C 98 22.00 -60.90 -16.62
C TYR C 98 22.34 -62.39 -16.84
N PRO C 99 22.95 -63.04 -15.85
CA PRO C 99 23.41 -64.43 -15.97
C PRO C 99 22.33 -65.42 -16.40
N GLU C 100 21.09 -65.20 -16.00
N GLU C 100 21.09 -65.17 -15.99
CA GLU C 100 20.04 -66.16 -16.35
CA GLU C 100 19.97 -66.04 -16.31
C GLU C 100 19.60 -65.96 -17.80
C GLU C 100 19.62 -65.94 -17.79
N LYS C 101 20.09 -64.89 -18.44
CA LYS C 101 19.82 -64.66 -19.85
C LYS C 101 21.06 -64.92 -20.72
N ALA C 102 22.17 -65.24 -20.08
CA ALA C 102 23.48 -65.30 -20.71
C ALA C 102 23.60 -66.34 -21.82
N LYS C 103 24.35 -66.01 -22.85
CA LYS C 103 24.62 -66.92 -23.96
C LYS C 103 26.07 -66.79 -24.43
N GLN C 104 26.64 -67.88 -24.91
CA GLN C 104 28.00 -67.87 -25.44
C GLN C 104 28.12 -67.05 -26.74
N GLU C 105 27.06 -67.04 -27.55
CA GLU C 105 27.07 -66.30 -28.82
C GLU C 105 27.10 -64.78 -28.63
N TYR C 106 26.79 -64.30 -27.42
CA TYR C 106 26.85 -62.87 -27.14
C TYR C 106 28.28 -62.36 -26.90
N VAL C 107 29.22 -63.25 -26.63
CA VAL C 107 30.59 -62.83 -26.36
C VAL C 107 31.22 -62.37 -27.67
N GLY C 108 31.71 -61.12 -27.69
CA GLY C 108 32.35 -60.57 -28.86
C GLY C 108 31.42 -59.91 -29.88
N GLN C 109 30.18 -59.65 -29.49
CA GLN C 109 29.29 -58.83 -30.33
C GLN C 109 29.94 -57.46 -30.55
N LYS C 110 29.95 -57.00 -31.81
CA LYS C 110 30.57 -55.74 -32.10
C LYS C 110 29.56 -54.60 -32.16
N VAL C 111 30.04 -53.38 -31.92
CA VAL C 111 29.19 -52.19 -31.98
C VAL C 111 28.78 -51.91 -33.43
N PRO C 112 27.47 -51.77 -33.68
CA PRO C 112 27.03 -51.56 -35.07
C PRO C 112 27.09 -50.09 -35.47
N THR C 113 27.50 -49.81 -36.70
CA THR C 113 27.33 -48.47 -37.25
C THR C 113 25.90 -48.33 -37.76
N LEU C 114 25.40 -47.11 -37.86
CA LEU C 114 24.04 -46.91 -38.30
C LEU C 114 23.89 -47.40 -39.73
N GLU C 115 24.95 -47.22 -40.52
CA GLU C 115 24.95 -47.64 -41.92
C GLU C 115 24.86 -49.18 -42.08
N GLU C 116 25.51 -49.94 -41.19
CA GLU C 116 25.44 -51.40 -41.26
C GLU C 116 24.04 -51.91 -40.93
N ILE C 117 23.35 -51.20 -40.05
CA ILE C 117 21.97 -51.55 -39.69
C ILE C 117 21.07 -51.36 -40.91
N PHE C 118 21.18 -50.21 -41.57
CA PHE C 118 20.37 -49.94 -42.74
C PHE C 118 20.67 -50.93 -43.85
N GLN C 119 21.94 -51.31 -43.98
CA GLN C 119 22.33 -52.23 -45.03
C GLN C 119 21.76 -53.61 -44.81
N LYS C 120 21.59 -54.00 -43.55
CA LYS C 120 21.16 -55.36 -43.27
C LYS C 120 19.63 -55.51 -43.29
N TYR C 121 18.90 -54.53 -42.77
CA TYR C 121 17.47 -54.64 -42.68
C TYR C 121 16.74 -53.86 -43.77
N GLY C 122 17.38 -52.80 -44.26
CA GLY C 122 16.79 -52.03 -45.33
C GLY C 122 15.44 -51.48 -44.93
N ARG C 123 14.45 -51.69 -45.81
CA ARG C 123 13.10 -51.18 -45.59
C ARG C 123 12.21 -52.27 -45.05
N SER C 124 12.82 -53.32 -44.54
CA SER C 124 12.06 -54.41 -43.94
C SER C 124 11.84 -54.12 -42.45
N MET C 125 12.14 -52.90 -42.05
CA MET C 125 12.06 -52.48 -40.66
C MET C 125 11.79 -50.98 -40.60
N LYS C 126 11.14 -50.54 -39.54
CA LYS C 126 10.97 -49.12 -39.30
C LYS C 126 11.91 -48.73 -38.16
N TYR C 127 12.42 -47.50 -38.19
CA TYR C 127 13.46 -47.10 -37.24
C TYR C 127 13.05 -45.90 -36.42
N TYR C 128 13.41 -45.94 -35.15
CA TYR C 128 13.05 -44.91 -34.19
C TYR C 128 14.35 -44.39 -33.59
N ILE C 129 14.82 -43.24 -34.09
CA ILE C 129 16.22 -42.82 -33.90
C ILE C 129 16.38 -41.61 -33.01
N GLU C 130 17.21 -41.74 -31.97
CA GLU C 130 17.39 -40.66 -30.98
C GLU C 130 18.62 -39.79 -31.23
N THR C 131 18.42 -38.48 -31.23
CA THR C 131 19.55 -37.56 -31.37
C THR C 131 19.85 -36.79 -30.07
N LYS C 132 21.03 -36.19 -30.00
N LYS C 132 21.04 -36.19 -30.02
CA LYS C 132 21.42 -35.39 -28.82
CA LYS C 132 21.46 -35.37 -28.87
C LYS C 132 21.36 -33.91 -29.20
C LYS C 132 21.33 -33.89 -29.20
N SER C 133 21.62 -33.05 -28.22
CA SER C 133 21.62 -31.61 -28.47
C SER C 133 22.77 -31.28 -29.43
N PRO C 134 22.55 -30.32 -30.34
CA PRO C 134 23.51 -29.96 -31.38
C PRO C 134 24.91 -29.62 -30.85
N ASP C 135 25.04 -29.41 -29.54
CA ASP C 135 26.31 -29.07 -28.91
C ASP C 135 27.25 -30.28 -28.76
N VAL C 136 26.70 -31.43 -28.41
CA VAL C 136 27.51 -32.62 -28.14
C VAL C 136 28.26 -33.10 -29.37
N TYR C 137 27.51 -33.32 -30.45
CA TYR C 137 28.06 -33.78 -31.71
C TYR C 137 27.62 -32.90 -32.86
N PRO C 138 28.31 -31.76 -33.07
CA PRO C 138 27.96 -30.83 -34.16
C PRO C 138 27.91 -31.52 -35.53
N GLY C 139 26.80 -31.39 -36.23
CA GLY C 139 26.64 -32.01 -37.54
C GLY C 139 25.92 -33.35 -37.51
N MET C 140 25.61 -33.84 -36.31
CA MET C 140 24.93 -35.14 -36.18
C MET C 140 23.67 -35.15 -37.03
N GLU C 141 22.77 -34.17 -36.82
CA GLU C 141 21.51 -34.12 -37.54
C GLU C 141 21.67 -34.14 -39.07
N GLU C 142 22.58 -33.33 -39.61
CA GLU C 142 22.83 -33.32 -41.07
C GLU C 142 23.42 -34.64 -41.59
N LYS C 143 24.24 -35.33 -40.80
CA LYS C 143 24.77 -36.63 -41.21
C LYS C 143 23.68 -37.70 -41.12
N LEU C 144 22.81 -37.53 -40.14
CA LEU C 144 21.70 -38.46 -39.96
C LEU C 144 20.78 -38.34 -41.17
N LEU C 145 20.43 -37.11 -41.54
CA LEU C 145 19.52 -36.91 -42.66
C LEU C 145 20.12 -37.40 -43.99
N ALA C 146 21.45 -37.31 -44.14
CA ALA C 146 22.05 -37.81 -45.38
C ALA C 146 21.98 -39.34 -45.48
N LEU C 147 22.17 -40.05 -44.36
CA LEU C 147 22.01 -41.52 -44.36
C LEU C 147 20.60 -41.94 -44.68
N LEU C 148 19.64 -41.26 -44.09
CA LEU C 148 18.24 -41.57 -44.29
C LEU C 148 17.86 -41.43 -45.77
N GLU C 149 18.38 -40.39 -46.42
CA GLU C 149 18.12 -40.16 -47.84
C GLU C 149 18.87 -41.14 -48.71
N LYS C 150 20.08 -41.49 -48.31
CA LYS C 150 20.86 -42.49 -49.02
C LYS C 150 20.15 -43.85 -49.07
N TYR C 151 19.35 -44.17 -48.04
CA TYR C 151 18.69 -45.48 -48.02
C TYR C 151 17.19 -45.43 -48.27
N ASN C 152 16.71 -44.34 -48.85
CA ASN C 152 15.28 -44.13 -49.15
C ASN C 152 14.37 -44.41 -47.96
N LEU C 153 14.74 -43.89 -46.79
CA LEU C 153 14.01 -44.14 -45.55
C LEU C 153 13.09 -42.98 -45.23
N ILE C 154 13.43 -41.80 -45.73
CA ILE C 154 12.51 -40.67 -45.65
C ILE C 154 12.13 -40.25 -47.05
N GLY C 155 10.89 -39.81 -47.21
CA GLY C 155 10.38 -39.47 -48.53
C GLY C 155 10.07 -38.01 -48.72
N GLN C 156 9.06 -37.77 -49.57
CA GLN C 156 8.71 -36.43 -50.01
C GLN C 156 7.43 -35.92 -49.33
N ASN C 157 6.89 -36.76 -48.44
CA ASN C 157 5.71 -36.47 -47.63
C ASN C 157 5.76 -37.37 -46.40
N MET C 158 5.05 -37.02 -45.33
CA MET C 158 5.29 -37.69 -44.04
C MET C 158 4.84 -39.15 -44.05
N SER C 159 3.87 -39.47 -44.90
CA SER C 159 3.31 -40.82 -45.02
C SER C 159 4.34 -41.87 -45.42
N SER C 160 5.37 -41.44 -46.12
CA SER C 160 6.36 -42.37 -46.63
C SER C 160 7.55 -42.54 -45.69
N SER C 161 7.52 -41.89 -44.54
CA SER C 161 8.63 -42.02 -43.61
C SER C 161 8.63 -43.41 -42.99
N ARG C 162 9.80 -44.05 -42.96
CA ARG C 162 9.92 -45.38 -42.36
C ARG C 162 10.71 -45.21 -41.05
N VAL C 163 10.65 -43.98 -40.56
CA VAL C 163 11.53 -43.52 -39.52
C VAL C 163 10.80 -42.50 -38.67
N MET C 164 10.91 -42.63 -37.35
CA MET C 164 10.53 -41.53 -36.48
C MET C 164 11.83 -41.02 -35.86
N ILE C 165 11.89 -39.74 -35.51
CA ILE C 165 13.06 -39.24 -34.79
C ILE C 165 12.64 -38.67 -33.43
N GLN C 166 13.38 -39.04 -32.40
CA GLN C 166 13.08 -38.67 -31.03
C GLN C 166 14.28 -37.96 -30.40
N SER C 167 14.02 -37.07 -29.45
CA SER C 167 15.13 -36.45 -28.73
C SER C 167 14.65 -35.77 -27.44
N PHE C 168 15.57 -35.66 -26.48
CA PHE C 168 15.30 -34.85 -25.30
C PHE C 168 15.49 -33.39 -25.65
N SER C 169 16.19 -33.15 -26.75
CA SER C 169 16.63 -31.81 -27.11
C SER C 169 15.66 -31.13 -28.06
N LYS C 170 14.94 -30.14 -27.54
CA LYS C 170 13.99 -29.38 -28.33
C LYS C 170 14.68 -28.69 -29.51
N ASP C 171 15.91 -28.26 -29.30
CA ASP C 171 16.63 -27.56 -30.33
C ASP C 171 17.04 -28.49 -31.45
N SER C 172 17.50 -29.70 -31.09
CA SER C 172 17.79 -30.71 -32.09
C SER C 172 16.54 -30.97 -32.94
N LEU C 173 15.39 -31.14 -32.30
CA LEU C 173 14.16 -31.40 -33.04
C LEU C 173 13.72 -30.21 -33.89
N LYS C 174 13.81 -29.00 -33.36
CA LYS C 174 13.40 -27.84 -34.15
C LYS C 174 14.31 -27.66 -35.38
N LYS C 175 15.57 -28.06 -35.23
CA LYS C 175 16.55 -27.97 -36.31
C LYS C 175 16.15 -28.89 -37.45
N ILE C 176 15.85 -30.13 -37.12
CA ILE C 176 15.41 -31.11 -38.09
C ILE C 176 14.11 -30.68 -38.75
N HIS C 177 13.17 -30.22 -37.94
CA HIS C 177 11.89 -29.78 -38.46
C HIS C 177 12.06 -28.68 -39.50
N SER C 178 13.01 -27.78 -39.29
CA SER C 178 13.17 -26.66 -40.20
C SER C 178 13.81 -27.12 -41.51
N ILE C 179 14.62 -28.17 -41.44
CA ILE C 179 15.25 -28.71 -42.63
C ILE C 179 14.29 -29.60 -43.42
N ASN C 180 13.55 -30.44 -42.71
CA ASN C 180 12.70 -31.43 -43.35
C ASN C 180 11.40 -31.67 -42.57
N LYS C 181 10.29 -31.14 -43.09
CA LYS C 181 8.97 -31.25 -42.47
C LYS C 181 8.36 -32.66 -42.59
N ASN C 182 8.95 -33.51 -43.43
CA ASN C 182 8.41 -34.83 -43.71
C ASN C 182 8.86 -35.95 -42.76
N ILE C 183 9.45 -35.60 -41.62
CA ILE C 183 9.86 -36.60 -40.64
C ILE C 183 9.03 -36.46 -39.37
N PRO C 184 8.39 -37.54 -38.94
CA PRO C 184 7.69 -37.49 -37.65
C PRO C 184 8.69 -37.38 -36.51
N LEU C 185 8.53 -36.34 -35.68
CA LEU C 185 9.41 -36.10 -34.55
C LEU C 185 8.70 -36.35 -33.23
N VAL C 186 9.41 -36.90 -32.25
CA VAL C 186 8.85 -37.12 -30.93
C VAL C 186 9.70 -36.49 -29.83
N GLN C 187 9.07 -35.63 -29.02
CA GLN C 187 9.73 -34.96 -27.90
C GLN C 187 9.76 -35.86 -26.67
N LEU C 188 10.96 -36.28 -26.27
CA LEU C 188 11.14 -37.05 -25.05
C LEU C 188 11.09 -36.13 -23.82
N LEU C 189 10.48 -36.64 -22.75
CA LEU C 189 10.32 -35.90 -21.51
C LEU C 189 10.82 -36.73 -20.35
N TRP C 190 11.51 -36.11 -19.42
CA TRP C 190 11.92 -36.80 -18.23
C TRP C 190 11.50 -35.98 -17.01
N TYR C 191 10.59 -36.53 -16.24
CA TYR C 191 10.14 -35.91 -15.01
C TYR C 191 10.83 -36.56 -13.82
N TYR C 192 11.21 -35.76 -12.83
CA TYR C 192 11.90 -36.27 -11.65
C TYR C 192 11.76 -35.28 -10.50
N PRO C 193 11.82 -35.79 -9.25
CA PRO C 193 11.87 -34.91 -8.09
C PRO C 193 13.26 -34.32 -7.88
N ASN C 194 13.36 -33.00 -7.80
CA ASN C 194 14.65 -32.36 -7.61
C ASN C 194 15.08 -32.39 -6.15
N GLU C 195 16.16 -31.69 -5.80
CA GLU C 195 16.67 -31.80 -4.44
C GLU C 195 15.69 -31.24 -3.41
N ASN C 196 14.71 -30.48 -3.86
CA ASN C 196 13.68 -29.92 -2.98
C ASN C 196 12.44 -30.79 -2.94
N ASN C 197 12.58 -32.02 -3.42
CA ASN C 197 11.46 -32.93 -3.61
C ASN C 197 10.30 -32.29 -4.42
N GLU C 198 10.66 -31.49 -5.40
CA GLU C 198 9.68 -30.90 -6.30
C GLU C 198 9.83 -31.57 -7.66
N ILE C 199 8.72 -31.92 -8.30
CA ILE C 199 8.79 -32.60 -9.58
C ILE C 199 8.96 -31.57 -10.71
N VAL C 200 9.97 -31.78 -11.53
CA VAL C 200 10.29 -30.86 -12.62
C VAL C 200 10.57 -31.68 -13.87
N GLU C 201 10.47 -31.05 -15.04
CA GLU C 201 10.85 -31.70 -16.28
C GLU C 201 12.32 -31.35 -16.58
N TRP C 202 13.08 -32.34 -17.04
CA TRP C 202 14.51 -32.18 -17.30
C TRP C 202 14.88 -30.89 -18.03
N SER C 203 14.15 -30.54 -19.10
CA SER C 203 14.42 -29.32 -19.87
C SER C 203 13.48 -28.17 -19.54
N GLY C 204 12.53 -28.41 -18.65
CA GLY C 204 11.48 -27.44 -18.38
C GLY C 204 10.50 -27.25 -19.52
N ILE C 205 10.29 -28.30 -20.31
CA ILE C 205 9.42 -28.21 -21.47
C ILE C 205 7.93 -28.20 -21.08
N THR C 206 7.59 -28.87 -20.00
CA THR C 206 6.23 -28.75 -19.46
C THR C 206 6.30 -28.47 -17.98
N HIS C 207 5.13 -28.26 -17.37
CA HIS C 207 5.01 -28.29 -15.92
C HIS C 207 5.20 -29.72 -15.43
N GLU C 208 5.24 -29.90 -14.11
CA GLU C 208 5.10 -31.24 -13.53
C GLU C 208 3.82 -31.85 -14.06
N PRO C 209 3.77 -33.19 -14.22
CA PRO C 209 2.63 -33.80 -14.91
C PRO C 209 1.25 -33.44 -14.33
N LYS C 210 1.15 -33.32 -13.01
CA LYS C 210 -0.10 -32.95 -12.38
C LYS C 210 -0.54 -31.53 -12.69
N ARG C 211 0.37 -30.71 -13.23
CA ARG C 211 0.06 -29.30 -13.51
C ARG C 211 0.16 -28.88 -15.00
N VAL C 212 0.29 -29.81 -15.93
CA VAL C 212 0.43 -29.44 -17.33
C VAL C 212 -0.74 -28.57 -17.83
N THR C 213 -0.45 -27.71 -18.81
CA THR C 213 -1.43 -26.83 -19.40
C THR C 213 -1.56 -27.21 -20.86
N ASN C 214 -2.65 -26.82 -21.50
CA ASN C 214 -2.79 -27.05 -22.94
C ASN C 214 -1.67 -26.39 -23.74
N ASP C 215 -1.30 -25.16 -23.35
CA ASP C 215 -0.19 -24.44 -23.97
C ASP C 215 1.11 -25.26 -24.03
N ASP C 216 1.49 -25.90 -22.92
CA ASP C 216 2.66 -26.78 -22.89
C ASP C 216 2.68 -27.69 -24.12
N PHE C 217 1.53 -28.28 -24.41
CA PHE C 217 1.44 -29.26 -25.48
C PHE C 217 1.30 -28.63 -26.83
N GLN C 218 0.64 -27.48 -26.91
CA GLN C 218 0.46 -26.77 -28.18
C GLN C 218 1.82 -26.39 -28.73
N GLU C 219 2.71 -26.02 -27.83
CA GLU C 219 4.08 -25.65 -28.17
C GLU C 219 4.89 -26.83 -28.75
N ILE C 220 4.83 -27.98 -28.09
CA ILE C 220 5.47 -29.19 -28.60
C ILE C 220 4.94 -29.54 -30.00
N LYS C 221 3.64 -29.32 -30.17
CA LYS C 221 2.93 -29.68 -31.38
C LYS C 221 3.39 -28.84 -32.59
N LYS C 222 3.99 -27.69 -32.33
CA LYS C 222 4.62 -26.88 -33.38
C LYS C 222 5.78 -27.57 -34.11
N TYR C 223 6.45 -28.54 -33.48
CA TYR C 223 7.51 -29.27 -34.19
C TYR C 223 7.41 -30.82 -34.14
N ALA C 224 6.60 -31.36 -33.24
CA ALA C 224 6.58 -32.80 -33.07
C ALA C 224 5.17 -33.36 -33.12
N VAL C 225 5.04 -34.63 -33.49
CA VAL C 225 3.73 -35.28 -33.57
C VAL C 225 3.39 -36.02 -32.28
N GLY C 226 4.35 -36.18 -31.38
CA GLY C 226 4.13 -36.93 -30.15
C GLY C 226 5.15 -36.66 -29.06
N ILE C 227 4.86 -37.20 -27.87
CA ILE C 227 5.78 -37.13 -26.72
C ILE C 227 6.14 -38.51 -26.21
N GLY C 228 7.30 -38.62 -25.57
CA GLY C 228 7.66 -39.85 -24.88
C GLY C 228 8.07 -39.57 -23.45
N PRO C 229 7.12 -39.70 -22.49
CA PRO C 229 7.41 -39.49 -21.06
C PRO C 229 7.75 -40.77 -20.30
N ASN C 230 8.44 -40.65 -19.17
CA ASN C 230 8.62 -41.79 -18.28
C ASN C 230 7.37 -41.98 -17.43
N LEU C 231 6.94 -43.23 -17.32
CA LEU C 231 5.83 -43.60 -16.47
C LEU C 231 6.17 -43.44 -14.99
N ARG C 232 7.37 -43.87 -14.62
CA ARG C 232 7.75 -43.95 -13.22
C ARG C 232 9.03 -43.14 -12.93
N ASN C 233 9.27 -42.85 -11.65
CA ASN C 233 10.54 -42.22 -11.26
C ASN C 233 11.58 -43.29 -10.97
N ASP C 234 12.81 -42.87 -10.68
CA ASP C 234 13.93 -43.80 -10.46
C ASP C 234 13.68 -44.68 -9.25
N ASN C 235 12.82 -44.22 -8.37
CA ASN C 235 12.45 -44.94 -7.16
C ASN C 235 11.29 -45.95 -7.37
N GLY C 236 10.71 -45.97 -8.57
CA GLY C 236 9.65 -46.91 -8.91
C GLY C 236 8.20 -46.43 -8.80
N ASP C 237 7.99 -45.20 -8.32
CA ASP C 237 6.65 -44.66 -8.21
C ASP C 237 6.14 -44.09 -9.53
N LEU C 238 4.85 -44.30 -9.82
CA LEU C 238 4.20 -43.58 -10.92
C LEU C 238 4.44 -42.09 -10.82
N ILE C 239 4.61 -41.44 -11.96
CA ILE C 239 4.88 -40.01 -11.94
C ILE C 239 4.04 -39.32 -13.00
N ILE C 240 3.31 -40.10 -13.78
CA ILE C 240 2.25 -39.56 -14.64
C ILE C 240 0.98 -40.35 -14.37
N ASN C 241 -0.13 -39.87 -14.92
CA ASN C 241 -1.47 -40.38 -14.61
C ASN C 241 -2.39 -40.26 -15.81
N GLU C 242 -3.63 -40.73 -15.69
CA GLU C 242 -4.53 -40.71 -16.84
C GLU C 242 -4.90 -39.30 -17.26
N SER C 243 -5.12 -38.40 -16.31
CA SER C 243 -5.43 -37.00 -16.66
C SER C 243 -4.38 -36.40 -17.59
N TYR C 244 -3.12 -36.64 -17.27
CA TYR C 244 -1.98 -36.22 -18.07
C TYR C 244 -2.11 -36.70 -19.51
N MET C 245 -2.28 -38.02 -19.70
CA MET C 245 -2.41 -38.63 -21.00
C MET C 245 -3.58 -38.03 -21.76
N LYS C 246 -4.67 -37.78 -21.04
CA LYS C 246 -5.84 -37.20 -21.69
C LYS C 246 -5.56 -35.77 -22.16
N MET C 247 -4.82 -34.97 -21.37
CA MET C 247 -4.46 -33.62 -21.80
C MET C 247 -3.58 -33.68 -23.03
N ALA C 248 -2.69 -34.67 -23.07
CA ALA C 248 -1.81 -34.82 -24.21
C ALA C 248 -2.59 -35.26 -25.47
N ARG C 249 -3.54 -36.18 -25.33
CA ARG C 249 -4.31 -36.64 -26.51
C ARG C 249 -5.21 -35.53 -27.05
N GLN C 250 -5.90 -34.81 -26.16
CA GLN C 250 -6.84 -33.80 -26.62
C GLN C 250 -6.13 -32.68 -27.39
N ASN C 251 -4.81 -32.58 -27.21
CA ASN C 251 -4.00 -31.64 -27.98
C ASN C 251 -3.40 -32.25 -29.26
N GLY C 252 -3.79 -33.49 -29.59
CA GLY C 252 -3.46 -34.10 -30.87
C GLY C 252 -2.10 -34.76 -30.94
N LEU C 253 -1.54 -35.10 -29.78
CA LEU C 253 -0.23 -35.73 -29.67
C LEU C 253 -0.28 -37.23 -29.44
N LEU C 254 0.61 -37.96 -30.11
CA LEU C 254 0.83 -39.37 -29.79
C LEU C 254 1.61 -39.46 -28.48
N ILE C 255 1.42 -40.53 -27.72
CA ILE C 255 2.14 -40.75 -26.46
C ILE C 255 2.80 -42.12 -26.42
N HIS C 256 4.11 -42.12 -26.27
CA HIS C 256 4.88 -43.36 -26.18
C HIS C 256 5.71 -43.40 -24.90
N PRO C 257 5.14 -43.93 -23.80
CA PRO C 257 5.92 -43.91 -22.55
C PRO C 257 7.06 -44.93 -22.52
N TYR C 258 8.06 -44.67 -21.68
CA TYR C 258 9.21 -45.57 -21.51
C TYR C 258 9.51 -45.71 -20.02
N THR C 259 10.17 -46.79 -19.58
CA THR C 259 10.42 -48.00 -20.35
C THR C 259 9.58 -49.07 -19.69
N ILE C 260 8.66 -49.66 -20.44
CA ILE C 260 7.62 -50.49 -19.83
C ILE C 260 7.96 -51.96 -20.03
N ASN C 261 8.32 -52.66 -18.96
CA ASN C 261 8.76 -54.04 -19.08
C ASN C 261 7.84 -55.07 -18.46
N GLU C 262 6.95 -54.59 -17.60
CA GLU C 262 6.08 -55.49 -16.86
C GLU C 262 4.65 -55.38 -17.36
N LYS C 263 4.01 -56.53 -17.55
CA LYS C 263 2.66 -56.60 -18.08
C LYS C 263 1.61 -55.76 -17.31
N PRO C 264 1.65 -55.74 -15.96
CA PRO C 264 0.65 -54.87 -15.32
C PRO C 264 0.78 -53.41 -15.72
N ASP C 265 1.97 -52.96 -16.07
CA ASP C 265 2.12 -51.58 -16.55
C ASP C 265 1.71 -51.42 -18.00
N MET C 266 1.95 -52.44 -18.82
CA MET C 266 1.48 -52.41 -20.20
C MET C 266 -0.05 -52.33 -20.26
N ARG C 267 -0.72 -53.09 -19.39
CA ARG C 267 -2.19 -53.06 -19.32
C ARG C 267 -2.67 -51.71 -18.84
N LEU C 268 -1.95 -51.13 -17.89
CA LEU C 268 -2.34 -49.86 -17.34
C LEU C 268 -2.31 -48.75 -18.41
N LEU C 269 -1.25 -48.74 -19.21
CA LEU C 269 -1.13 -47.74 -20.27
C LEU C 269 -2.13 -47.93 -21.41
N MET C 270 -2.47 -49.19 -21.71
CA MET C 270 -3.59 -49.52 -22.60
C MET C 270 -4.89 -48.84 -22.15
N LYS C 271 -5.25 -49.06 -20.89
CA LYS C 271 -6.38 -48.41 -20.25
C LYS C 271 -6.31 -46.88 -20.34
N TRP C 272 -5.11 -46.30 -20.25
CA TRP C 272 -4.99 -44.84 -20.29
C TRP C 272 -4.83 -44.31 -21.71
N GLY C 273 -4.83 -45.21 -22.70
CA GLY C 273 -4.75 -44.81 -24.09
C GLY C 273 -3.38 -44.32 -24.56
N ALA C 274 -2.32 -45.01 -24.13
CA ALA C 274 -1.02 -44.82 -24.77
C ALA C 274 -1.12 -45.37 -26.20
N THR C 275 -0.49 -44.67 -27.14
CA THR C 275 -0.52 -45.12 -28.53
C THR C 275 0.77 -45.85 -28.91
N GLY C 276 1.61 -46.14 -27.91
CA GLY C 276 2.83 -46.90 -28.11
C GLY C 276 3.59 -47.00 -26.80
N MET C 277 4.50 -47.98 -26.70
CA MET C 277 5.45 -48.03 -25.58
C MET C 277 6.84 -48.40 -26.04
N PHE C 278 7.85 -47.88 -25.33
CA PHE C 278 9.19 -48.40 -25.39
C PHE C 278 9.28 -49.58 -24.43
N THR C 279 9.73 -50.73 -24.93
CA THR C 279 9.86 -51.90 -24.08
C THR C 279 11.14 -52.64 -24.41
N ASN C 280 11.72 -53.30 -23.42
CA ASN C 280 12.83 -54.21 -23.67
C ASN C 280 12.30 -55.58 -24.03
N TYR C 281 10.98 -55.74 -23.95
CA TYR C 281 10.37 -57.04 -24.17
C TYR C 281 9.21 -56.95 -25.17
N PRO C 282 9.53 -56.74 -26.45
CA PRO C 282 8.50 -56.66 -27.51
C PRO C 282 7.61 -57.94 -27.56
N ASP C 283 8.15 -59.09 -27.23
CA ASP C 283 7.36 -60.34 -27.12
C ASP C 283 6.29 -60.24 -26.04
N ARG C 284 6.64 -59.69 -24.88
CA ARG C 284 5.67 -59.51 -23.81
C ARG C 284 4.56 -58.54 -24.22
N LEU C 285 4.93 -57.45 -24.86
CA LEU C 285 3.96 -56.43 -25.26
C LEU C 285 3.01 -57.00 -26.30
N HIS C 286 3.56 -57.81 -27.21
CA HIS C 286 2.76 -58.48 -28.21
C HIS C 286 1.68 -59.38 -27.61
N THR C 287 2.08 -60.20 -26.64
CA THR C 287 1.14 -61.06 -25.91
C THR C 287 0.02 -60.26 -25.22
N VAL C 288 0.36 -59.14 -24.60
CA VAL C 288 -0.63 -58.33 -23.89
C VAL C 288 -1.62 -57.67 -24.86
N LEU C 289 -1.13 -57.28 -26.04
CA LEU C 289 -1.99 -56.74 -27.11
C LEU C 289 -3.02 -57.76 -27.62
N LYS C 290 -2.76 -59.05 -27.44
CA LYS C 290 -3.72 -60.05 -27.89
C LYS C 290 -4.81 -60.29 -26.87
N GLU C 291 -4.73 -59.65 -25.71
CA GLU C 291 -5.76 -59.81 -24.69
C GLU C 291 -7.00 -58.97 -25.02
N LYS D 13 14.49 43.19 41.07
CA LYS D 13 13.19 43.46 41.69
C LYS D 13 12.27 44.19 40.73
N ASN D 14 12.81 45.22 40.08
CA ASN D 14 12.09 45.99 39.06
C ASN D 14 12.60 45.67 37.66
N LYS D 15 13.32 44.56 37.53
CA LYS D 15 13.71 44.04 36.22
C LYS D 15 12.46 43.75 35.36
N PHE D 16 12.55 44.03 34.07
CA PHE D 16 11.38 43.99 33.20
C PHE D 16 10.94 42.56 32.84
N LEU D 17 9.64 42.29 32.99
CA LEU D 17 9.13 40.95 32.70
C LEU D 17 8.38 40.88 31.37
N ASN D 18 8.94 40.11 30.45
CA ASN D 18 8.28 39.73 29.22
C ASN D 18 7.36 38.55 29.50
N ILE D 19 6.06 38.79 29.54
CA ILE D 19 5.08 37.74 29.88
C ILE D 19 4.27 37.24 28.68
N ALA D 20 4.47 35.98 28.33
CA ALA D 20 3.78 35.40 27.18
C ALA D 20 2.30 35.07 27.50
N HIS D 21 1.40 35.94 27.05
CA HIS D 21 -0.05 35.78 27.25
C HIS D 21 -0.60 34.49 26.66
N ARG D 22 -0.94 33.54 27.51
CA ARG D 22 -1.40 32.22 27.08
C ARG D 22 -0.38 31.53 26.16
N GLY D 23 0.90 31.79 26.37
CA GLY D 23 1.93 31.25 25.50
C GLY D 23 2.21 32.24 24.40
N ALA D 24 2.87 31.78 23.33
CA ALA D 24 3.04 32.58 22.12
C ALA D 24 1.73 32.57 21.36
N SER D 25 0.69 33.11 21.98
CA SER D 25 -0.67 32.91 21.48
C SER D 25 -0.94 33.67 20.17
N GLY D 26 -0.04 34.59 19.82
CA GLY D 26 -0.07 35.24 18.52
C GLY D 26 0.45 34.39 17.38
N HIS D 27 1.10 33.27 17.66
CA HIS D 27 1.69 32.43 16.62
C HIS D 27 1.09 31.03 16.60
N ALA D 28 0.42 30.65 17.68
CA ALA D 28 -0.10 29.30 17.84
C ALA D 28 -1.32 29.31 18.77
N PRO D 29 -2.13 28.23 18.75
CA PRO D 29 -3.34 28.18 19.57
C PRO D 29 -3.06 28.41 21.05
N GLU D 30 -3.70 29.43 21.64
CA GLU D 30 -3.55 29.71 23.07
C GLU D 30 -3.70 28.44 23.92
N HIS D 31 -2.92 28.36 25.00
CA HIS D 31 -2.96 27.24 25.94
C HIS D 31 -2.95 25.86 25.29
N THR D 32 -2.04 25.67 24.35
CA THR D 32 -1.72 24.33 23.89
C THR D 32 -0.22 24.23 24.01
N PHE D 33 0.29 23.01 23.86
CA PHE D 33 1.72 22.81 23.90
C PHE D 33 2.43 23.39 22.66
N ALA D 34 1.74 23.49 21.53
CA ALA D 34 2.27 24.19 20.37
C ALA D 34 2.56 25.66 20.72
N SER D 35 1.74 26.24 21.58
CA SER D 35 1.94 27.62 22.01
C SER D 35 3.03 27.79 23.08
N TYR D 36 3.03 26.90 24.07
CA TYR D 36 4.03 26.95 25.13
C TYR D 36 5.43 26.64 24.60
N ASP D 37 5.54 25.76 23.61
CA ASP D 37 6.86 25.37 23.07
C ASP D 37 7.61 26.51 22.37
N LEU D 38 6.93 27.61 22.06
CA LEU D 38 7.59 28.73 21.38
C LEU D 38 8.16 29.74 22.39
N VAL D 39 7.61 29.72 23.59
CA VAL D 39 7.91 30.74 24.58
C VAL D 39 9.41 30.89 24.89
N LYS D 40 10.10 29.78 25.10
CA LYS D 40 11.54 29.82 25.46
C LYS D 40 12.43 30.40 24.35
N LYS D 41 12.25 29.93 23.12
CA LYS D 41 13.06 30.45 22.02
C LYS D 41 12.74 31.94 21.76
N MET D 42 11.53 32.37 22.07
CA MET D 42 11.13 33.77 21.91
C MET D 42 11.62 34.67 23.07
N LYS D 43 12.25 34.06 24.07
CA LYS D 43 12.94 34.79 25.14
C LYS D 43 12.00 35.46 26.16
N ALA D 44 10.79 34.93 26.32
CA ALA D 44 9.88 35.36 27.41
C ALA D 44 10.46 35.02 28.78
N ASP D 45 9.99 35.73 29.79
CA ASP D 45 10.44 35.47 31.16
C ASP D 45 9.49 34.57 31.90
N TYR D 46 8.22 34.69 31.56
CA TYR D 46 7.13 34.02 32.24
C TYR D 46 6.14 33.51 31.24
N LEU D 47 5.69 32.28 31.48
CA LEU D 47 4.61 31.70 30.73
C LEU D 47 3.30 31.93 31.50
N GLU D 48 2.34 32.60 30.88
CA GLU D 48 1.08 32.92 31.57
C GLU D 48 0.02 31.86 31.35
N LEU D 49 -0.59 31.40 32.46
CA LEU D 49 -1.63 30.36 32.40
C LEU D 49 -2.93 30.78 33.07
N ASP D 50 -4.04 30.39 32.44
CA ASP D 50 -5.37 30.52 33.06
C ASP D 50 -5.81 29.10 33.42
N ILE D 51 -6.28 28.90 34.65
CA ILE D 51 -6.68 27.56 35.04
C ILE D 51 -8.16 27.41 35.38
N GLN D 52 -8.72 26.29 34.92
CA GLN D 52 -10.06 25.88 35.25
C GLN D 52 -9.98 24.54 35.96
N LEU D 53 -11.07 24.16 36.62
CA LEU D 53 -11.14 22.91 37.36
C LEU D 53 -12.22 22.00 36.77
N THR D 54 -11.85 20.77 36.41
CA THR D 54 -12.80 19.79 35.89
C THR D 54 -13.64 19.16 37.01
N LYS D 55 -14.75 18.55 36.63
CA LYS D 55 -15.66 17.87 37.57
C LYS D 55 -14.95 16.89 38.51
N ASP D 56 -13.92 16.20 38.04
CA ASP D 56 -13.21 15.24 38.90
C ASP D 56 -11.92 15.83 39.51
N GLY D 57 -11.91 17.14 39.73
CA GLY D 57 -10.89 17.83 40.51
C GLY D 57 -9.53 18.00 39.86
N GLN D 58 -9.50 18.21 38.56
CA GLN D 58 -8.24 18.35 37.82
C GLN D 58 -8.07 19.77 37.27
N LEU D 59 -6.90 20.36 37.52
CA LEU D 59 -6.60 21.70 37.03
C LEU D 59 -6.11 21.65 35.59
N ILE D 60 -6.82 22.35 34.69
CA ILE D 60 -6.41 22.43 33.29
C ILE D 60 -6.16 23.87 32.83
N ALA D 61 -5.42 24.03 31.74
CA ALA D 61 -5.17 25.36 31.21
C ALA D 61 -6.20 25.73 30.14
N MET D 62 -7.07 26.68 30.45
CA MET D 62 -8.03 27.17 29.48
C MET D 62 -8.57 28.51 29.96
N HIS D 63 -8.76 29.44 29.04
CA HIS D 63 -9.11 30.80 29.45
C HIS D 63 -10.59 30.96 29.82
N ASP D 64 -11.50 30.42 29.02
CA ASP D 64 -12.93 30.54 29.29
C ASP D 64 -13.39 29.41 30.20
N THR D 65 -14.53 29.59 30.85
CA THR D 65 -15.12 28.52 31.65
C THR D 65 -15.82 27.50 30.75
N ALA D 66 -16.32 27.97 29.62
CA ALA D 66 -16.92 27.09 28.60
C ALA D 66 -15.88 26.74 27.56
N VAL D 67 -16.00 25.56 26.97
CA VAL D 67 -14.99 25.11 26.00
C VAL D 67 -15.24 25.64 24.58
N ASP D 68 -16.41 26.23 24.36
CA ASP D 68 -16.93 26.48 23.01
C ASP D 68 -15.97 27.22 22.07
N ARG D 69 -15.44 28.35 22.53
CA ARG D 69 -14.62 29.21 21.69
C ARG D 69 -13.41 28.50 21.10
N THR D 70 -12.67 27.78 21.94
CA THR D 70 -11.37 27.20 21.55
C THR D 70 -11.36 25.69 21.29
N THR D 71 -12.52 25.05 21.33
CA THR D 71 -12.58 23.62 21.01
C THR D 71 -13.80 23.32 20.13
N ASN D 72 -13.92 22.05 19.74
CA ASN D 72 -15.05 21.58 18.97
C ASN D 72 -16.23 21.16 19.83
N GLY D 73 -16.03 21.11 21.14
CA GLY D 73 -17.11 20.76 22.07
C GLY D 73 -17.87 21.98 22.55
N THR D 74 -18.90 21.74 23.36
CA THR D 74 -19.65 22.81 24.00
C THR D 74 -19.92 22.43 25.45
N GLY D 75 -20.07 23.44 26.31
CA GLY D 75 -20.33 23.21 27.73
C GLY D 75 -19.30 23.81 28.68
N GLU D 76 -19.61 23.77 29.97
CA GLU D 76 -18.71 24.29 30.99
C GLU D 76 -17.69 23.23 31.39
N VAL D 77 -16.46 23.67 31.67
CA VAL D 77 -15.38 22.77 32.08
C VAL D 77 -15.78 21.98 33.31
N ARG D 78 -16.49 22.63 34.24
CA ARG D 78 -16.83 22.01 35.51
C ARG D 78 -17.85 20.86 35.37
N ASP D 79 -18.55 20.84 34.23
CA ASP D 79 -19.52 19.79 33.98
C ASP D 79 -18.85 18.60 33.32
N LYS D 80 -17.56 18.73 33.03
CA LYS D 80 -16.88 17.71 32.26
C LYS D 80 -15.74 17.06 33.04
N THR D 81 -15.51 15.78 32.76
CA THR D 81 -14.37 15.07 33.33
C THR D 81 -13.13 15.28 32.47
N LEU D 82 -11.96 14.97 33.00
CA LEU D 82 -10.71 15.12 32.25
C LEU D 82 -10.74 14.32 30.95
N SER D 83 -11.28 13.10 31.02
CA SER D 83 -11.37 12.27 29.84
C SER D 83 -12.11 12.96 28.70
N GLU D 84 -13.29 13.51 28.99
CA GLU D 84 -14.08 14.26 28.02
C GLU D 84 -13.32 15.47 27.49
N ILE D 85 -12.76 16.26 28.41
CA ILE D 85 -11.91 17.38 28.03
C ILE D 85 -10.78 16.94 27.10
N LYS D 86 -10.19 15.78 27.39
CA LYS D 86 -9.00 15.34 26.66
C LYS D 86 -9.30 14.80 25.27
N SER D 87 -10.58 14.61 24.96
CA SER D 87 -10.95 14.12 23.63
C SER D 87 -11.31 15.26 22.69
N LEU D 88 -11.23 16.49 23.20
CA LEU D 88 -11.58 17.66 22.39
C LEU D 88 -10.39 18.09 21.53
N ASP D 89 -10.68 18.86 20.48
CA ASP D 89 -9.65 19.46 19.65
C ASP D 89 -9.46 20.93 20.06
N ALA D 90 -8.29 21.25 20.60
CA ALA D 90 -8.05 22.60 21.09
C ALA D 90 -7.20 23.46 20.13
N GLY D 91 -6.99 23.01 18.90
CA GLY D 91 -6.13 23.73 17.97
C GLY D 91 -6.77 24.25 16.69
N SER D 92 -7.80 23.56 16.18
CA SER D 92 -8.31 23.85 14.85
C SER D 92 -9.03 25.19 14.80
N TRP D 93 -9.62 25.59 15.92
CA TRP D 93 -10.30 26.87 15.99
C TRP D 93 -9.36 27.96 15.52
N PHE D 94 -8.07 27.82 15.87
CA PHE D 94 -7.03 28.78 15.55
C PHE D 94 -6.77 28.91 14.06
N ASN D 95 -6.72 27.78 13.36
CA ASN D 95 -6.50 27.81 11.93
C ASN D 95 -7.65 28.53 11.22
N LYS D 96 -8.85 28.45 11.80
CA LYS D 96 -9.97 29.16 11.22
C LYS D 96 -9.88 30.66 11.52
N ALA D 97 -9.50 30.98 12.74
CA ALA D 97 -9.53 32.38 13.17
C ALA D 97 -8.37 33.18 12.59
N TYR D 98 -7.26 32.51 12.32
CA TYR D 98 -6.05 33.19 11.84
C TYR D 98 -5.39 32.47 10.68
N PRO D 99 -6.03 32.51 9.50
CA PRO D 99 -5.57 31.81 8.29
C PRO D 99 -4.12 32.07 7.92
N GLU D 100 -3.57 33.19 8.37
CA GLU D 100 -2.19 33.53 8.05
C GLU D 100 -1.22 32.80 8.95
N LYS D 101 -1.69 32.37 10.11
CA LYS D 101 -0.83 31.74 11.09
C LYS D 101 -1.05 30.24 11.16
N ALA D 102 -1.96 29.75 10.33
CA ALA D 102 -2.41 28.36 10.39
C ALA D 102 -1.31 27.36 10.02
N LYS D 103 -1.27 26.24 10.75
CA LYS D 103 -0.42 25.11 10.40
C LYS D 103 -1.20 23.81 10.57
N GLN D 104 -0.95 22.86 9.69
CA GLN D 104 -1.60 21.56 9.77
C GLN D 104 -1.42 20.93 11.14
N GLU D 105 -0.23 21.09 11.70
CA GLU D 105 0.10 20.45 12.96
C GLU D 105 -0.68 21.00 14.18
N TYR D 106 -1.46 22.06 14.02
CA TYR D 106 -2.26 22.58 15.14
C TYR D 106 -3.58 21.84 15.26
N VAL D 107 -3.95 21.12 14.21
CA VAL D 107 -5.13 20.26 14.27
C VAL D 107 -4.95 19.15 15.29
N GLY D 108 -5.87 19.05 16.23
CA GLY D 108 -5.84 17.98 17.20
C GLY D 108 -5.05 18.24 18.47
N GLN D 109 -4.54 19.46 18.65
CA GLN D 109 -3.86 19.81 19.90
C GLN D 109 -4.80 19.59 21.08
N LYS D 110 -4.28 19.01 22.16
CA LYS D 110 -5.12 18.73 23.31
C LYS D 110 -5.00 19.78 24.40
N VAL D 111 -6.04 19.89 25.22
CA VAL D 111 -6.02 20.77 26.37
C VAL D 111 -5.03 20.25 27.41
N PRO D 112 -4.03 21.06 27.80
CA PRO D 112 -3.02 20.57 28.75
C PRO D 112 -3.51 20.59 30.19
N THR D 113 -3.20 19.57 30.98
CA THR D 113 -3.40 19.72 32.41
C THR D 113 -2.24 20.52 32.96
N LEU D 114 -2.45 21.17 34.11
CA LEU D 114 -1.40 21.94 34.76
C LEU D 114 -0.23 21.04 35.15
N GLU D 115 -0.54 19.86 35.64
CA GLU D 115 0.47 18.89 35.99
C GLU D 115 1.36 18.47 34.80
N GLU D 116 0.74 18.32 33.62
CA GLU D 116 1.49 17.97 32.40
C GLU D 116 2.48 19.08 32.01
N ILE D 117 2.04 20.31 32.18
CA ILE D 117 2.88 21.47 31.91
C ILE D 117 4.08 21.46 32.83
N PHE D 118 3.83 21.34 34.12
CA PHE D 118 4.89 21.30 35.13
C PHE D 118 5.84 20.15 34.90
N GLN D 119 5.32 19.00 34.48
CA GLN D 119 6.19 17.86 34.21
C GLN D 119 7.01 18.11 32.95
N LYS D 120 6.36 18.65 31.92
CA LYS D 120 7.08 18.87 30.66
C LYS D 120 8.26 19.84 30.79
N TYR D 121 8.07 20.98 31.44
CA TYR D 121 9.13 22.01 31.42
C TYR D 121 10.06 22.01 32.63
N GLY D 122 9.69 21.30 33.70
CA GLY D 122 10.51 21.25 34.89
C GLY D 122 10.73 22.64 35.49
N ARG D 123 11.98 22.94 35.83
CA ARG D 123 12.27 24.27 36.34
C ARG D 123 13.00 25.15 35.31
N SER D 124 12.81 24.85 34.02
CA SER D 124 13.29 25.71 32.95
C SER D 124 12.23 26.73 32.48
N MET D 125 11.09 26.76 33.16
CA MET D 125 10.06 27.73 32.87
C MET D 125 9.62 28.41 34.14
N LYS D 126 9.36 29.71 34.06
CA LYS D 126 8.71 30.42 35.15
C LYS D 126 7.24 30.63 34.77
N TYR D 127 6.34 30.54 35.75
CA TYR D 127 4.90 30.56 35.48
C TYR D 127 4.20 31.72 36.13
N TYR D 128 3.19 32.20 35.43
CA TYR D 128 2.42 33.37 35.83
C TYR D 128 0.97 32.93 35.76
N ILE D 129 0.42 32.49 36.89
CA ILE D 129 -0.82 31.70 36.89
C ILE D 129 -2.03 32.47 37.41
N GLU D 130 -3.10 32.48 36.62
CA GLU D 130 -4.30 33.23 36.99
C GLU D 130 -5.34 32.35 37.65
N THR D 131 -5.79 32.80 38.81
CA THR D 131 -6.78 32.07 39.57
C THR D 131 -8.14 32.74 39.47
N LYS D 132 -9.15 32.15 40.13
N LYS D 132 -9.13 32.15 40.15
CA LYS D 132 -10.55 32.59 40.02
CA LYS D 132 -10.53 32.59 40.09
C LYS D 132 -11.20 32.66 41.40
C LYS D 132 -11.06 32.89 41.49
N SER D 133 -12.27 33.45 41.52
CA SER D 133 -12.99 33.62 42.80
C SER D 133 -13.19 32.29 43.54
N PRO D 134 -12.97 32.30 44.87
CA PRO D 134 -12.90 31.08 45.70
C PRO D 134 -14.20 30.28 45.74
N ASP D 135 -15.29 30.86 45.23
CA ASP D 135 -16.60 30.20 45.26
C ASP D 135 -16.95 29.53 43.92
N VAL D 136 -16.39 30.06 42.83
CA VAL D 136 -16.60 29.51 41.50
C VAL D 136 -16.08 28.08 41.36
N TYR D 137 -14.85 27.87 41.84
CA TYR D 137 -14.21 26.56 41.92
C TYR D 137 -13.65 26.30 43.32
N PRO D 138 -14.50 25.98 44.32
CA PRO D 138 -14.03 25.78 45.70
C PRO D 138 -12.76 24.91 45.81
N GLY D 139 -11.77 25.41 46.53
CA GLY D 139 -10.56 24.67 46.78
C GLY D 139 -9.51 24.77 45.68
N MET D 140 -9.76 25.58 44.67
CA MET D 140 -8.83 25.73 43.55
C MET D 140 -7.47 26.23 44.07
N GLU D 141 -7.49 27.20 44.97
CA GLU D 141 -6.26 27.78 45.53
C GLU D 141 -5.41 26.73 46.24
N GLU D 142 -6.04 25.91 47.06
CA GLU D 142 -5.35 24.88 47.82
C GLU D 142 -4.85 23.77 46.91
N LYS D 143 -5.66 23.37 45.94
CA LYS D 143 -5.23 22.41 44.92
C LYS D 143 -4.00 22.93 44.19
N LEU D 144 -4.02 24.21 43.83
CA LEU D 144 -2.92 24.85 43.11
C LEU D 144 -1.64 24.91 43.94
N LEU D 145 -1.76 25.31 45.19
CA LEU D 145 -0.59 25.43 46.04
C LEU D 145 0.00 24.05 46.35
N ALA D 146 -0.84 23.03 46.47
CA ALA D 146 -0.35 21.67 46.63
C ALA D 146 0.50 21.26 45.43
N LEU D 147 0.06 21.63 44.24
CA LEU D 147 0.72 21.24 43.00
C LEU D 147 2.03 22.01 42.77
N LEU D 148 2.04 23.30 43.07
CA LEU D 148 3.28 24.08 43.00
C LEU D 148 4.33 23.52 43.96
N GLU D 149 3.89 23.12 45.14
CA GLU D 149 4.76 22.56 46.15
C GLU D 149 5.35 21.20 45.71
N LYS D 150 4.50 20.38 45.09
CA LYS D 150 4.91 19.07 44.57
C LYS D 150 5.98 19.14 43.47
N TYR D 151 5.97 20.22 42.70
CA TYR D 151 6.92 20.35 41.61
C TYR D 151 8.01 21.34 41.97
N ASN D 152 7.97 21.79 43.22
CA ASN D 152 9.01 22.66 43.77
C ASN D 152 9.05 24.03 43.14
N LEU D 153 7.91 24.53 42.69
CA LEU D 153 7.89 25.81 42.00
C LEU D 153 7.88 26.96 43.02
N ILE D 154 7.47 26.67 44.23
CA ILE D 154 7.54 27.64 45.33
C ILE D 154 8.88 27.54 46.04
N GLY D 155 9.64 28.63 46.05
CA GLY D 155 10.81 28.70 46.90
C GLY D 155 10.44 29.42 48.19
N GLN D 156 11.01 28.99 49.32
CA GLN D 156 10.81 29.72 50.59
C GLN D 156 11.24 31.18 50.40
N ASN D 157 12.37 31.36 49.73
CA ASN D 157 12.84 32.68 49.33
C ASN D 157 12.01 33.22 48.15
N MET D 158 11.27 34.30 48.41
CA MET D 158 10.42 34.94 47.40
C MET D 158 11.21 35.32 46.14
N SER D 159 12.52 35.46 46.31
CA SER D 159 13.44 35.79 45.23
C SER D 159 13.61 34.64 44.22
N SER D 160 13.72 33.41 44.73
CA SER D 160 13.99 32.23 43.90
C SER D 160 12.72 31.55 43.38
N SER D 161 11.68 32.34 43.17
CA SER D 161 10.39 31.79 42.79
C SER D 161 10.25 31.60 41.29
N ARG D 162 9.76 30.42 40.92
CA ARG D 162 9.45 30.08 39.56
C ARG D 162 7.99 30.41 39.24
N VAL D 163 7.32 31.15 40.11
CA VAL D 163 5.87 31.35 39.99
C VAL D 163 5.37 32.69 40.56
N MET D 164 4.54 33.39 39.78
CA MET D 164 3.76 34.53 40.29
C MET D 164 2.30 34.14 40.11
N ILE D 165 1.42 34.69 40.95
CA ILE D 165 0.00 34.40 40.83
C ILE D 165 -0.79 35.70 40.67
N GLN D 166 -1.80 35.65 39.81
CA GLN D 166 -2.58 36.82 39.46
C GLN D 166 -4.06 36.51 39.53
N SER D 167 -4.87 37.53 39.86
CA SER D 167 -6.30 37.34 39.84
C SER D 167 -7.01 38.68 39.77
N PHE D 168 -8.26 38.65 39.26
CA PHE D 168 -9.18 39.77 39.40
C PHE D 168 -9.77 39.79 40.80
N SER D 169 -9.79 38.63 41.46
CA SER D 169 -10.41 38.51 42.77
C SER D 169 -9.45 38.85 43.91
N LYS D 170 -9.71 39.98 44.56
CA LYS D 170 -8.99 40.38 45.76
C LYS D 170 -9.05 39.29 46.82
N ASP D 171 -10.23 38.68 46.95
CA ASP D 171 -10.46 37.65 47.95
C ASP D 171 -9.54 36.45 47.77
N SER D 172 -9.35 36.06 46.52
CA SER D 172 -8.52 34.92 46.20
C SER D 172 -7.04 35.17 46.53
N LEU D 173 -6.53 36.33 46.15
CA LEU D 173 -5.16 36.69 46.46
C LEU D 173 -4.94 36.73 47.98
N LYS D 174 -5.81 37.41 48.72
CA LYS D 174 -5.66 37.48 50.17
C LYS D 174 -5.68 36.09 50.83
N LYS D 175 -6.50 35.20 50.29
CA LYS D 175 -6.54 33.81 50.73
C LYS D 175 -5.21 33.09 50.48
N ILE D 176 -4.68 33.20 49.27
CA ILE D 176 -3.37 32.66 48.95
C ILE D 176 -2.29 33.31 49.81
N HIS D 177 -2.41 34.63 50.00
CA HIS D 177 -1.45 35.38 50.77
C HIS D 177 -1.34 34.90 52.20
N SER D 178 -2.47 34.51 52.80
CA SER D 178 -2.46 34.04 54.18
C SER D 178 -1.99 32.58 54.32
N ILE D 179 -1.99 31.85 53.20
CA ILE D 179 -1.46 30.49 53.20
C ILE D 179 0.07 30.52 53.01
N ASN D 180 0.54 31.38 52.13
CA ASN D 180 1.96 31.47 51.80
C ASN D 180 2.32 32.87 51.35
N LYS D 181 2.97 33.64 52.21
CA LYS D 181 3.21 35.04 51.87
C LYS D 181 4.47 35.23 51.00
N ASN D 182 5.07 34.12 50.58
CA ASN D 182 6.28 34.16 49.76
C ASN D 182 6.04 33.97 48.27
N ILE D 183 4.78 34.05 47.86
CA ILE D 183 4.43 33.98 46.45
C ILE D 183 4.02 35.37 45.99
N PRO D 184 4.71 35.89 44.97
CA PRO D 184 4.41 37.21 44.44
C PRO D 184 3.02 37.19 43.84
N LEU D 185 2.19 38.13 44.27
CA LEU D 185 0.81 38.18 43.78
C LEU D 185 0.58 39.45 43.02
N VAL D 186 -0.20 39.36 41.95
CA VAL D 186 -0.56 40.53 41.18
C VAL D 186 -2.06 40.68 41.08
N GLN D 187 -2.54 41.86 41.44
CA GLN D 187 -3.95 42.21 41.36
C GLN D 187 -4.29 42.72 39.95
N LEU D 188 -5.10 41.97 39.21
CA LEU D 188 -5.54 42.43 37.89
C LEU D 188 -6.63 43.48 38.06
N LEU D 189 -6.59 44.49 37.21
CA LEU D 189 -7.61 45.52 37.18
C LEU D 189 -8.20 45.63 35.78
N TRP D 190 -9.51 45.87 35.70
CA TRP D 190 -10.12 46.14 34.42
C TRP D 190 -10.97 47.41 34.45
N TYR D 191 -10.52 48.43 33.73
CA TYR D 191 -11.26 49.69 33.63
C TYR D 191 -12.05 49.77 32.34
N TYR D 192 -13.27 50.29 32.44
CA TYR D 192 -14.17 50.34 31.31
C TYR D 192 -15.23 51.42 31.55
N PRO D 193 -15.75 52.01 30.47
CA PRO D 193 -16.89 52.93 30.57
C PRO D 193 -18.19 52.17 30.75
N ASN D 194 -18.98 52.52 31.77
CA ASN D 194 -20.27 51.88 31.98
C ASN D 194 -21.37 52.52 31.12
N GLU D 195 -22.63 52.23 31.46
CA GLU D 195 -23.75 52.68 30.67
C GLU D 195 -23.94 54.19 30.70
N ASN D 196 -23.31 54.85 31.67
CA ASN D 196 -23.36 56.31 31.74
C ASN D 196 -22.11 56.93 31.17
N ASN D 197 -21.27 56.09 30.57
CA ASN D 197 -19.94 56.48 30.10
C ASN D 197 -19.02 57.04 31.18
N GLU D 198 -19.30 56.71 32.43
CA GLU D 198 -18.35 57.00 33.49
C GLU D 198 -17.45 55.78 33.68
N ILE D 199 -16.14 56.01 33.66
CA ILE D 199 -15.17 54.93 33.74
C ILE D 199 -15.10 54.35 35.15
N VAL D 200 -15.17 53.03 35.27
CA VAL D 200 -15.13 52.36 36.56
C VAL D 200 -14.21 51.15 36.49
N GLU D 201 -13.74 50.70 37.66
CA GLU D 201 -12.96 49.48 37.77
C GLU D 201 -13.92 48.35 38.05
N TRP D 202 -13.78 47.24 37.31
CA TRP D 202 -14.59 46.04 37.47
C TRP D 202 -15.01 45.66 38.90
N SER D 203 -14.06 45.61 39.83
CA SER D 203 -14.33 45.17 41.19
C SER D 203 -14.39 46.32 42.20
N GLY D 204 -14.28 47.55 41.72
CA GLY D 204 -14.26 48.70 42.61
C GLY D 204 -12.98 48.83 43.42
N ILE D 205 -11.94 48.11 43.02
CA ILE D 205 -10.70 48.06 43.78
C ILE D 205 -9.92 49.40 43.76
N THR D 206 -10.11 50.20 42.71
CA THR D 206 -9.57 51.57 42.67
C THR D 206 -10.60 52.53 42.10
N HIS D 207 -10.36 53.84 42.22
CA HIS D 207 -11.09 54.83 41.41
C HIS D 207 -10.81 54.67 39.91
N GLU D 208 -11.54 55.40 39.07
CA GLU D 208 -11.14 55.56 37.67
C GLU D 208 -9.71 56.11 37.61
N PRO D 209 -8.94 55.73 36.59
CA PRO D 209 -7.51 56.05 36.55
C PRO D 209 -7.18 57.54 36.69
N LYS D 210 -8.08 58.43 36.30
CA LYS D 210 -7.81 59.86 36.42
C LYS D 210 -7.98 60.36 37.85
N ARG D 211 -8.62 59.55 38.69
N ARG D 211 -8.62 59.57 38.69
CA ARG D 211 -8.92 59.98 40.05
CA ARG D 211 -8.88 60.00 40.06
C ARG D 211 -8.33 59.05 41.12
C ARG D 211 -8.33 59.05 41.12
N VAL D 212 -7.41 58.16 40.74
CA VAL D 212 -6.84 57.18 41.69
C VAL D 212 -6.12 57.90 42.83
N THR D 213 -6.10 57.25 43.99
CA THR D 213 -5.55 57.80 45.24
C THR D 213 -4.41 56.93 45.76
N ASN D 214 -3.59 57.46 46.66
CA ASN D 214 -2.51 56.65 47.22
C ASN D 214 -3.05 55.48 48.04
N ASP D 215 -4.15 55.71 48.75
CA ASP D 215 -4.85 54.67 49.50
C ASP D 215 -5.27 53.49 48.61
N ASP D 216 -5.72 53.78 47.39
CA ASP D 216 -6.07 52.73 46.44
C ASP D 216 -4.93 51.73 46.25
N PHE D 217 -3.73 52.25 46.10
CA PHE D 217 -2.61 51.37 45.84
C PHE D 217 -2.00 50.78 47.10
N GLN D 218 -2.05 51.51 48.21
CA GLN D 218 -1.51 50.97 49.46
C GLN D 218 -2.36 49.83 50.04
N GLU D 219 -3.67 49.87 49.80
CA GLU D 219 -4.51 48.71 50.11
C GLU D 219 -4.11 47.48 49.30
N ILE D 220 -3.84 47.66 48.01
CA ILE D 220 -3.47 46.55 47.15
C ILE D 220 -2.15 45.97 47.63
N LYS D 221 -1.27 46.87 48.04
CA LYS D 221 0.07 46.51 48.48
C LYS D 221 0.10 45.67 49.76
N LYS D 222 -1.03 45.60 50.46
CA LYS D 222 -1.11 44.78 51.66
C LYS D 222 -1.10 43.29 51.34
N TYR D 223 -1.50 42.91 50.14
CA TYR D 223 -1.50 41.51 49.76
C TYR D 223 -0.75 41.25 48.43
N ALA D 224 -0.52 42.28 47.63
CA ALA D 224 0.08 42.08 46.29
C ALA D 224 1.32 42.94 46.04
N VAL D 225 2.19 42.49 45.14
CA VAL D 225 3.41 43.24 44.79
C VAL D 225 3.23 44.09 43.54
N GLY D 226 2.17 43.84 42.79
CA GLY D 226 1.93 44.59 41.57
C GLY D 226 0.49 44.59 41.10
N ILE D 227 0.26 45.36 40.04
CA ILE D 227 -1.05 45.45 39.40
C ILE D 227 -0.92 45.15 37.93
N GLY D 228 -2.00 44.64 37.34
CA GLY D 228 -2.07 44.34 35.93
C GLY D 228 -3.31 44.99 35.39
N PRO D 229 -3.20 46.26 34.97
CA PRO D 229 -4.31 47.01 34.37
C PRO D 229 -4.35 46.89 32.85
N ASN D 230 -5.50 47.14 32.26
CA ASN D 230 -5.59 47.24 30.81
C ASN D 230 -5.12 48.62 30.31
N LEU D 231 -4.40 48.61 29.21
CA LEU D 231 -3.93 49.86 28.62
C LEU D 231 -5.07 50.60 27.91
N ARG D 232 -5.92 49.84 27.22
CA ARG D 232 -6.94 50.44 26.37
C ARG D 232 -8.32 49.85 26.66
N ASN D 233 -9.38 50.58 26.32
CA ASN D 233 -10.72 50.01 26.43
C ASN D 233 -11.07 49.14 25.21
N ASP D 234 -12.28 48.58 25.18
CA ASP D 234 -12.67 47.67 24.10
C ASP D 234 -12.72 48.36 22.73
N ASN D 235 -12.88 49.68 22.75
CA ASN D 235 -12.92 50.43 21.51
C ASN D 235 -11.53 50.92 21.07
N GLY D 236 -10.50 50.61 21.86
CA GLY D 236 -9.13 50.91 21.48
C GLY D 236 -8.55 52.25 21.92
N ASP D 237 -9.30 53.02 22.71
CA ASP D 237 -8.78 54.27 23.26
C ASP D 237 -7.96 54.00 24.54
N LEU D 238 -6.96 54.84 24.79
CA LEU D 238 -6.20 54.75 26.03
C LEU D 238 -7.12 54.93 27.22
N ILE D 239 -6.95 54.13 28.26
CA ILE D 239 -7.83 54.32 29.40
C ILE D 239 -7.03 54.56 30.68
N ILE D 240 -5.71 54.35 30.64
CA ILE D 240 -4.80 54.78 31.72
C ILE D 240 -3.73 55.74 31.17
N ASN D 241 -3.08 56.49 32.06
CA ASN D 241 -2.15 57.52 31.63
C ASN D 241 -0.83 57.43 32.38
N GLU D 242 0.16 58.19 31.92
CA GLU D 242 1.45 58.25 32.59
C GLU D 242 1.29 58.63 34.06
N SER D 243 0.36 59.52 34.34
CA SER D 243 0.21 60.00 35.71
C SER D 243 -0.32 58.90 36.64
N TYR D 244 -1.14 58.01 36.10
CA TYR D 244 -1.59 56.83 36.85
C TYR D 244 -0.41 55.89 37.15
N MET D 245 0.44 55.67 36.13
CA MET D 245 1.62 54.83 36.27
C MET D 245 2.59 55.40 37.32
N LYS D 246 2.76 56.72 37.35
CA LYS D 246 3.63 57.34 38.35
C LYS D 246 3.09 57.12 39.76
N MET D 247 1.78 57.22 39.92
CA MET D 247 1.14 57.04 41.23
C MET D 247 1.26 55.59 41.73
N ALA D 248 1.10 54.61 40.83
CA ALA D 248 1.27 53.22 41.22
C ALA D 248 2.74 52.92 41.60
N ARG D 249 3.67 53.49 40.85
CA ARG D 249 5.10 53.29 41.12
C ARG D 249 5.56 53.91 42.45
N GLN D 250 5.06 55.10 42.77
CA GLN D 250 5.48 55.73 44.01
C GLN D 250 4.89 55.01 45.23
N ASN D 251 4.06 54.01 44.99
CA ASN D 251 3.50 53.26 46.09
C ASN D 251 4.10 51.86 46.13
N GLY D 252 5.20 51.68 45.39
CA GLY D 252 5.97 50.45 45.44
C GLY D 252 5.38 49.25 44.70
N LEU D 253 4.48 49.50 43.77
CA LEU D 253 3.87 48.43 42.99
C LEU D 253 4.58 48.22 41.66
N LEU D 254 4.80 46.97 41.31
CA LEU D 254 5.10 46.60 39.93
C LEU D 254 3.83 46.84 39.09
N ILE D 255 4.01 47.01 37.78
CA ILE D 255 2.90 47.25 36.87
C ILE D 255 3.09 46.45 35.60
N HIS D 256 2.14 45.56 35.34
CA HIS D 256 2.16 44.67 34.17
C HIS D 256 0.90 44.86 33.32
N PRO D 257 0.91 45.81 32.38
CA PRO D 257 -0.30 46.03 31.59
C PRO D 257 -0.56 44.94 30.56
N TYR D 258 -1.79 44.87 30.07
CA TYR D 258 -2.22 43.85 29.13
C TYR D 258 -3.23 44.47 28.17
N THR D 259 -3.43 43.93 26.98
CA THR D 259 -2.56 42.96 26.33
C THR D 259 -1.89 43.71 25.19
N ILE D 260 -0.57 43.80 25.24
CA ILE D 260 0.17 44.71 24.36
C ILE D 260 0.84 43.94 23.23
N ASN D 261 0.33 44.09 22.03
CA ASN D 261 0.84 43.30 20.90
C ASN D 261 1.47 44.15 19.81
N GLU D 262 1.28 45.45 19.90
CA GLU D 262 1.80 46.36 18.88
C GLU D 262 3.01 47.11 19.41
N LYS D 263 4.08 47.12 18.62
CA LYS D 263 5.33 47.71 19.08
C LYS D 263 5.20 49.16 19.55
N PRO D 264 4.41 50.00 18.84
CA PRO D 264 4.30 51.38 19.35
C PRO D 264 3.72 51.47 20.76
N ASP D 265 2.75 50.62 21.09
CA ASP D 265 2.26 50.58 22.47
C ASP D 265 3.29 50.02 23.46
N MET D 266 4.14 49.10 23.00
CA MET D 266 5.20 48.59 23.88
C MET D 266 6.18 49.72 24.22
N ARG D 267 6.48 50.58 23.24
CA ARG D 267 7.43 51.67 23.48
C ARG D 267 6.82 52.73 24.38
N LEU D 268 5.51 52.95 24.24
CA LEU D 268 4.83 53.91 25.10
C LEU D 268 4.88 53.48 26.58
N LEU D 269 4.69 52.18 26.84
CA LEU D 269 4.72 51.69 28.21
C LEU D 269 6.14 51.64 28.80
N MET D 270 7.15 51.37 27.98
CA MET D 270 8.54 51.54 28.42
C MET D 270 8.77 52.97 28.92
N LYS D 271 8.31 53.96 28.14
CA LYS D 271 8.49 55.36 28.49
C LYS D 271 7.74 55.74 29.78
N TRP D 272 6.57 55.14 30.01
CA TRP D 272 5.76 55.41 31.21
C TRP D 272 6.19 54.62 32.46
N GLY D 273 7.14 53.70 32.31
CA GLY D 273 7.68 52.99 33.46
C GLY D 273 7.02 51.67 33.86
N ALA D 274 6.43 50.96 32.90
CA ALA D 274 5.96 49.61 33.14
C ALA D 274 7.13 48.68 33.45
N THR D 275 6.91 47.70 34.30
CA THR D 275 7.98 46.81 34.71
C THR D 275 7.77 45.43 34.11
N GLY D 276 6.76 45.31 33.25
CA GLY D 276 6.51 44.09 32.52
C GLY D 276 5.27 44.29 31.69
N MET D 277 4.98 43.35 30.79
CA MET D 277 3.80 43.40 29.92
C MET D 277 3.29 42.02 29.59
N PHE D 278 1.97 41.90 29.44
CA PHE D 278 1.37 40.70 28.84
C PHE D 278 1.30 40.90 27.35
N THR D 279 1.86 39.97 26.59
CA THR D 279 1.82 40.08 25.13
C THR D 279 1.58 38.74 24.48
N ASN D 280 0.94 38.77 23.32
CA ASN D 280 0.76 37.55 22.54
C ASN D 280 1.99 37.31 21.68
N TYR D 281 2.87 38.31 21.64
CA TYR D 281 4.06 38.27 20.79
C TYR D 281 5.35 38.53 21.59
N PRO D 282 5.81 37.55 22.37
CA PRO D 282 7.05 37.70 23.14
C PRO D 282 8.24 38.10 22.27
N ASP D 283 8.31 37.56 21.06
CA ASP D 283 9.35 37.91 20.11
C ASP D 283 9.39 39.42 19.85
N ARG D 284 8.23 40.04 19.66
CA ARG D 284 8.18 41.47 19.39
C ARG D 284 8.66 42.29 20.58
N LEU D 285 8.29 41.85 21.78
CA LEU D 285 8.65 42.60 22.99
C LEU D 285 10.12 42.45 23.29
N HIS D 286 10.67 41.27 23.00
CA HIS D 286 12.08 41.08 23.19
C HIS D 286 12.86 42.04 22.30
N THR D 287 12.40 42.18 21.05
CA THR D 287 13.04 43.10 20.11
C THR D 287 13.00 44.53 20.62
N VAL D 288 11.84 44.96 21.08
CA VAL D 288 11.68 46.32 21.57
C VAL D 288 12.52 46.58 22.83
N LEU D 289 12.72 45.56 23.67
CA LEU D 289 13.59 45.73 24.84
C LEU D 289 15.02 46.06 24.43
N LYS D 290 15.47 45.51 23.31
CA LYS D 290 16.87 45.65 22.92
C LYS D 290 17.22 46.99 22.26
N GLU D 291 16.37 48.00 22.37
CA GLU D 291 16.69 49.29 21.74
C GLU D 291 16.63 50.46 22.71
N ASN E 12 -0.24 -30.33 28.83
CA ASN E 12 -1.04 -29.64 29.84
C ASN E 12 -1.81 -28.45 29.25
N LYS E 13 -1.67 -27.29 29.88
CA LYS E 13 -2.42 -26.10 29.48
C LYS E 13 -1.96 -25.57 28.13
N ASN E 14 -0.67 -25.70 27.86
CA ASN E 14 -0.08 -25.21 26.60
C ASN E 14 0.28 -26.34 25.63
N LYS E 15 -0.36 -27.50 25.81
CA LYS E 15 -0.25 -28.62 24.89
C LYS E 15 -0.60 -28.22 23.45
N PHE E 16 0.20 -28.66 22.50
CA PHE E 16 0.09 -28.21 21.12
C PHE E 16 -1.13 -28.78 20.38
N LEU E 17 -1.84 -27.91 19.66
CA LEU E 17 -3.04 -28.35 18.95
C LEU E 17 -2.89 -28.29 17.43
N ASN E 18 -3.04 -29.45 16.80
CA ASN E 18 -3.11 -29.58 15.37
C ASN E 18 -4.56 -29.41 14.94
N ILE E 19 -4.89 -28.24 14.39
CA ILE E 19 -6.27 -27.91 14.04
C ILE E 19 -6.54 -28.00 12.54
N ALA E 20 -7.37 -28.96 12.16
CA ALA E 20 -7.69 -29.18 10.76
C ALA E 20 -8.69 -28.13 10.26
N HIS E 21 -8.18 -27.14 9.54
CA HIS E 21 -8.95 -26.03 8.99
C HIS E 21 -10.02 -26.51 7.98
N ARG E 22 -11.27 -26.54 8.41
CA ARG E 22 -12.37 -27.01 7.56
C ARG E 22 -12.17 -28.48 7.17
N GLY E 23 -11.58 -29.28 8.06
CA GLY E 23 -11.25 -30.65 7.72
C GLY E 23 -9.86 -30.71 7.13
N ALA E 24 -9.55 -31.78 6.40
CA ALA E 24 -8.30 -31.84 5.63
C ALA E 24 -8.55 -31.19 4.27
N SER E 25 -8.90 -29.90 4.31
CA SER E 25 -9.35 -29.17 3.14
C SER E 25 -8.25 -29.05 2.09
N GLY E 26 -7.02 -29.36 2.47
CA GLY E 26 -5.91 -29.43 1.54
C GLY E 26 -5.99 -30.65 0.62
N HIS E 27 -6.74 -31.66 1.05
CA HIS E 27 -6.74 -32.94 0.37
C HIS E 27 -8.09 -33.21 -0.29
N ALA E 28 -9.10 -32.52 0.20
CA ALA E 28 -10.47 -32.86 -0.08
C ALA E 28 -11.33 -31.63 0.10
N PRO E 29 -12.49 -31.57 -0.56
CA PRO E 29 -13.32 -30.36 -0.52
C PRO E 29 -13.67 -29.96 0.90
N GLU E 30 -13.41 -28.70 1.24
CA GLU E 30 -13.68 -28.20 2.57
C GLU E 30 -15.10 -28.45 3.05
N HIS E 31 -15.26 -28.68 4.35
CA HIS E 31 -16.57 -28.86 4.98
C HIS E 31 -17.44 -29.86 4.24
N THR E 32 -16.86 -31.01 3.94
CA THR E 32 -17.58 -32.17 3.44
C THR E 32 -17.11 -33.34 4.27
N PHE E 33 -17.87 -34.42 4.26
CA PHE E 33 -17.43 -35.60 4.97
C PHE E 33 -16.18 -36.20 4.34
N ALA E 34 -16.00 -35.99 3.05
CA ALA E 34 -14.75 -36.40 2.41
C ALA E 34 -13.57 -35.71 3.10
N SER E 35 -13.76 -34.45 3.48
CA SER E 35 -12.75 -33.68 4.18
C SER E 35 -12.62 -34.12 5.64
N TYR E 36 -13.73 -34.23 6.34
CA TYR E 36 -13.74 -34.61 7.75
C TYR E 36 -13.21 -36.01 8.02
N ASP E 37 -13.44 -36.96 7.12
CA ASP E 37 -13.12 -38.36 7.40
C ASP E 37 -11.61 -38.63 7.47
N LEU E 38 -10.81 -37.76 6.86
CA LEU E 38 -9.35 -37.92 6.81
C LEU E 38 -8.66 -37.46 8.08
N VAL E 39 -9.40 -36.70 8.88
CA VAL E 39 -8.83 -35.90 9.96
C VAL E 39 -8.29 -36.74 11.12
N LYS E 40 -9.02 -37.78 11.49
CA LYS E 40 -8.63 -38.64 12.60
C LYS E 40 -7.31 -39.35 12.34
N LYS E 41 -7.19 -40.00 11.18
CA LYS E 41 -5.97 -40.75 10.86
C LYS E 41 -4.78 -39.83 10.52
N MET E 42 -5.05 -38.60 10.10
CA MET E 42 -3.97 -37.62 9.93
C MET E 42 -3.51 -37.03 11.27
N LYS E 43 -4.16 -37.46 12.35
CA LYS E 43 -3.79 -37.14 13.73
C LYS E 43 -4.05 -35.68 14.13
N ALA E 44 -5.09 -35.08 13.57
CA ALA E 44 -5.50 -33.74 14.00
C ALA E 44 -6.05 -33.80 15.41
N ASP E 45 -5.93 -32.71 16.16
CA ASP E 45 -6.49 -32.67 17.50
C ASP E 45 -7.92 -32.13 17.45
N TYR E 46 -8.15 -31.16 16.58
CA TYR E 46 -9.44 -30.48 16.51
C TYR E 46 -9.90 -30.42 15.07
N LEU E 47 -11.20 -30.58 14.88
CA LEU E 47 -11.83 -30.31 13.61
C LEU E 47 -12.43 -28.90 13.64
N GLU E 48 -11.96 -28.02 12.77
CA GLU E 48 -12.41 -26.63 12.75
C GLU E 48 -13.66 -26.49 11.88
N LEU E 49 -14.70 -25.86 12.43
CA LEU E 49 -16.00 -25.75 11.78
C LEU E 49 -16.53 -24.33 11.70
N ASP E 50 -16.98 -23.94 10.51
CA ASP E 50 -17.67 -22.65 10.31
C ASP E 50 -19.13 -22.99 10.13
N ILE E 51 -20.01 -22.20 10.75
CA ILE E 51 -21.43 -22.52 10.73
C ILE E 51 -22.30 -21.40 10.18
N GLN E 52 -23.34 -21.78 9.45
CA GLN E 52 -24.36 -20.84 8.97
C GLN E 52 -25.72 -21.36 9.38
N LEU E 53 -26.73 -20.49 9.31
CA LEU E 53 -28.07 -20.82 9.76
C LEU E 53 -29.05 -20.76 8.60
N THR E 54 -29.59 -21.91 8.21
CA THR E 54 -30.53 -21.97 7.08
C THR E 54 -31.83 -21.28 7.43
N LYS E 55 -32.64 -21.02 6.41
CA LYS E 55 -33.94 -20.36 6.57
C LYS E 55 -34.83 -21.06 7.60
N ASP E 56 -34.84 -22.39 7.59
CA ASP E 56 -35.66 -23.13 8.52
C ASP E 56 -34.91 -23.49 9.82
N GLY E 57 -33.89 -22.70 10.16
CA GLY E 57 -33.30 -22.75 11.50
C GLY E 57 -32.37 -23.91 11.77
N GLN E 58 -31.65 -24.35 10.73
CA GLN E 58 -30.69 -25.43 10.87
C GLN E 58 -29.26 -24.92 10.73
N LEU E 59 -28.36 -25.49 11.52
CA LEU E 59 -26.97 -25.12 11.49
C LEU E 59 -26.20 -26.04 10.53
N ILE E 60 -25.58 -25.44 9.52
CA ILE E 60 -24.76 -26.19 8.59
C ILE E 60 -23.31 -25.74 8.66
N ALA E 61 -22.44 -26.56 8.09
CA ALA E 61 -21.04 -26.26 7.98
C ALA E 61 -20.69 -25.66 6.61
N MET E 62 -20.39 -24.37 6.57
CA MET E 62 -20.06 -23.67 5.33
C MET E 62 -19.36 -22.38 5.73
N HIS E 63 -18.27 -22.01 5.05
CA HIS E 63 -17.50 -20.85 5.49
C HIS E 63 -18.15 -19.52 5.11
N ASP E 64 -18.55 -19.39 3.84
CA ASP E 64 -19.20 -18.18 3.35
C ASP E 64 -20.70 -18.20 3.66
N THR E 65 -21.32 -17.02 3.73
CA THR E 65 -22.74 -16.94 3.97
C THR E 65 -23.52 -17.24 2.69
N ALA E 66 -22.84 -17.12 1.54
CA ALA E 66 -23.42 -17.51 0.27
C ALA E 66 -22.84 -18.84 -0.21
N VAL E 67 -23.66 -19.63 -0.89
CA VAL E 67 -23.25 -20.96 -1.33
C VAL E 67 -22.36 -20.97 -2.60
N ASP E 68 -22.10 -19.80 -3.18
CA ASP E 68 -21.49 -19.70 -4.51
C ASP E 68 -20.09 -20.31 -4.66
N ARG E 69 -19.19 -20.00 -3.73
CA ARG E 69 -17.82 -20.45 -3.88
C ARG E 69 -17.67 -21.98 -3.89
N THR E 70 -18.38 -22.67 -2.99
CA THR E 70 -18.13 -24.09 -2.78
C THR E 70 -19.25 -25.01 -3.24
N THR E 71 -20.21 -24.49 -4.01
CA THR E 71 -21.26 -25.35 -4.59
C THR E 71 -21.63 -24.93 -6.00
N ASN E 72 -22.54 -25.68 -6.61
CA ASN E 72 -23.02 -25.39 -7.96
C ASN E 72 -24.31 -24.56 -7.97
N GLY E 73 -24.74 -24.13 -6.79
CA GLY E 73 -25.86 -23.22 -6.67
C GLY E 73 -25.41 -21.79 -6.41
N THR E 74 -26.37 -20.93 -6.10
CA THR E 74 -26.08 -19.51 -5.94
C THR E 74 -27.05 -18.92 -4.91
N GLY E 75 -26.60 -17.93 -4.14
CA GLY E 75 -27.44 -17.26 -3.16
C GLY E 75 -27.00 -17.47 -1.71
N GLU E 76 -27.65 -16.73 -0.81
CA GLU E 76 -27.37 -16.76 0.63
C GLU E 76 -28.01 -17.95 1.34
N VAL E 77 -27.29 -18.48 2.33
CA VAL E 77 -27.79 -19.60 3.11
C VAL E 77 -29.10 -19.26 3.85
N ARG E 78 -29.19 -18.04 4.38
CA ARG E 78 -30.34 -17.65 5.20
C ARG E 78 -31.63 -17.65 4.38
N ASP E 79 -31.51 -17.65 3.06
CA ASP E 79 -32.68 -17.61 2.18
C ASP E 79 -33.10 -19.00 1.73
N LYS E 80 -32.40 -20.02 2.22
CA LYS E 80 -32.58 -21.39 1.75
C LYS E 80 -32.92 -22.38 2.86
N THR E 81 -33.87 -23.26 2.58
CA THR E 81 -34.15 -24.38 3.49
C THR E 81 -33.05 -25.44 3.40
N LEU E 82 -32.95 -26.26 4.44
CA LEU E 82 -31.93 -27.31 4.51
C LEU E 82 -32.01 -28.26 3.31
N SER E 83 -33.24 -28.57 2.90
CA SER E 83 -33.45 -29.51 1.82
C SER E 83 -32.92 -28.95 0.48
N GLU E 84 -33.02 -27.63 0.29
CA GLU E 84 -32.49 -27.01 -0.92
C GLU E 84 -30.97 -27.03 -0.90
N ILE E 85 -30.40 -26.81 0.29
CA ILE E 85 -28.96 -26.85 0.45
C ILE E 85 -28.44 -28.24 0.10
N LYS E 86 -29.20 -29.24 0.53
CA LYS E 86 -28.83 -30.65 0.38
C LYS E 86 -28.89 -31.10 -1.07
N SER E 87 -29.58 -30.34 -1.91
CA SER E 87 -29.64 -30.69 -3.32
C SER E 87 -28.46 -30.08 -4.07
N LEU E 88 -27.57 -29.44 -3.34
CA LEU E 88 -26.40 -28.86 -3.98
C LEU E 88 -25.23 -29.83 -4.01
N ASP E 89 -24.38 -29.67 -5.00
CA ASP E 89 -23.10 -30.37 -5.08
C ASP E 89 -22.02 -29.51 -4.41
N ALA E 90 -21.43 -30.01 -3.33
CA ALA E 90 -20.50 -29.22 -2.56
C ALA E 90 -19.06 -29.74 -2.68
N GLY E 91 -18.81 -30.50 -3.73
CA GLY E 91 -17.52 -31.15 -3.88
C GLY E 91 -16.87 -30.93 -5.23
N SER E 92 -17.67 -30.76 -6.27
CA SER E 92 -17.15 -30.73 -7.64
C SER E 92 -16.30 -29.51 -7.93
N TRP E 93 -16.67 -28.37 -7.35
CA TRP E 93 -15.92 -27.15 -7.51
C TRP E 93 -14.45 -27.44 -7.22
N PHE E 94 -14.22 -28.31 -6.24
CA PHE E 94 -12.87 -28.67 -5.80
C PHE E 94 -12.11 -29.38 -6.93
N ASN E 95 -12.77 -30.35 -7.57
CA ASN E 95 -12.14 -31.06 -8.67
C ASN E 95 -11.75 -30.15 -9.83
N LYS E 96 -12.59 -29.17 -10.13
CA LYS E 96 -12.33 -28.27 -11.26
C LYS E 96 -11.25 -27.27 -10.92
N ALA E 97 -11.29 -26.79 -9.69
CA ALA E 97 -10.34 -25.81 -9.19
C ALA E 97 -8.94 -26.41 -9.07
N TYR E 98 -8.89 -27.66 -8.61
CA TYR E 98 -7.63 -28.34 -8.33
C TYR E 98 -7.51 -29.71 -9.02
N PRO E 99 -7.35 -29.70 -10.35
CA PRO E 99 -7.21 -30.96 -11.10
C PRO E 99 -6.16 -31.89 -10.49
N GLU E 100 -5.10 -31.30 -9.93
CA GLU E 100 -3.98 -32.05 -9.39
C GLU E 100 -4.32 -32.91 -8.16
N LYS E 101 -5.49 -32.74 -7.57
CA LYS E 101 -5.90 -33.62 -6.47
C LYS E 101 -7.38 -34.01 -6.55
N ALA E 102 -7.91 -34.00 -7.76
CA ALA E 102 -9.29 -34.42 -7.98
C ALA E 102 -9.51 -35.90 -7.68
N LYS E 103 -10.71 -36.22 -7.22
CA LYS E 103 -11.14 -37.59 -7.02
C LYS E 103 -12.62 -37.69 -7.39
N GLN E 104 -12.98 -38.74 -8.11
CA GLN E 104 -14.36 -38.94 -8.55
C GLN E 104 -15.33 -39.02 -7.36
N GLU E 105 -14.88 -39.56 -6.24
CA GLU E 105 -15.75 -39.65 -5.08
C GLU E 105 -16.13 -38.29 -4.49
N TYR E 106 -15.49 -37.21 -4.95
CA TYR E 106 -15.78 -35.87 -4.43
C TYR E 106 -16.98 -35.27 -5.12
N VAL E 107 -17.33 -35.80 -6.28
CA VAL E 107 -18.51 -35.37 -7.02
C VAL E 107 -19.82 -35.72 -6.30
N GLY E 108 -20.59 -34.71 -5.94
CA GLY E 108 -21.85 -34.89 -5.26
C GLY E 108 -21.80 -34.90 -3.75
N GLN E 109 -20.64 -34.58 -3.16
CA GLN E 109 -20.57 -34.40 -1.74
C GLN E 109 -21.63 -33.40 -1.33
N LYS E 110 -22.37 -33.72 -0.28
CA LYS E 110 -23.38 -32.80 0.21
C LYS E 110 -22.89 -31.94 1.38
N VAL E 111 -23.51 -30.76 1.54
CA VAL E 111 -23.23 -29.93 2.71
C VAL E 111 -23.68 -30.63 3.98
N PRO E 112 -22.81 -30.67 5.00
CA PRO E 112 -23.21 -31.33 6.25
C PRO E 112 -23.96 -30.42 7.20
N THR E 113 -24.90 -30.98 7.94
CA THR E 113 -25.42 -30.26 9.11
C THR E 113 -24.48 -30.52 10.28
N LEU E 114 -24.44 -29.58 11.22
CA LEU E 114 -23.59 -29.73 12.38
C LEU E 114 -24.00 -30.98 13.17
N GLU E 115 -25.29 -31.24 13.24
CA GLU E 115 -25.81 -32.42 13.92
C GLU E 115 -25.26 -33.73 13.32
N GLU E 116 -25.24 -33.82 12.00
CA GLU E 116 -24.75 -35.01 11.30
C GLU E 116 -23.29 -35.30 11.61
N ILE E 117 -22.51 -34.24 11.83
CA ILE E 117 -21.12 -34.37 12.20
C ILE E 117 -21.00 -34.95 13.61
N PHE E 118 -21.80 -34.43 14.53
CA PHE E 118 -21.76 -34.89 15.92
C PHE E 118 -22.19 -36.34 16.00
N GLN E 119 -23.16 -36.70 15.19
CA GLN E 119 -23.67 -38.07 15.20
C GLN E 119 -22.62 -39.03 14.66
N LYS E 120 -21.84 -38.57 13.70
CA LYS E 120 -20.87 -39.44 13.06
C LYS E 120 -19.63 -39.70 13.91
N TYR E 121 -19.11 -38.65 14.55
CA TYR E 121 -17.81 -38.75 15.20
C TYR E 121 -17.91 -38.81 16.71
N GLY E 122 -18.99 -38.27 17.26
CA GLY E 122 -19.20 -38.31 18.69
C GLY E 122 -18.05 -37.72 19.50
N ARG E 123 -17.66 -38.42 20.56
CA ARG E 123 -16.60 -37.95 21.42
C ARG E 123 -15.23 -38.39 20.93
N SER E 124 -15.14 -38.86 19.69
CA SER E 124 -13.86 -39.31 19.17
C SER E 124 -13.16 -38.20 18.39
N MET E 125 -13.76 -37.02 18.37
CA MET E 125 -13.14 -35.85 17.78
C MET E 125 -13.38 -34.65 18.69
N LYS E 126 -12.47 -33.69 18.66
CA LYS E 126 -12.72 -32.41 19.31
C LYS E 126 -13.14 -31.40 18.28
N TYR E 127 -13.97 -30.45 18.68
CA TYR E 127 -14.54 -29.51 17.73
C TYR E 127 -14.12 -28.09 18.05
N TYR E 128 -13.72 -27.38 17.00
CA TYR E 128 -13.29 -25.98 17.07
C TYR E 128 -14.27 -25.16 16.22
N ILE E 129 -15.26 -24.56 16.86
CA ILE E 129 -16.45 -24.06 16.16
C ILE E 129 -16.56 -22.54 16.08
N GLU E 130 -16.73 -22.00 14.87
CA GLU E 130 -16.73 -20.55 14.66
C GLU E 130 -18.12 -19.92 14.64
N THR E 131 -18.30 -18.82 15.36
CA THR E 131 -19.56 -18.08 15.35
C THR E 131 -19.37 -16.70 14.71
N LYS E 132 -20.49 -16.08 14.29
CA LYS E 132 -20.49 -14.74 13.70
C LYS E 132 -20.94 -13.68 14.70
N SER E 133 -20.98 -12.42 14.27
CA SER E 133 -21.55 -11.36 15.11
C SER E 133 -23.01 -11.70 15.43
N PRO E 134 -23.45 -11.42 16.67
CA PRO E 134 -24.76 -11.85 17.20
C PRO E 134 -25.96 -11.58 16.28
N ASP E 135 -25.85 -10.58 15.40
CA ASP E 135 -26.98 -10.14 14.59
C ASP E 135 -27.01 -10.72 13.17
N VAL E 136 -25.87 -11.19 12.67
CA VAL E 136 -25.80 -11.82 11.35
C VAL E 136 -26.76 -13.01 11.26
N TYR E 137 -26.81 -13.79 12.33
CA TYR E 137 -27.78 -14.88 12.47
C TYR E 137 -28.36 -14.86 13.88
N PRO E 138 -29.38 -14.02 14.14
CA PRO E 138 -29.95 -13.91 15.48
C PRO E 138 -30.31 -15.25 16.09
N GLY E 139 -29.76 -15.53 17.28
CA GLY E 139 -30.04 -16.76 17.98
C GLY E 139 -29.14 -17.93 17.61
N MET E 140 -28.12 -17.69 16.79
CA MET E 140 -27.15 -18.73 16.44
C MET E 140 -26.46 -19.23 17.70
N GLU E 141 -26.07 -18.29 18.57
CA GLU E 141 -25.41 -18.64 19.83
C GLU E 141 -26.25 -19.60 20.68
N GLU E 142 -27.53 -19.29 20.84
CA GLU E 142 -28.39 -20.12 21.69
C GLU E 142 -28.72 -21.44 21.01
N LYS E 143 -28.80 -21.43 19.68
CA LYS E 143 -29.01 -22.66 18.93
C LYS E 143 -27.79 -23.56 19.03
N LEU E 144 -26.60 -22.98 18.88
CA LEU E 144 -25.37 -23.75 18.95
C LEU E 144 -25.16 -24.40 20.33
N LEU E 145 -25.34 -23.63 21.38
CA LEU E 145 -25.12 -24.16 22.73
C LEU E 145 -26.15 -25.25 23.04
N ALA E 146 -27.36 -25.09 22.54
CA ALA E 146 -28.39 -26.08 22.79
C ALA E 146 -28.00 -27.40 22.13
N LEU E 147 -27.45 -27.32 20.92
CA LEU E 147 -27.08 -28.53 20.18
C LEU E 147 -25.89 -29.22 20.83
N LEU E 148 -24.93 -28.44 21.33
CA LEU E 148 -23.75 -29.01 21.98
C LEU E 148 -24.14 -29.76 23.25
N GLU E 149 -25.19 -29.29 23.93
CA GLU E 149 -25.67 -29.97 25.13
C GLU E 149 -26.29 -31.33 24.78
N LYS E 150 -27.13 -31.33 23.75
CA LYS E 150 -27.79 -32.52 23.26
C LYS E 150 -26.81 -33.65 22.97
N TYR E 151 -25.62 -33.30 22.49
CA TYR E 151 -24.62 -34.32 22.18
C TYR E 151 -23.48 -34.36 23.20
N ASN E 152 -23.76 -33.90 24.42
CA ASN E 152 -22.86 -34.10 25.55
C ASN E 152 -21.41 -33.62 25.31
N LEU E 153 -21.28 -32.48 24.63
CA LEU E 153 -20.00 -31.83 24.41
C LEU E 153 -19.90 -30.68 25.39
N ILE E 154 -21.02 -30.46 26.06
CA ILE E 154 -21.08 -29.58 27.20
C ILE E 154 -21.43 -30.42 28.43
N GLY E 155 -20.64 -30.28 29.49
CA GLY E 155 -20.92 -30.98 30.74
C GLY E 155 -19.70 -31.62 31.37
N SER E 161 -11.30 -31.58 27.30
CA SER E 161 -11.89 -30.41 26.65
C SER E 161 -12.34 -30.69 25.22
N ARG E 162 -13.65 -30.83 25.02
CA ARG E 162 -14.16 -31.41 23.79
C ARG E 162 -14.49 -30.37 22.72
N VAL E 163 -14.68 -29.12 23.14
CA VAL E 163 -15.13 -28.09 22.23
C VAL E 163 -14.53 -26.72 22.59
N MET E 164 -13.98 -26.03 21.60
CA MET E 164 -13.56 -24.64 21.75
C MET E 164 -14.37 -23.79 20.80
N ILE E 165 -14.64 -22.54 21.17
CA ILE E 165 -15.37 -21.63 20.30
C ILE E 165 -14.54 -20.38 19.94
N GLN E 166 -14.53 -20.07 18.65
CA GLN E 166 -13.72 -19.00 18.08
C GLN E 166 -14.58 -17.97 17.36
N SER E 167 -14.15 -16.72 17.35
CA SER E 167 -14.90 -15.69 16.63
C SER E 167 -14.05 -14.46 16.39
N PHE E 168 -14.32 -13.76 15.28
CA PHE E 168 -13.75 -12.43 15.07
C PHE E 168 -14.51 -11.44 15.92
N SER E 169 -15.72 -11.83 16.31
CA SER E 169 -16.62 -10.96 17.04
C SER E 169 -16.41 -11.03 18.55
N LYS E 170 -15.88 -9.96 19.10
CA LYS E 170 -15.74 -9.83 20.55
C LYS E 170 -17.10 -9.89 21.25
N ASP E 171 -18.14 -9.38 20.60
CA ASP E 171 -19.48 -9.38 21.20
C ASP E 171 -20.05 -10.79 21.29
N SER E 172 -19.86 -11.57 20.22
CA SER E 172 -20.26 -12.96 20.22
C SER E 172 -19.56 -13.72 21.36
N LEU E 173 -18.26 -13.53 21.50
CA LEU E 173 -17.51 -14.23 22.55
C LEU E 173 -17.91 -13.78 23.96
N LYS E 174 -18.19 -12.50 24.15
CA LYS E 174 -18.59 -12.03 25.48
C LYS E 174 -20.00 -12.49 25.80
N LYS E 175 -20.85 -12.62 24.77
CA LYS E 175 -22.20 -13.12 24.96
C LYS E 175 -22.19 -14.58 25.45
N ILE E 176 -21.38 -15.39 24.79
CA ILE E 176 -21.24 -16.80 25.14
C ILE E 176 -20.60 -16.96 26.50
N HIS E 177 -19.58 -16.15 26.76
CA HIS E 177 -18.88 -16.19 28.02
C HIS E 177 -19.82 -15.91 29.18
N SER E 178 -20.81 -15.06 28.96
CA SER E 178 -21.75 -14.72 30.03
C SER E 178 -22.77 -15.84 30.27
N ILE E 179 -23.01 -16.65 29.25
CA ILE E 179 -24.00 -17.74 29.32
C ILE E 179 -23.39 -19.02 29.84
N ASN E 180 -22.12 -19.21 29.54
CA ASN E 180 -21.37 -20.39 29.97
C ASN E 180 -19.90 -20.01 30.05
N LYS E 181 -19.46 -19.71 31.26
CA LYS E 181 -18.11 -19.23 31.54
C LYS E 181 -17.04 -20.30 31.41
N ASN E 182 -17.44 -21.53 31.09
CA ASN E 182 -16.51 -22.65 31.10
C ASN E 182 -16.14 -23.24 29.74
N ILE E 183 -16.62 -22.65 28.65
CA ILE E 183 -16.19 -23.09 27.32
C ILE E 183 -15.02 -22.23 26.91
N PRO E 184 -13.89 -22.86 26.57
CA PRO E 184 -12.72 -22.08 26.12
C PRO E 184 -13.06 -21.25 24.88
N LEU E 185 -12.77 -19.95 24.93
CA LEU E 185 -13.02 -19.06 23.81
C LEU E 185 -11.72 -18.50 23.23
N VAL E 186 -11.63 -18.47 21.91
CA VAL E 186 -10.46 -17.95 21.23
C VAL E 186 -10.89 -16.73 20.42
N GLN E 187 -10.18 -15.61 20.60
CA GLN E 187 -10.45 -14.39 19.86
C GLN E 187 -9.66 -14.39 18.56
N LEU E 188 -10.34 -14.44 17.42
CA LEU E 188 -9.63 -14.33 16.15
C LEU E 188 -9.34 -12.87 15.84
N LEU E 189 -8.14 -12.66 15.30
CA LEU E 189 -7.66 -11.36 14.92
C LEU E 189 -7.37 -11.39 13.42
N TRP E 190 -7.62 -10.29 12.73
CA TRP E 190 -7.17 -10.17 11.36
C TRP E 190 -6.44 -8.85 11.14
N TYR E 191 -5.15 -8.93 10.88
CA TYR E 191 -4.33 -7.77 10.60
C TYR E 191 -4.19 -7.56 9.08
N TYR E 192 -4.39 -6.32 8.64
CA TYR E 192 -4.26 -6.02 7.22
C TYR E 192 -3.79 -4.59 7.03
N PRO E 193 -3.15 -4.32 5.89
CA PRO E 193 -2.79 -2.93 5.58
C PRO E 193 -3.99 -2.21 4.94
N ASN E 194 -4.29 -1.00 5.40
CA ASN E 194 -5.41 -0.26 4.87
C ASN E 194 -4.98 0.48 3.60
N GLU E 195 -5.80 1.38 3.10
CA GLU E 195 -5.52 2.03 1.82
C GLU E 195 -4.25 2.89 1.85
N ASN E 196 -3.85 3.33 3.04
CA ASN E 196 -2.60 4.05 3.21
C ASN E 196 -1.43 3.13 3.54
N ASN E 197 -1.65 1.83 3.43
CA ASN E 197 -0.71 0.80 3.89
C ASN E 197 -0.31 0.88 5.37
N GLU E 198 -1.20 1.37 6.21
CA GLU E 198 -1.02 1.30 7.67
C GLU E 198 -1.66 0.00 8.17
N ILE E 199 -0.97 -0.73 9.01
CA ILE E 199 -1.50 -2.01 9.47
C ILE E 199 -2.50 -1.80 10.59
N VAL E 200 -3.68 -2.37 10.41
CA VAL E 200 -4.75 -2.28 11.41
C VAL E 200 -5.34 -3.67 11.70
N GLU E 201 -6.03 -3.80 12.84
CA GLU E 201 -6.70 -5.03 13.18
C GLU E 201 -8.17 -4.88 12.82
N TRP E 202 -8.75 -5.86 12.16
CA TRP E 202 -10.16 -5.84 11.74
C TRP E 202 -11.17 -5.23 12.73
N SER E 203 -11.13 -5.64 13.99
CA SER E 203 -12.08 -5.17 14.99
C SER E 203 -11.55 -4.04 15.86
N GLY E 204 -10.25 -3.73 15.72
CA GLY E 204 -9.61 -2.73 16.54
C GLY E 204 -9.34 -3.25 17.95
N ILE E 205 -9.14 -4.56 18.07
CA ILE E 205 -8.98 -5.22 19.36
C ILE E 205 -7.54 -5.09 19.89
N THR E 206 -6.58 -4.92 18.99
CA THR E 206 -5.23 -4.59 19.42
C THR E 206 -4.67 -3.48 18.56
N HIS E 207 -3.53 -2.93 18.99
CA HIS E 207 -2.73 -2.08 18.14
C HIS E 207 -2.19 -2.92 17.00
N GLU E 208 -1.48 -2.29 16.06
CA GLU E 208 -0.73 -2.99 15.04
C GLU E 208 0.23 -3.97 15.71
N PRO E 209 0.49 -5.12 15.07
CA PRO E 209 1.29 -6.18 15.69
C PRO E 209 2.62 -5.71 16.31
N LYS E 210 3.29 -4.76 15.68
CA LYS E 210 4.57 -4.23 16.18
C LYS E 210 4.50 -3.34 17.43
N ARG E 211 3.30 -2.90 17.84
CA ARG E 211 3.15 -1.95 18.94
C ARG E 211 2.10 -2.44 19.93
N VAL E 212 1.95 -3.75 19.93
CA VAL E 212 1.00 -4.45 20.77
C VAL E 212 1.39 -4.34 22.27
N THR E 213 0.42 -4.10 23.14
CA THR E 213 0.71 -3.88 24.58
C THR E 213 0.09 -4.93 25.48
N ASN E 214 0.60 -5.01 26.71
CA ASN E 214 0.02 -5.92 27.72
C ASN E 214 -1.48 -5.69 27.89
N ASP E 215 -1.87 -4.42 27.95
CA ASP E 215 -3.27 -4.07 28.15
C ASP E 215 -4.16 -4.66 27.04
N ASP E 216 -3.73 -4.55 25.77
CA ASP E 216 -4.47 -5.16 24.67
C ASP E 216 -4.80 -6.62 24.97
N PHE E 217 -3.80 -7.35 25.46
CA PHE E 217 -3.93 -8.77 25.67
C PHE E 217 -4.69 -9.08 26.94
N GLN E 218 -4.50 -8.27 27.98
CA GLN E 218 -5.21 -8.46 29.24
C GLN E 218 -6.70 -8.29 29.01
N GLU E 219 -7.07 -7.38 28.10
CA GLU E 219 -8.48 -7.13 27.80
C GLU E 219 -9.11 -8.35 27.16
N ILE E 220 -8.36 -9.01 26.28
CA ILE E 220 -8.82 -10.23 25.63
C ILE E 220 -8.95 -11.35 26.65
N LYS E 221 -8.04 -11.40 27.61
CA LYS E 221 -8.03 -12.49 28.58
C LYS E 221 -9.21 -12.45 29.58
N LYS E 222 -9.96 -11.35 29.62
CA LYS E 222 -11.17 -11.29 30.43
C LYS E 222 -12.22 -12.28 29.92
N TYR E 223 -12.29 -12.50 28.62
CA TYR E 223 -13.31 -13.41 28.09
C TYR E 223 -12.76 -14.57 27.27
N ALA E 224 -11.48 -14.53 26.90
CA ALA E 224 -10.93 -15.58 26.02
C ALA E 224 -9.68 -16.23 26.60
N VAL E 225 -9.33 -17.42 26.12
CA VAL E 225 -8.13 -18.11 26.57
C VAL E 225 -6.98 -18.04 25.54
N GLY E 226 -7.29 -17.57 24.33
CA GLY E 226 -6.26 -17.46 23.31
C GLY E 226 -6.59 -16.51 22.16
N ILE E 227 -5.65 -16.38 21.23
CA ILE E 227 -5.89 -15.58 20.05
C ILE E 227 -5.57 -16.37 18.81
N GLY E 228 -6.24 -16.02 17.71
CA GLY E 228 -5.91 -16.56 16.42
C GLY E 228 -5.66 -15.43 15.44
N PRO E 229 -4.38 -15.05 15.27
CA PRO E 229 -3.94 -14.03 14.30
C PRO E 229 -3.54 -14.66 12.95
N ASN E 230 -3.63 -13.90 11.86
CA ASN E 230 -3.00 -14.34 10.62
C ASN E 230 -1.49 -14.16 10.68
N LEU E 231 -0.76 -15.17 10.21
CA LEU E 231 0.69 -15.07 10.11
C LEU E 231 1.13 -14.06 9.04
N ARG E 232 0.46 -14.08 7.89
CA ARG E 232 0.88 -13.31 6.74
C ARG E 232 -0.27 -12.46 6.18
N ASN E 233 0.09 -11.52 5.31
CA ASN E 233 -0.93 -10.72 4.63
C ASN E 233 -1.29 -11.38 3.30
N ASP E 234 -2.27 -10.81 2.60
CA ASP E 234 -2.76 -11.38 1.33
C ASP E 234 -1.68 -11.39 0.24
N ASN E 235 -0.63 -10.60 0.43
CA ASN E 235 0.52 -10.64 -0.46
C ASN E 235 1.60 -11.62 0.01
N GLY E 236 1.43 -12.21 1.20
CA GLY E 236 2.27 -13.32 1.63
C GLY E 236 3.45 -12.93 2.51
N ASP E 237 3.60 -11.64 2.79
CA ASP E 237 4.64 -11.17 3.70
C ASP E 237 4.20 -11.42 5.13
N LEU E 238 5.16 -11.66 6.03
CA LEU E 238 4.85 -11.76 7.47
C LEU E 238 4.16 -10.49 7.97
N ILE E 239 3.18 -10.64 8.85
CA ILE E 239 2.52 -9.45 9.39
C ILE E 239 2.52 -9.48 10.94
N ILE E 240 2.90 -10.62 11.51
CA ILE E 240 3.33 -10.67 12.91
C ILE E 240 4.73 -11.28 12.98
N ASN E 241 5.42 -11.10 14.10
CA ASN E 241 6.72 -11.77 14.25
C ASN E 241 6.90 -12.35 15.63
N GLU E 242 8.12 -12.80 15.92
CA GLU E 242 8.42 -13.44 17.20
C GLU E 242 8.09 -12.57 18.41
N SER E 243 8.26 -11.25 18.28
CA SER E 243 8.03 -10.33 19.39
C SER E 243 6.57 -10.30 19.79
N TYR E 244 5.69 -10.35 18.81
CA TYR E 244 4.26 -10.32 19.04
C TYR E 244 3.83 -11.57 19.82
N MET E 245 4.32 -12.74 19.40
CA MET E 245 4.03 -13.99 20.11
C MET E 245 4.55 -13.93 21.54
N LYS E 246 5.71 -13.33 21.74
CA LYS E 246 6.26 -13.19 23.09
C LYS E 246 5.33 -12.39 23.99
N MET E 247 4.89 -11.23 23.52
CA MET E 247 3.97 -10.42 24.30
C MET E 247 2.69 -11.21 24.62
N ALA E 248 2.17 -11.95 23.66
CA ALA E 248 0.95 -12.72 23.91
C ALA E 248 1.17 -13.90 24.86
N ARG E 249 2.30 -14.59 24.74
CA ARG E 249 2.59 -15.70 25.63
C ARG E 249 2.81 -15.26 27.06
N GLN E 250 3.38 -14.08 27.25
CA GLN E 250 3.67 -13.64 28.62
C GLN E 250 2.41 -13.11 29.28
N ASN E 251 1.36 -12.92 28.49
CA ASN E 251 0.10 -12.52 29.07
C ASN E 251 -0.80 -13.73 29.28
N GLY E 252 -0.25 -14.93 29.09
CA GLY E 252 -0.95 -16.17 29.40
C GLY E 252 -1.98 -16.60 28.40
N LEU E 253 -1.83 -16.19 27.14
CA LEU E 253 -2.75 -16.59 26.08
C LEU E 253 -2.23 -17.76 25.25
N LEU E 254 -3.12 -18.68 24.88
CA LEU E 254 -2.81 -19.61 23.80
C LEU E 254 -2.71 -18.82 22.50
N ILE E 255 -1.89 -19.28 21.57
CA ILE E 255 -1.76 -18.62 20.27
C ILE E 255 -1.89 -19.61 19.14
N HIS E 256 -2.97 -19.50 18.36
CA HIS E 256 -3.27 -20.39 17.24
C HIS E 256 -3.31 -19.63 15.91
N PRO E 257 -2.15 -19.48 15.25
CA PRO E 257 -2.13 -18.76 13.97
C PRO E 257 -2.80 -19.51 12.82
N TYR E 258 -3.15 -18.76 11.77
CA TYR E 258 -3.80 -19.30 10.59
C TYR E 258 -3.30 -18.52 9.36
N THR E 259 -3.31 -19.12 8.17
CA THR E 259 -3.54 -20.54 7.92
C THR E 259 -2.24 -21.10 7.40
N ILE E 260 -1.70 -22.09 8.09
CA ILE E 260 -0.32 -22.51 7.87
C ILE E 260 -0.25 -23.84 7.12
N ASN E 261 0.07 -23.78 5.84
CA ASN E 261 0.08 -25.00 5.04
C ASN E 261 1.47 -25.49 4.66
N GLU E 262 2.46 -24.60 4.73
CA GLU E 262 3.84 -24.93 4.34
C GLU E 262 4.74 -25.30 5.53
N LYS E 263 5.57 -26.32 5.34
CA LYS E 263 6.38 -26.82 6.44
C LYS E 263 7.35 -25.79 7.05
N PRO E 264 8.01 -24.93 6.21
CA PRO E 264 8.88 -23.92 6.86
C PRO E 264 8.16 -22.95 7.78
N ASP E 265 6.91 -22.61 7.48
CA ASP E 265 6.13 -21.77 8.40
C ASP E 265 5.69 -22.53 9.64
N MET E 266 5.45 -23.84 9.52
CA MET E 266 5.15 -24.66 10.68
C MET E 266 6.34 -24.66 11.66
N ARG E 267 7.55 -24.80 11.12
CA ARG E 267 8.75 -24.83 11.96
C ARG E 267 9.02 -23.50 12.61
N LEU E 268 8.84 -22.44 11.83
CA LEU E 268 9.02 -21.08 12.30
C LEU E 268 8.11 -20.79 13.49
N LEU E 269 6.84 -21.14 13.37
CA LEU E 269 5.87 -20.87 14.43
C LEU E 269 6.10 -21.71 15.70
N MET E 270 6.59 -22.95 15.54
CA MET E 270 7.02 -23.78 16.68
C MET E 270 8.14 -23.06 17.45
N LYS E 271 9.04 -22.43 16.69
CA LYS E 271 10.21 -21.78 17.24
C LYS E 271 9.79 -20.54 18.02
N TRP E 272 8.72 -19.90 17.57
CA TRP E 272 8.24 -18.67 18.18
C TRP E 272 7.32 -18.88 19.38
N GLY E 273 6.84 -20.11 19.58
CA GLY E 273 6.02 -20.45 20.73
C GLY E 273 4.52 -20.53 20.49
N ALA E 274 4.09 -20.75 19.25
CA ALA E 274 2.68 -20.99 18.98
C ALA E 274 2.22 -22.25 19.72
N THR E 275 1.04 -22.20 20.32
CA THR E 275 0.55 -23.34 21.08
C THR E 275 -0.42 -24.18 20.25
N GLY E 276 -0.57 -23.81 18.97
CA GLY E 276 -1.42 -24.52 18.03
C GLY E 276 -1.37 -23.88 16.66
N MET E 277 -2.01 -24.51 15.68
CA MET E 277 -2.00 -24.04 14.29
C MET E 277 -3.25 -24.44 13.54
N PHE E 278 -3.84 -23.52 12.79
CA PHE E 278 -4.85 -23.87 11.80
C PHE E 278 -4.15 -24.30 10.49
N THR E 279 -4.38 -25.52 10.03
CA THR E 279 -3.76 -25.98 8.80
C THR E 279 -4.73 -26.76 7.91
N ASN E 280 -4.55 -26.64 6.60
CA ASN E 280 -5.32 -27.42 5.63
C ASN E 280 -4.68 -28.80 5.46
N TYR E 281 -3.50 -28.95 6.05
CA TYR E 281 -2.70 -30.15 5.92
C TYR E 281 -2.29 -30.74 7.28
N PRO E 282 -3.25 -31.29 8.04
CA PRO E 282 -2.95 -31.85 9.37
C PRO E 282 -1.83 -32.90 9.31
N ASP E 283 -1.65 -33.53 8.17
CA ASP E 283 -0.60 -34.52 7.97
C ASP E 283 0.81 -33.89 7.97
N ARG E 284 0.97 -32.77 7.29
CA ARG E 284 2.25 -32.09 7.27
C ARG E 284 2.64 -31.58 8.66
N LEU E 285 1.66 -31.05 9.37
CA LEU E 285 1.90 -30.52 10.69
C LEU E 285 2.32 -31.65 11.63
N HIS E 286 1.65 -32.79 11.53
CA HIS E 286 2.00 -33.96 12.33
C HIS E 286 3.44 -34.38 12.08
N THR E 287 3.84 -34.41 10.81
CA THR E 287 5.21 -34.73 10.43
C THR E 287 6.23 -33.76 11.06
N VAL E 288 5.91 -32.47 11.01
CA VAL E 288 6.80 -31.47 11.57
C VAL E 288 6.91 -31.62 13.09
N LEU E 289 5.81 -31.97 13.75
CA LEU E 289 5.82 -32.22 15.19
C LEU E 289 6.71 -33.40 15.57
N LYS E 290 6.87 -34.35 14.66
CA LYS E 290 7.68 -35.52 14.93
C LYS E 290 9.17 -35.32 14.61
N GLU E 291 9.54 -34.10 14.21
CA GLU E 291 10.94 -33.82 13.90
C GLU E 291 11.76 -33.61 15.17
N LYS F 15 1.66 16.03 -10.28
CA LYS F 15 1.07 14.70 -10.16
C LYS F 15 2.18 13.63 -10.01
N PHE F 16 2.35 13.10 -8.80
CA PHE F 16 3.48 12.23 -8.54
C PHE F 16 3.37 10.85 -9.19
N LEU F 17 4.48 10.37 -9.74
CA LEU F 17 4.48 9.09 -10.44
C LEU F 17 5.33 8.02 -9.74
N ASN F 18 4.65 7.11 -9.09
CA ASN F 18 5.19 5.87 -8.58
C ASN F 18 5.53 4.94 -9.76
N ILE F 19 6.80 4.82 -10.08
CA ILE F 19 7.20 4.05 -11.25
C ILE F 19 7.87 2.76 -10.85
N ALA F 20 7.29 1.65 -11.29
CA ALA F 20 7.74 0.32 -10.91
C ALA F 20 8.90 -0.17 -11.80
N HIS F 21 10.11 -0.04 -11.29
CA HIS F 21 11.34 -0.40 -12.00
C HIS F 21 11.45 -1.90 -12.32
N ARG F 22 11.18 -2.25 -13.58
CA ARG F 22 11.18 -3.65 -14.05
C ARG F 22 10.07 -4.45 -13.40
N GLY F 23 8.96 -3.77 -13.13
CA GLY F 23 7.85 -4.35 -12.40
C GLY F 23 8.08 -4.12 -10.93
N ALA F 24 7.43 -4.93 -10.10
CA ALA F 24 7.71 -4.89 -8.67
C ALA F 24 8.90 -5.81 -8.39
N SER F 25 10.07 -5.39 -8.84
CA SER F 25 11.22 -6.27 -8.95
C SER F 25 11.91 -6.55 -7.62
N GLY F 26 11.55 -5.80 -6.58
CA GLY F 26 12.07 -6.09 -5.25
C GLY F 26 11.35 -7.27 -4.62
N HIS F 27 10.22 -7.66 -5.20
CA HIS F 27 9.35 -8.72 -4.67
C HIS F 27 9.36 -9.99 -5.52
N ALA F 28 9.64 -9.85 -6.81
CA ALA F 28 9.56 -10.95 -7.77
C ALA F 28 10.58 -10.72 -8.88
N PRO F 29 10.96 -11.79 -9.61
CA PRO F 29 11.99 -11.62 -10.65
C PRO F 29 11.63 -10.56 -11.67
N GLU F 30 12.54 -9.61 -11.91
CA GLU F 30 12.31 -8.53 -12.87
C GLU F 30 11.83 -9.00 -14.25
N HIS F 31 11.01 -8.18 -14.91
CA HIS F 31 10.53 -8.47 -16.26
C HIS F 31 10.05 -9.90 -16.42
N THR F 32 9.18 -10.29 -15.51
CA THR F 32 8.33 -11.46 -15.68
C THR F 32 6.93 -11.04 -15.35
N PHE F 33 5.96 -11.84 -15.73
CA PHE F 33 4.59 -11.52 -15.37
C PHE F 33 4.34 -11.67 -13.88
N ALA F 34 5.17 -12.46 -13.20
CA ALA F 34 5.08 -12.57 -11.73
C ALA F 34 5.36 -11.21 -11.10
N SER F 35 6.29 -10.48 -11.70
CA SER F 35 6.68 -9.15 -11.26
C SER F 35 5.66 -8.10 -11.68
N TYR F 36 5.17 -8.19 -12.91
CA TYR F 36 4.20 -7.24 -13.44
C TYR F 36 2.85 -7.35 -12.75
N ASP F 37 2.41 -8.58 -12.48
CA ASP F 37 1.11 -8.81 -11.86
C ASP F 37 0.94 -8.11 -10.49
N LEU F 38 2.04 -7.77 -9.81
CA LEU F 38 1.99 -7.14 -8.48
C LEU F 38 1.83 -5.63 -8.54
N VAL F 39 2.10 -5.06 -9.71
CA VAL F 39 2.21 -3.62 -9.88
C VAL F 39 0.91 -2.86 -9.56
N LYS F 40 -0.21 -3.34 -10.09
CA LYS F 40 -1.50 -2.68 -9.87
C LYS F 40 -1.96 -2.69 -8.39
N LYS F 41 -1.89 -3.84 -7.72
CA LYS F 41 -2.31 -3.89 -6.33
C LYS F 41 -1.40 -3.01 -5.45
N MET F 42 -0.14 -2.86 -5.85
CA MET F 42 0.82 -2.08 -5.06
C MET F 42 0.73 -0.58 -5.29
N LYS F 43 -0.14 -0.17 -6.23
CA LYS F 43 -0.53 1.22 -6.49
C LYS F 43 0.47 2.00 -7.33
N ALA F 44 1.24 1.29 -8.17
CA ALA F 44 2.15 1.96 -9.07
C ALA F 44 1.35 2.68 -10.17
N ASP F 45 1.92 3.76 -10.70
CA ASP F 45 1.29 4.48 -11.82
C ASP F 45 1.83 4.01 -13.16
N TYR F 46 3.09 3.58 -13.19
CA TYR F 46 3.70 3.14 -14.43
C TYR F 46 4.46 1.83 -14.30
N LEU F 47 4.31 0.97 -15.31
CA LEU F 47 5.17 -0.19 -15.45
C LEU F 47 6.37 0.18 -16.30
N GLU F 48 7.57 0.03 -15.74
CA GLU F 48 8.78 0.37 -16.48
C GLU F 48 9.36 -0.82 -17.23
N LEU F 49 9.57 -0.65 -18.53
CA LEU F 49 10.02 -1.76 -19.39
C LEU F 49 11.33 -1.46 -20.10
N ASP F 50 12.25 -2.41 -20.04
CA ASP F 50 13.44 -2.38 -20.88
C ASP F 50 13.18 -3.32 -22.07
N ILE F 51 13.63 -2.95 -23.27
CA ILE F 51 13.33 -3.81 -24.42
C ILE F 51 14.53 -4.18 -25.28
N GLN F 52 14.54 -5.45 -25.70
CA GLN F 52 15.56 -5.97 -26.59
C GLN F 52 14.88 -6.52 -27.82
N LEU F 53 15.64 -6.74 -28.88
CA LEU F 53 15.11 -7.22 -30.15
C LEU F 53 15.72 -8.57 -30.52
N THR F 54 14.89 -9.61 -30.60
CA THR F 54 15.36 -10.94 -30.95
C THR F 54 15.83 -11.02 -32.39
N LYS F 55 16.45 -12.15 -32.76
CA LYS F 55 16.95 -12.36 -34.11
C LYS F 55 15.86 -12.24 -35.19
N ASP F 56 14.67 -12.77 -34.91
CA ASP F 56 13.58 -12.68 -35.87
C ASP F 56 12.66 -11.48 -35.59
N GLY F 57 13.23 -10.40 -35.06
CA GLY F 57 12.57 -9.11 -35.00
C GLY F 57 11.42 -8.92 -34.03
N GLN F 58 11.45 -9.61 -32.90
CA GLN F 58 10.42 -9.48 -31.89
C GLN F 58 10.90 -8.63 -30.73
N LEU F 59 10.08 -7.70 -30.23
CA LEU F 59 10.45 -6.96 -29.03
C LEU F 59 10.11 -7.79 -27.78
N ILE F 60 11.12 -7.98 -26.92
CA ILE F 60 10.93 -8.62 -25.63
C ILE F 60 11.29 -7.67 -24.48
N ALA F 61 10.89 -8.06 -23.27
CA ALA F 61 11.23 -7.29 -22.10
C ALA F 61 12.37 -7.96 -21.34
N MET F 62 13.50 -7.26 -21.29
CA MET F 62 14.70 -7.74 -20.59
C MET F 62 15.71 -6.59 -20.47
N HIS F 63 16.35 -6.48 -19.30
CA HIS F 63 17.26 -5.36 -19.08
C HIS F 63 18.60 -5.50 -19.81
N ASP F 64 19.29 -6.63 -19.60
CA ASP F 64 20.59 -6.85 -20.25
C ASP F 64 20.42 -7.25 -21.69
N THR F 65 21.44 -7.00 -22.50
CA THR F 65 21.46 -7.48 -23.87
C THR F 65 21.75 -8.97 -23.92
N ALA F 66 22.27 -9.52 -22.82
CA ALA F 66 22.59 -10.94 -22.74
C ALA F 66 21.66 -11.64 -21.75
N VAL F 67 21.30 -12.88 -22.03
CA VAL F 67 20.32 -13.59 -21.23
C VAL F 67 20.91 -14.07 -19.90
N ASP F 68 22.24 -14.08 -19.80
CA ASP F 68 22.98 -14.73 -18.72
C ASP F 68 22.52 -14.44 -17.28
N ARG F 69 22.46 -13.16 -16.91
CA ARG F 69 22.17 -12.81 -15.51
C ARG F 69 20.80 -13.30 -15.02
N THR F 70 19.77 -13.15 -15.85
CA THR F 70 18.41 -13.40 -15.39
C THR F 70 17.79 -14.65 -15.96
N THR F 71 18.60 -15.51 -16.58
CA THR F 71 18.09 -16.78 -17.10
C THR F 71 19.09 -17.90 -16.90
N ASN F 72 18.73 -19.07 -17.40
CA ASN F 72 19.58 -20.25 -17.33
C ASN F 72 20.24 -20.54 -18.69
N GLY F 73 20.07 -19.62 -19.63
CA GLY F 73 20.76 -19.68 -20.90
C GLY F 73 21.92 -18.71 -20.93
N THR F 74 22.59 -18.66 -22.07
CA THR F 74 23.75 -17.81 -22.24
C THR F 74 23.69 -17.21 -23.65
N GLY F 75 24.21 -15.99 -23.80
CA GLY F 75 24.25 -15.36 -25.11
C GLY F 75 23.47 -14.06 -25.28
N GLU F 76 23.64 -13.43 -26.43
CA GLU F 76 22.98 -12.18 -26.77
C GLU F 76 21.58 -12.41 -27.32
N VAL F 77 20.63 -11.61 -26.83
CA VAL F 77 19.24 -11.68 -27.28
C VAL F 77 19.18 -11.55 -28.80
N ARG F 78 19.99 -10.64 -29.34
CA ARG F 78 20.01 -10.34 -30.77
C ARG F 78 20.36 -11.58 -31.62
N ASP F 79 20.98 -12.58 -31.01
CA ASP F 79 21.40 -13.77 -31.73
C ASP F 79 20.42 -14.93 -31.60
N LYS F 80 19.36 -14.74 -30.83
CA LYS F 80 18.38 -15.80 -30.57
C LYS F 80 17.00 -15.51 -31.15
N THR F 81 16.35 -16.57 -31.65
CA THR F 81 14.96 -16.47 -32.05
C THR F 81 14.03 -16.36 -30.83
N LEU F 82 12.81 -15.89 -31.05
CA LEU F 82 11.81 -15.78 -30.00
C LEU F 82 11.60 -17.13 -29.33
N SER F 83 11.49 -18.17 -30.15
CA SER F 83 11.28 -19.51 -29.63
C SER F 83 12.38 -19.97 -28.69
N GLU F 84 13.62 -19.66 -29.03
CA GLU F 84 14.75 -20.01 -28.17
C GLU F 84 14.64 -19.29 -26.83
N ILE F 85 14.30 -18.00 -26.88
CA ILE F 85 14.11 -17.20 -25.67
C ILE F 85 13.03 -17.82 -24.80
N LYS F 86 11.88 -18.09 -25.40
CA LYS F 86 10.74 -18.69 -24.71
C LYS F 86 11.02 -20.05 -24.05
N SER F 87 12.14 -20.67 -24.39
CA SER F 87 12.56 -21.95 -23.81
C SER F 87 13.37 -21.78 -22.53
N LEU F 88 13.61 -20.53 -22.15
CA LEU F 88 14.46 -20.24 -21.01
C LEU F 88 13.65 -20.10 -19.72
N ASP F 89 14.29 -20.35 -18.58
CA ASP F 89 13.70 -20.08 -17.28
C ASP F 89 14.23 -18.73 -16.77
N ALA F 90 13.33 -17.75 -16.64
CA ALA F 90 13.74 -16.42 -16.23
C ALA F 90 13.32 -16.07 -14.79
N GLY F 91 13.08 -17.10 -13.98
CA GLY F 91 12.69 -16.88 -12.59
C GLY F 91 13.63 -17.47 -11.55
N SER F 92 14.16 -18.66 -11.82
CA SER F 92 15.04 -19.37 -10.88
C SER F 92 16.18 -18.52 -10.32
N TRP F 93 16.79 -17.69 -11.16
CA TRP F 93 17.92 -16.86 -10.74
C TRP F 93 17.55 -15.99 -9.53
N PHE F 94 16.28 -15.60 -9.45
CA PHE F 94 15.81 -14.73 -8.38
C PHE F 94 15.76 -15.51 -7.07
N ASN F 95 15.33 -16.77 -7.13
CA ASN F 95 15.32 -17.59 -5.93
C ASN F 95 16.74 -17.82 -5.41
N LYS F 96 17.69 -18.00 -6.31
CA LYS F 96 19.08 -18.23 -5.89
C LYS F 96 19.73 -16.96 -5.32
N ALA F 97 19.43 -15.81 -5.93
CA ALA F 97 20.04 -14.54 -5.53
C ALA F 97 19.39 -13.94 -4.27
N TYR F 98 18.12 -14.26 -4.04
CA TYR F 98 17.39 -13.75 -2.88
C TYR F 98 16.61 -14.84 -2.18
N PRO F 99 17.30 -15.76 -1.48
CA PRO F 99 16.68 -16.93 -0.87
C PRO F 99 15.55 -16.63 0.11
N GLU F 100 15.61 -15.48 0.78
CA GLU F 100 14.54 -15.09 1.69
C GLU F 100 13.32 -14.51 0.94
N LYS F 101 13.46 -14.30 -0.36
CA LYS F 101 12.33 -13.83 -1.18
C LYS F 101 11.83 -14.92 -2.11
N ALA F 102 12.48 -16.08 -2.08
CA ALA F 102 12.22 -17.15 -3.03
C ALA F 102 10.83 -17.79 -2.89
N LYS F 103 10.14 -17.93 -4.01
CA LYS F 103 8.88 -18.66 -4.07
C LYS F 103 9.00 -19.68 -5.19
N GLN F 104 8.35 -20.82 -5.02
CA GLN F 104 8.44 -21.92 -5.98
C GLN F 104 7.80 -21.53 -7.31
N GLU F 105 6.75 -20.72 -7.24
CA GLU F 105 6.01 -20.30 -8.41
C GLU F 105 6.84 -19.41 -9.34
N TYR F 106 7.97 -18.92 -8.84
CA TYR F 106 8.90 -18.12 -9.66
C TYR F 106 9.73 -19.01 -10.59
N VAL F 107 9.94 -20.28 -10.22
CA VAL F 107 10.61 -21.24 -11.10
C VAL F 107 9.85 -21.37 -12.41
N GLY F 108 10.55 -21.10 -13.52
CA GLY F 108 9.99 -21.35 -14.84
C GLY F 108 9.25 -20.19 -15.47
N GLN F 109 9.36 -19.00 -14.87
CA GLN F 109 8.81 -17.81 -15.48
C GLN F 109 9.41 -17.60 -16.89
N LYS F 110 8.58 -17.20 -17.84
CA LYS F 110 9.08 -17.02 -19.20
C LYS F 110 9.26 -15.55 -19.53
N VAL F 111 10.24 -15.26 -20.37
CA VAL F 111 10.50 -13.91 -20.85
C VAL F 111 9.28 -13.38 -21.59
N PRO F 112 8.77 -12.22 -21.17
CA PRO F 112 7.59 -11.62 -21.81
C PRO F 112 7.90 -10.92 -23.13
N THR F 113 7.10 -11.15 -24.16
CA THR F 113 7.20 -10.28 -25.32
C THR F 113 6.41 -9.03 -25.03
N LEU F 114 6.78 -7.94 -25.68
CA LEU F 114 6.10 -6.68 -25.47
C LEU F 114 4.65 -6.78 -25.95
N GLU F 115 4.44 -7.50 -27.04
CA GLU F 115 3.08 -7.76 -27.52
C GLU F 115 2.20 -8.51 -26.49
N GLU F 116 2.76 -9.50 -25.80
CA GLU F 116 2.02 -10.21 -24.74
C GLU F 116 1.63 -9.31 -23.57
N ILE F 117 2.48 -8.36 -23.25
CA ILE F 117 2.21 -7.45 -22.17
C ILE F 117 1.05 -6.52 -22.53
N PHE F 118 1.05 -6.00 -23.75
CA PHE F 118 0.01 -5.08 -24.15
C PHE F 118 -1.33 -5.81 -24.25
N GLN F 119 -1.28 -7.05 -24.70
CA GLN F 119 -2.50 -7.85 -24.79
C GLN F 119 -3.04 -8.16 -23.40
N LYS F 120 -2.16 -8.57 -22.52
CA LYS F 120 -2.56 -8.98 -21.19
C LYS F 120 -3.21 -7.84 -20.42
N TYR F 121 -2.55 -6.68 -20.39
CA TYR F 121 -3.01 -5.64 -19.50
C TYR F 121 -3.94 -4.70 -20.20
N GLY F 122 -3.94 -4.76 -21.53
CA GLY F 122 -4.82 -3.92 -22.33
C GLY F 122 -4.60 -2.46 -22.04
N ARG F 123 -5.68 -1.75 -21.71
CA ARG F 123 -5.61 -0.34 -21.34
C ARG F 123 -5.82 -0.10 -19.85
N SER F 124 -5.43 -1.06 -19.02
CA SER F 124 -5.50 -0.91 -17.56
C SER F 124 -4.12 -0.62 -16.93
N MET F 125 -3.12 -0.39 -17.78
CA MET F 125 -1.76 -0.22 -17.35
C MET F 125 -1.13 0.92 -18.15
N LYS F 126 -0.35 1.77 -17.51
CA LYS F 126 0.45 2.77 -18.22
C LYS F 126 1.90 2.30 -18.28
N TYR F 127 2.53 2.50 -19.45
CA TYR F 127 3.88 1.97 -19.66
C TYR F 127 4.94 3.05 -19.78
N TYR F 128 6.13 2.72 -19.28
CA TYR F 128 7.25 3.64 -19.21
C TYR F 128 8.46 2.94 -19.86
N ILE F 129 8.65 3.16 -21.15
CA ILE F 129 9.47 2.26 -21.95
C ILE F 129 10.85 2.84 -22.31
N GLU F 130 11.91 2.07 -22.07
CA GLU F 130 13.25 2.56 -22.30
C GLU F 130 13.80 2.14 -23.67
N THR F 131 14.33 3.11 -24.42
CA THR F 131 14.97 2.82 -25.70
C THR F 131 16.49 3.08 -25.66
N LYS F 132 17.22 2.45 -26.57
CA LYS F 132 18.68 2.54 -26.55
C LYS F 132 19.18 3.44 -27.66
N SER F 133 20.50 3.65 -27.73
CA SER F 133 21.06 4.36 -28.88
C SER F 133 20.61 3.68 -30.18
N PRO F 134 20.30 4.49 -31.21
CA PRO F 134 19.71 4.01 -32.47
C PRO F 134 20.51 2.93 -33.20
N ASP F 135 21.83 2.85 -32.98
CA ASP F 135 22.66 1.88 -33.69
C ASP F 135 22.77 0.52 -32.97
N VAL F 136 22.32 0.45 -31.73
CA VAL F 136 22.27 -0.81 -31.00
C VAL F 136 21.32 -1.77 -31.71
N TYR F 137 20.06 -1.36 -31.82
CA TYR F 137 19.04 -2.13 -32.51
C TYR F 137 18.39 -1.28 -33.61
N PRO F 138 19.01 -1.24 -34.80
CA PRO F 138 18.48 -0.38 -35.87
C PRO F 138 17.01 -0.69 -36.17
N GLY F 139 16.16 0.34 -36.03
CA GLY F 139 14.75 0.21 -36.31
C GLY F 139 13.88 -0.09 -35.09
N MET F 140 14.51 -0.23 -33.92
CA MET F 140 13.76 -0.55 -32.71
C MET F 140 12.68 0.49 -32.48
N GLU F 141 13.01 1.77 -32.67
CA GLU F 141 12.04 2.84 -32.43
C GLU F 141 10.80 2.76 -33.33
N GLU F 142 11.00 2.52 -34.62
CA GLU F 142 9.86 2.44 -35.53
C GLU F 142 8.98 1.25 -35.21
N LYS F 143 9.60 0.11 -34.89
CA LYS F 143 8.86 -1.07 -34.46
C LYS F 143 8.00 -0.75 -33.24
N LEU F 144 8.63 -0.12 -32.25
CA LEU F 144 7.99 0.24 -31.01
C LEU F 144 6.81 1.16 -31.23
N LEU F 145 7.00 2.21 -32.05
CA LEU F 145 5.89 3.13 -32.33
C LEU F 145 4.77 2.40 -33.05
N ALA F 146 5.13 1.49 -33.97
CA ALA F 146 4.15 0.65 -34.64
C ALA F 146 3.34 -0.18 -33.64
N LEU F 147 4.01 -0.89 -32.73
CA LEU F 147 3.31 -1.67 -31.69
C LEU F 147 2.42 -0.80 -30.81
N LEU F 148 2.95 0.34 -30.37
CA LEU F 148 2.18 1.25 -29.55
C LEU F 148 0.90 1.64 -30.24
N GLU F 149 0.99 1.89 -31.54
CA GLU F 149 -0.19 2.34 -32.28
C GLU F 149 -1.17 1.19 -32.52
N LYS F 150 -0.66 -0.01 -32.74
CA LYS F 150 -1.51 -1.17 -32.98
C LYS F 150 -2.39 -1.46 -31.77
N TYR F 151 -1.86 -1.18 -30.58
CA TYR F 151 -2.58 -1.40 -29.33
C TYR F 151 -3.16 -0.13 -28.77
N ASN F 152 -3.15 0.93 -29.58
CA ASN F 152 -3.83 2.18 -29.25
C ASN F 152 -3.32 2.83 -27.94
N LEU F 153 -2.01 2.77 -27.73
CA LEU F 153 -1.44 3.23 -26.47
C LEU F 153 -0.95 4.68 -26.50
N ILE F 154 -1.05 5.35 -27.65
CA ILE F 154 -0.56 6.71 -27.75
C ILE F 154 -1.63 7.79 -27.52
N ARG F 162 -0.96 7.03 -22.30
CA ARG F 162 -0.72 5.76 -21.62
C ARG F 162 0.72 5.24 -21.73
N VAL F 163 1.59 5.99 -22.40
CA VAL F 163 2.99 5.61 -22.51
C VAL F 163 3.92 6.83 -22.37
N MET F 164 5.03 6.65 -21.68
CA MET F 164 6.15 7.59 -21.71
C MET F 164 7.35 6.82 -22.21
N ILE F 165 8.29 7.52 -22.85
CA ILE F 165 9.51 6.89 -23.31
C ILE F 165 10.73 7.57 -22.70
N GLN F 166 11.67 6.76 -22.23
CA GLN F 166 12.86 7.25 -21.57
C GLN F 166 14.11 6.72 -22.27
N SER F 167 15.21 7.46 -22.21
CA SER F 167 16.46 6.98 -22.79
C SER F 167 17.65 7.78 -22.25
N PHE F 168 18.83 7.15 -22.23
CA PHE F 168 20.08 7.88 -21.99
C PHE F 168 20.52 8.53 -23.29
N SER F 169 19.99 8.03 -24.39
CA SER F 169 20.38 8.48 -25.70
C SER F 169 19.55 9.67 -26.15
N LYS F 170 20.14 10.85 -26.10
CA LYS F 170 19.52 12.04 -26.64
C LYS F 170 19.24 11.86 -28.13
N ASP F 171 20.06 11.06 -28.79
CA ASP F 171 19.82 10.77 -30.20
C ASP F 171 18.48 10.04 -30.38
N SER F 172 18.24 9.02 -29.57
CA SER F 172 17.00 8.28 -29.64
C SER F 172 15.80 9.20 -29.40
N LEU F 173 15.81 9.91 -28.27
CA LEU F 173 14.70 10.79 -27.92
C LEU F 173 14.39 11.83 -29.00
N LYS F 174 15.42 12.40 -29.61
CA LYS F 174 15.21 13.40 -30.64
C LYS F 174 14.54 12.78 -31.88
N LYS F 175 15.00 11.60 -32.30
CA LYS F 175 14.39 10.90 -33.43
C LYS F 175 12.90 10.60 -33.21
N ILE F 176 12.57 10.10 -32.03
CA ILE F 176 11.18 9.82 -31.66
C ILE F 176 10.36 11.09 -31.63
N HIS F 177 10.92 12.15 -31.05
CA HIS F 177 10.20 13.41 -30.93
C HIS F 177 9.82 13.99 -32.29
N SER F 178 10.66 13.77 -33.30
CA SER F 178 10.39 14.29 -34.63
C SER F 178 9.36 13.45 -35.39
N ILE F 179 9.17 12.21 -34.95
CA ILE F 179 8.14 11.34 -35.53
C ILE F 179 6.76 11.56 -34.86
N ASN F 180 6.75 11.58 -33.54
CA ASN F 180 5.51 11.78 -32.80
C ASN F 180 5.68 12.70 -31.59
N LYS F 181 5.32 13.96 -31.73
CA LYS F 181 5.51 14.95 -30.68
C LYS F 181 4.58 14.75 -29.48
N ASN F 182 3.69 13.77 -29.55
CA ASN F 182 2.67 13.55 -28.51
C ASN F 182 3.06 12.56 -27.41
N ILE F 183 4.13 11.80 -27.62
CA ILE F 183 4.61 10.91 -26.57
C ILE F 183 5.52 11.64 -25.59
N PRO F 184 5.19 11.63 -24.29
CA PRO F 184 6.09 12.35 -23.38
C PRO F 184 7.44 11.64 -23.27
N LEU F 185 8.52 12.41 -23.32
CA LEU F 185 9.87 11.86 -23.35
C LEU F 185 10.67 12.31 -22.14
N VAL F 186 11.49 11.40 -21.63
CA VAL F 186 12.27 11.66 -20.44
C VAL F 186 13.72 11.35 -20.70
N GLN F 187 14.56 12.37 -20.52
CA GLN F 187 16.00 12.25 -20.70
C GLN F 187 16.64 11.65 -19.44
N LEU F 188 17.14 10.43 -19.55
CA LEU F 188 17.88 9.84 -18.45
C LEU F 188 19.33 10.39 -18.35
N LEU F 189 19.81 10.56 -17.13
CA LEU F 189 21.13 11.12 -16.89
C LEU F 189 21.90 10.25 -15.93
N TRP F 190 23.19 10.07 -16.20
CA TRP F 190 24.04 9.37 -15.24
C TRP F 190 25.28 10.20 -14.91
N TYR F 191 25.32 10.65 -13.66
CA TYR F 191 26.46 11.38 -13.11
C TYR F 191 27.41 10.42 -12.38
N TYR F 192 28.71 10.59 -12.58
CA TYR F 192 29.68 9.74 -11.91
C TYR F 192 31.01 10.47 -11.77
N PRO F 193 31.89 9.98 -10.89
CA PRO F 193 33.26 10.54 -10.83
C PRO F 193 34.17 9.85 -11.83
N ASN F 194 34.87 10.63 -12.64
CA ASN F 194 35.83 10.07 -13.57
C ASN F 194 37.18 9.82 -12.89
N GLU F 195 38.22 9.65 -13.70
CA GLU F 195 39.56 9.32 -13.22
C GLU F 195 40.12 10.39 -12.29
N ASN F 196 39.90 11.65 -12.66
CA ASN F 196 40.36 12.79 -11.86
C ASN F 196 39.43 13.08 -10.70
N ASN F 197 38.48 12.17 -10.47
CA ASN F 197 37.53 12.32 -9.40
C ASN F 197 36.73 13.62 -9.53
N GLU F 198 36.56 14.10 -10.76
CA GLU F 198 35.61 15.18 -11.02
C GLU F 198 34.32 14.59 -11.60
N ILE F 199 33.18 15.10 -11.15
CA ILE F 199 31.90 14.53 -11.53
C ILE F 199 31.45 14.99 -12.93
N VAL F 200 31.29 14.04 -13.84
CA VAL F 200 30.79 14.35 -15.18
C VAL F 200 29.44 13.68 -15.46
N GLU F 201 28.78 14.12 -16.53
CA GLU F 201 27.58 13.43 -17.02
C GLU F 201 27.94 12.55 -18.22
N TRP F 202 27.47 11.29 -18.18
CA TRP F 202 27.67 10.26 -19.20
C TRP F 202 27.69 10.73 -20.66
N SER F 203 26.62 11.35 -21.12
CA SER F 203 26.57 11.85 -22.49
C SER F 203 26.98 13.32 -22.61
N GLY F 204 27.41 13.93 -21.52
CA GLY F 204 27.80 15.34 -21.51
C GLY F 204 26.63 16.30 -21.61
N ILE F 205 25.44 15.82 -21.29
CA ILE F 205 24.20 16.54 -21.52
C ILE F 205 23.99 17.72 -20.57
N THR F 206 24.50 17.62 -19.34
CA THR F 206 24.55 18.78 -18.46
C THR F 206 25.93 18.93 -17.82
N HIS F 207 26.14 20.01 -17.08
CA HIS F 207 27.30 20.22 -16.24
C HIS F 207 27.24 19.32 -15.01
N GLU F 208 28.29 19.34 -14.20
N GLU F 208 28.28 19.32 -14.19
CA GLU F 208 28.25 18.68 -12.90
CA GLU F 208 28.21 18.59 -12.94
C GLU F 208 27.03 19.19 -12.12
C GLU F 208 27.04 19.16 -12.13
N PRO F 209 26.29 18.28 -11.44
CA PRO F 209 25.07 18.61 -10.69
C PRO F 209 25.12 19.90 -9.86
N LYS F 210 26.26 20.18 -9.23
CA LYS F 210 26.38 21.39 -8.42
C LYS F 210 26.30 22.68 -9.23
N ARG F 211 26.60 22.62 -10.53
CA ARG F 211 26.70 23.83 -11.35
C ARG F 211 25.94 23.78 -12.66
N VAL F 212 24.85 23.01 -12.71
CA VAL F 212 23.98 22.99 -13.88
C VAL F 212 23.44 24.37 -14.18
N THR F 213 23.14 24.63 -15.45
CA THR F 213 22.70 25.95 -15.88
C THR F 213 21.32 25.89 -16.52
N ASN F 214 20.68 27.05 -16.67
CA ASN F 214 19.40 27.13 -17.37
C ASN F 214 19.55 26.58 -18.77
N ASP F 215 20.70 26.83 -19.37
CA ASP F 215 20.94 26.42 -20.74
C ASP F 215 20.91 24.88 -20.90
N ASP F 216 21.53 24.15 -19.98
CA ASP F 216 21.52 22.69 -20.08
C ASP F 216 20.07 22.20 -20.10
N PHE F 217 19.25 22.74 -19.18
CA PHE F 217 17.87 22.28 -19.05
C PHE F 217 16.96 22.77 -20.19
N GLN F 218 17.16 24.01 -20.62
CA GLN F 218 16.38 24.50 -21.76
C GLN F 218 16.64 23.69 -23.04
N GLU F 219 17.83 23.10 -23.13
CA GLU F 219 18.19 22.30 -24.30
C GLU F 219 17.45 20.99 -24.30
N ILE F 220 17.31 20.41 -23.11
CA ILE F 220 16.62 19.15 -22.92
C ILE F 220 15.12 19.32 -23.16
N LYS F 221 14.59 20.46 -22.76
CA LYS F 221 13.18 20.76 -22.88
C LYS F 221 12.75 20.93 -24.34
N LYS F 222 13.72 20.96 -25.25
CA LYS F 222 13.39 21.03 -26.66
C LYS F 222 12.82 19.71 -27.18
N TYR F 223 13.08 18.61 -26.47
CA TYR F 223 12.62 17.29 -26.91
C TYR F 223 12.02 16.42 -25.79
N ALA F 224 12.19 16.84 -24.54
CA ALA F 224 11.76 16.01 -23.41
C ALA F 224 10.99 16.81 -22.38
N VAL F 225 10.12 16.15 -21.62
CA VAL F 225 9.30 16.83 -20.61
C VAL F 225 9.91 16.68 -19.22
N GLY F 226 10.85 15.75 -19.08
CA GLY F 226 11.53 15.57 -17.82
C GLY F 226 12.91 14.95 -17.92
N ILE F 227 13.56 14.82 -16.77
CA ILE F 227 14.85 14.15 -16.64
C ILE F 227 14.77 13.01 -15.59
N GLY F 228 15.65 12.02 -15.71
CA GLY F 228 15.73 10.96 -14.76
C GLY F 228 17.18 10.77 -14.36
N PRO F 229 17.60 11.47 -13.30
CA PRO F 229 18.99 11.38 -12.82
C PRO F 229 19.15 10.34 -11.72
N ASN F 230 20.33 9.75 -11.58
CA ASN F 230 20.67 8.97 -10.39
C ASN F 230 20.87 9.89 -9.18
N LEU F 231 20.39 9.44 -8.02
CA LEU F 231 20.50 10.19 -6.78
C LEU F 231 21.87 9.95 -6.10
N ARG F 232 22.38 8.72 -6.21
CA ARG F 232 23.63 8.36 -5.55
C ARG F 232 24.59 7.76 -6.56
N ASN F 233 25.89 7.90 -6.32
CA ASN F 233 26.89 7.20 -7.11
C ASN F 233 27.03 5.76 -6.64
N ASP F 234 27.90 4.98 -7.29
CA ASP F 234 28.09 3.57 -6.95
C ASP F 234 28.50 3.32 -5.49
N ASN F 235 29.24 4.26 -4.93
CA ASN F 235 29.69 4.14 -3.55
C ASN F 235 28.58 4.38 -2.51
N GLY F 236 27.38 4.75 -2.97
CA GLY F 236 26.28 5.06 -2.07
C GLY F 236 26.16 6.52 -1.61
N ASP F 237 27.10 7.36 -2.03
CA ASP F 237 27.08 8.80 -1.72
C ASP F 237 26.12 9.58 -2.59
N LEU F 238 25.57 10.66 -2.05
CA LEU F 238 24.72 11.57 -2.82
C LEU F 238 25.49 12.27 -3.92
N ILE F 239 24.88 12.40 -5.08
CA ILE F 239 25.57 13.03 -6.21
C ILE F 239 24.71 14.13 -6.86
N ILE F 240 23.45 14.23 -6.45
CA ILE F 240 22.64 15.43 -6.72
C ILE F 240 22.11 16.00 -5.41
N ASN F 241 21.75 17.28 -5.41
CA ASN F 241 21.21 17.93 -4.22
C ASN F 241 19.94 18.72 -4.53
N GLU F 242 19.36 19.33 -3.50
CA GLU F 242 18.13 20.10 -3.64
C GLU F 242 18.24 21.23 -4.67
N SER F 243 19.41 21.86 -4.75
CA SER F 243 19.68 22.93 -5.74
C SER F 243 19.46 22.51 -7.18
N TYR F 244 19.99 21.33 -7.52
CA TYR F 244 19.80 20.73 -8.82
C TYR F 244 18.31 20.56 -9.12
N MET F 245 17.53 20.12 -8.12
CA MET F 245 16.11 19.89 -8.33
C MET F 245 15.38 21.21 -8.52
N LYS F 246 15.73 22.24 -7.74
CA LYS F 246 15.10 23.54 -7.91
C LYS F 246 15.42 24.10 -9.29
N MET F 247 16.68 23.98 -9.71
CA MET F 247 17.06 24.42 -11.06
C MET F 247 16.31 23.65 -12.17
N ALA F 248 16.02 22.37 -11.96
CA ALA F 248 15.27 21.61 -12.96
C ALA F 248 13.78 21.98 -12.96
N ARG F 249 13.19 22.09 -11.76
CA ARG F 249 11.78 22.45 -11.63
C ARG F 249 11.52 23.82 -12.22
N GLN F 250 12.41 24.77 -11.98
CA GLN F 250 12.14 26.15 -12.39
C GLN F 250 12.23 26.25 -13.93
N ASN F 251 12.89 25.27 -14.54
CA ASN F 251 12.91 25.18 -15.99
C ASN F 251 11.80 24.29 -16.55
N GLY F 252 10.80 23.97 -15.75
CA GLY F 252 9.60 23.31 -16.25
C GLY F 252 9.74 21.82 -16.52
N LEU F 253 10.75 21.19 -15.93
CA LEU F 253 11.01 19.79 -16.17
C LEU F 253 10.47 18.89 -15.05
N LEU F 254 9.92 17.74 -15.41
CA LEU F 254 9.59 16.70 -14.44
C LEU F 254 10.89 16.08 -14.00
N ILE F 255 10.93 15.53 -12.79
CA ILE F 255 12.16 14.91 -12.31
C ILE F 255 11.88 13.54 -11.72
N HIS F 256 12.53 12.52 -12.27
CA HIS F 256 12.27 11.12 -11.87
C HIS F 256 13.55 10.37 -11.49
N PRO F 257 14.02 10.54 -10.25
CA PRO F 257 15.30 9.91 -9.89
C PRO F 257 15.19 8.40 -9.73
N TYR F 258 16.33 7.71 -9.82
CA TYR F 258 16.39 6.25 -9.75
C TYR F 258 17.68 5.84 -9.01
N THR F 259 17.76 4.61 -8.49
CA THR F 259 16.62 3.73 -8.24
C THR F 259 16.40 3.76 -6.73
N ILE F 260 15.27 4.29 -6.29
CA ILE F 260 15.09 4.64 -4.88
C ILE F 260 14.33 3.54 -4.15
N ASN F 261 15.00 2.82 -3.27
CA ASN F 261 14.38 1.65 -2.64
C ASN F 261 14.17 1.79 -1.13
N GLU F 262 14.78 2.79 -0.51
CA GLU F 262 14.70 2.97 0.95
C GLU F 262 13.82 4.16 1.31
N LYS F 263 12.96 3.98 2.31
CA LYS F 263 12.02 5.04 2.69
C LYS F 263 12.67 6.35 3.11
N PRO F 264 13.85 6.30 3.78
CA PRO F 264 14.44 7.60 4.10
C PRO F 264 14.82 8.42 2.88
N ASP F 265 15.28 7.74 1.83
CA ASP F 265 15.59 8.37 0.56
C ASP F 265 14.33 8.79 -0.20
N MET F 266 13.25 8.03 -0.07
CA MET F 266 11.98 8.45 -0.65
C MET F 266 11.53 9.76 -0.01
N ARG F 267 11.74 9.91 1.29
CA ARG F 267 11.33 11.13 1.99
C ARG F 267 12.20 12.32 1.62
N LEU F 268 13.47 12.05 1.37
CA LEU F 268 14.40 13.13 1.02
C LEU F 268 13.94 13.75 -0.30
N LEU F 269 13.58 12.90 -1.26
CA LEU F 269 13.24 13.37 -2.59
C LEU F 269 11.86 14.05 -2.63
N MET F 270 10.90 13.58 -1.83
CA MET F 270 9.62 14.29 -1.71
C MET F 270 9.90 15.70 -1.24
N LYS F 271 10.81 15.83 -0.27
CA LYS F 271 11.17 17.13 0.29
C LYS F 271 11.82 18.04 -0.78
N TRP F 272 12.63 17.45 -1.65
CA TRP F 272 13.32 18.20 -2.69
C TRP F 272 12.45 18.50 -3.89
N GLY F 273 11.27 17.91 -3.92
CA GLY F 273 10.32 18.18 -4.98
C GLY F 273 10.48 17.35 -6.23
N ALA F 274 10.79 16.07 -6.07
CA ALA F 274 10.72 15.14 -7.19
C ALA F 274 9.25 14.92 -7.56
N THR F 275 9.00 14.71 -8.84
CA THR F 275 7.64 14.54 -9.31
C THR F 275 7.43 13.08 -9.68
N GLY F 276 8.39 12.24 -9.32
CA GLY F 276 8.24 10.81 -9.49
C GLY F 276 9.51 10.15 -9.05
N MET F 277 9.52 8.82 -8.97
CA MET F 277 10.73 8.04 -8.67
C MET F 277 10.62 6.69 -9.36
N PHE F 278 11.76 6.13 -9.73
CA PHE F 278 11.86 4.72 -10.07
C PHE F 278 12.09 3.97 -8.77
N THR F 279 11.32 2.92 -8.53
CA THR F 279 11.55 2.07 -7.37
C THR F 279 11.29 0.58 -7.67
N ASN F 280 12.01 -0.29 -6.98
CA ASN F 280 11.76 -1.71 -7.03
C ASN F 280 10.65 -2.10 -6.04
N TYR F 281 10.26 -1.16 -5.19
CA TYR F 281 9.31 -1.41 -4.11
C TYR F 281 8.17 -0.42 -4.17
N PRO F 282 7.28 -0.55 -5.17
CA PRO F 282 6.22 0.44 -5.32
C PRO F 282 5.32 0.53 -4.09
N ASP F 283 5.19 -0.58 -3.36
CA ASP F 283 4.40 -0.63 -2.12
C ASP F 283 4.95 0.31 -1.03
N ARG F 284 6.27 0.37 -0.88
CA ARG F 284 6.90 1.28 0.08
C ARG F 284 6.70 2.75 -0.30
N LEU F 285 6.90 3.04 -1.58
CA LEU F 285 6.78 4.40 -2.05
C LEU F 285 5.36 4.88 -1.77
N HIS F 286 4.39 4.02 -2.05
CA HIS F 286 3.00 4.34 -1.76
C HIS F 286 2.80 4.66 -0.29
N THR F 287 3.36 3.83 0.58
CA THR F 287 3.27 4.05 2.01
C THR F 287 3.82 5.44 2.36
N VAL F 288 4.98 5.77 1.80
CA VAL F 288 5.63 7.06 2.04
C VAL F 288 4.80 8.26 1.55
N LEU F 289 4.21 8.11 0.37
CA LEU F 289 3.33 9.15 -0.17
C LEU F 289 2.15 9.46 0.76
N LYS F 290 1.73 8.45 1.53
CA LYS F 290 0.52 8.57 2.31
C LYS F 290 0.75 8.86 3.79
N GLU F 291 2.02 8.93 4.20
CA GLU F 291 2.34 9.07 5.62
C GLU F 291 1.64 10.23 6.33
N LYS G 13 3.70 26.09 -13.94
CA LYS G 13 3.64 26.64 -15.30
C LYS G 13 2.21 26.54 -15.85
N ASN G 14 1.82 25.34 -16.28
CA ASN G 14 0.43 25.06 -16.66
C ASN G 14 -0.26 24.26 -15.56
N LYS G 15 0.23 24.45 -14.34
CA LYS G 15 -0.30 23.85 -13.12
C LYS G 15 -1.82 23.97 -12.99
N PHE G 16 -2.50 22.87 -12.69
CA PHE G 16 -3.96 22.87 -12.60
C PHE G 16 -4.48 23.68 -11.42
N LEU G 17 -5.45 24.55 -11.70
CA LEU G 17 -6.02 25.45 -10.70
C LEU G 17 -7.45 25.09 -10.30
N ASN G 18 -7.61 24.63 -9.08
CA ASN G 18 -8.91 24.43 -8.46
C ASN G 18 -9.44 25.78 -7.98
N ILE G 19 -10.38 26.36 -8.74
CA ILE G 19 -10.91 27.69 -8.47
C ILE G 19 -12.27 27.65 -7.80
N ALA G 20 -12.34 28.17 -6.58
CA ALA G 20 -13.56 28.08 -5.77
C ALA G 20 -14.56 29.17 -6.15
N HIS G 21 -15.63 28.75 -6.82
CA HIS G 21 -16.61 29.69 -7.39
C HIS G 21 -17.43 30.37 -6.30
N ARG G 22 -17.14 31.64 -6.08
CA ARG G 22 -17.77 32.45 -5.02
C ARG G 22 -17.53 31.81 -3.66
N GLY G 23 -16.33 31.26 -3.46
CA GLY G 23 -16.02 30.47 -2.28
C GLY G 23 -16.35 29.01 -2.48
N ALA G 24 -16.67 28.31 -1.39
CA ALA G 24 -17.16 26.95 -1.49
C ALA G 24 -18.69 26.98 -1.57
N SER G 25 -19.20 27.65 -2.61
CA SER G 25 -20.58 28.10 -2.62
C SER G 25 -21.61 26.97 -2.70
N GLY G 26 -21.16 25.75 -2.99
CA GLY G 26 -22.03 24.59 -3.00
C GLY G 26 -22.33 24.03 -1.61
N HIS G 27 -21.61 24.52 -0.59
CA HIS G 27 -21.82 24.12 0.80
C HIS G 27 -22.27 25.27 1.70
N ALA G 28 -22.08 26.51 1.26
CA ALA G 28 -22.36 27.68 2.07
C ALA G 28 -22.79 28.85 1.19
N PRO G 29 -23.47 29.87 1.78
CA PRO G 29 -23.91 31.00 0.95
C PRO G 29 -22.75 31.75 0.28
N GLU G 30 -22.89 31.98 -1.03
CA GLU G 30 -21.87 32.61 -1.85
C GLU G 30 -21.41 33.96 -1.31
N HIS G 31 -20.12 34.21 -1.41
CA HIS G 31 -19.56 35.50 -1.04
C HIS G 31 -19.92 35.86 0.39
N THR G 32 -19.66 34.91 1.29
CA THR G 32 -19.75 35.15 2.72
C THR G 32 -18.52 34.52 3.35
N PHE G 33 -18.21 34.90 4.57
CA PHE G 33 -17.05 34.34 5.25
C PHE G 33 -17.31 32.88 5.64
N ALA G 34 -18.58 32.52 5.79
CA ALA G 34 -18.95 31.13 6.05
C ALA G 34 -18.46 30.25 4.90
N SER G 35 -18.50 30.83 3.70
CA SER G 35 -18.13 30.13 2.47
C SER G 35 -16.63 30.21 2.17
N TYR G 36 -16.05 31.39 2.39
CA TYR G 36 -14.63 31.60 2.15
C TYR G 36 -13.78 30.75 3.10
N ASP G 37 -14.32 30.45 4.29
CA ASP G 37 -13.56 29.76 5.33
C ASP G 37 -13.38 28.26 5.06
N LEU G 38 -14.26 27.68 4.25
CA LEU G 38 -14.16 26.28 3.87
C LEU G 38 -13.14 26.04 2.75
N VAL G 39 -12.67 27.12 2.14
CA VAL G 39 -11.96 27.04 0.87
C VAL G 39 -10.53 26.51 1.02
N LYS G 40 -9.83 26.99 2.04
CA LYS G 40 -8.45 26.59 2.26
C LYS G 40 -8.36 25.10 2.56
N LYS G 41 -9.24 24.63 3.45
CA LYS G 41 -9.24 23.23 3.88
C LYS G 41 -9.71 22.26 2.80
N MET G 42 -10.47 22.76 1.82
CA MET G 42 -10.91 21.92 0.71
C MET G 42 -9.90 21.90 -0.44
N LYS G 43 -8.72 22.48 -0.20
CA LYS G 43 -7.59 22.45 -1.14
C LYS G 43 -7.83 23.21 -2.44
N ALA G 44 -8.60 24.31 -2.37
CA ALA G 44 -8.76 25.20 -3.51
C ALA G 44 -7.53 26.10 -3.65
N ASP G 45 -7.13 26.35 -4.89
CA ASP G 45 -5.95 27.15 -5.17
C ASP G 45 -6.30 28.62 -5.27
N TYR G 46 -7.51 28.90 -5.75
CA TYR G 46 -7.96 30.29 -5.91
C TYR G 46 -9.36 30.51 -5.38
N LEU G 47 -9.54 31.65 -4.72
CA LEU G 47 -10.84 32.06 -4.25
C LEU G 47 -11.40 33.08 -5.23
N GLU G 48 -12.46 32.71 -5.95
CA GLU G 48 -13.03 33.60 -6.95
C GLU G 48 -13.99 34.62 -6.34
N LEU G 49 -13.84 35.88 -6.74
CA LEU G 49 -14.61 36.99 -6.17
C LEU G 49 -15.23 37.86 -7.25
N ASP G 50 -16.55 38.06 -7.17
CA ASP G 50 -17.21 39.10 -7.95
C ASP G 50 -17.31 40.36 -7.11
N ILE G 51 -16.92 41.50 -7.66
CA ILE G 51 -16.93 42.74 -6.88
C ILE G 51 -17.86 43.83 -7.41
N GLN G 52 -18.50 44.54 -6.48
CA GLN G 52 -19.31 45.70 -6.79
C GLN G 52 -18.74 46.93 -6.11
N LEU G 53 -19.15 48.11 -6.56
CA LEU G 53 -18.70 49.38 -5.94
C LEU G 53 -19.86 50.14 -5.31
N THR G 54 -19.77 50.44 -4.02
CA THR G 54 -20.86 51.11 -3.31
C THR G 54 -20.88 52.62 -3.57
N LYS G 55 -21.93 53.28 -3.09
CA LYS G 55 -22.11 54.72 -3.28
C LYS G 55 -20.91 55.53 -2.80
N ASP G 56 -20.34 55.13 -1.65
CA ASP G 56 -19.22 55.86 -1.06
C ASP G 56 -17.84 55.27 -1.41
N GLY G 57 -17.76 54.52 -2.49
CA GLY G 57 -16.49 54.10 -3.05
C GLY G 57 -15.81 52.91 -2.41
N GLN G 58 -16.61 51.96 -1.93
CA GLN G 58 -16.09 50.75 -1.30
C GLN G 58 -16.33 49.51 -2.16
N LEU G 59 -15.28 48.73 -2.40
CA LEU G 59 -15.42 47.49 -3.15
C LEU G 59 -15.97 46.37 -2.26
N ILE G 60 -17.12 45.82 -2.62
CA ILE G 60 -17.70 44.71 -1.87
C ILE G 60 -17.78 43.45 -2.71
N ALA G 61 -18.02 42.30 -2.08
CA ALA G 61 -18.12 41.04 -2.82
C ALA G 61 -19.56 40.59 -2.93
N MET G 62 -20.05 40.58 -4.16
CA MET G 62 -21.42 40.19 -4.45
C MET G 62 -21.50 39.94 -5.94
N HIS G 63 -22.17 38.86 -6.34
CA HIS G 63 -22.23 38.51 -7.76
C HIS G 63 -23.12 39.46 -8.55
N ASP G 64 -24.31 39.73 -8.03
CA ASP G 64 -25.27 40.60 -8.71
C ASP G 64 -24.99 42.08 -8.45
N THR G 65 -25.48 42.93 -9.37
CA THR G 65 -25.45 44.37 -9.16
C THR G 65 -26.59 44.76 -8.22
N ALA G 66 -27.70 44.00 -8.27
CA ALA G 66 -28.79 44.19 -7.30
C ALA G 66 -28.59 43.26 -6.10
N VAL G 67 -28.95 43.73 -4.92
CA VAL G 67 -28.73 42.97 -3.70
C VAL G 67 -29.79 41.89 -3.46
N ASP G 68 -30.84 41.89 -4.27
CA ASP G 68 -32.08 41.17 -3.97
C ASP G 68 -31.97 39.65 -3.76
N ARG G 69 -31.42 38.94 -4.74
CA ARG G 69 -31.39 37.47 -4.67
C ARG G 69 -30.65 36.91 -3.43
N THR G 70 -29.54 37.54 -3.06
CA THR G 70 -28.70 36.99 -1.98
C THR G 70 -28.89 37.71 -0.64
N THR G 71 -29.82 38.66 -0.59
CA THR G 71 -30.09 39.37 0.67
C THR G 71 -31.59 39.58 0.85
N ASN G 72 -31.97 40.04 2.04
CA ASN G 72 -33.34 40.40 2.33
C ASN G 72 -33.69 41.77 1.74
N GLY G 73 -32.66 42.56 1.48
CA GLY G 73 -32.85 43.92 1.01
C GLY G 73 -33.24 44.02 -0.46
N THR G 74 -33.29 45.25 -0.96
CA THR G 74 -33.64 45.50 -2.34
C THR G 74 -32.83 46.65 -2.91
N GLY G 75 -32.70 46.71 -4.23
CA GLY G 75 -32.05 47.83 -4.87
C GLY G 75 -30.62 47.54 -5.30
N GLU G 76 -30.03 48.49 -6.00
CA GLU G 76 -28.68 48.34 -6.55
C GLU G 76 -27.61 48.57 -5.50
N VAL G 77 -26.42 48.03 -5.74
CA VAL G 77 -25.27 48.28 -4.87
C VAL G 77 -24.88 49.76 -4.92
N ARG G 78 -24.77 50.30 -6.14
CA ARG G 78 -24.30 51.67 -6.36
C ARG G 78 -25.19 52.74 -5.71
N ASP G 79 -26.41 52.35 -5.32
CA ASP G 79 -27.34 53.25 -4.66
C ASP G 79 -27.28 53.11 -3.14
N LYS G 80 -26.30 52.34 -2.66
CA LYS G 80 -26.18 52.08 -1.24
C LYS G 80 -24.82 52.42 -0.67
N THR G 81 -24.82 53.08 0.49
CA THR G 81 -23.58 53.31 1.24
C THR G 81 -23.13 51.97 1.83
N LEU G 82 -21.94 51.94 2.41
CA LEU G 82 -21.41 50.69 2.96
C LEU G 82 -22.22 50.22 4.16
N SER G 83 -22.56 51.14 5.05
CA SER G 83 -23.29 50.83 6.27
C SER G 83 -24.68 50.28 5.97
N GLU G 84 -25.26 50.72 4.86
CA GLU G 84 -26.57 50.22 4.43
C GLU G 84 -26.47 48.73 4.08
N ILE G 85 -25.43 48.39 3.34
CA ILE G 85 -25.20 47.02 2.90
C ILE G 85 -24.72 46.13 4.05
N LYS G 86 -24.06 46.76 5.02
CA LYS G 86 -23.56 46.05 6.19
C LYS G 86 -24.71 45.65 7.12
N SER G 87 -25.79 46.41 7.07
CA SER G 87 -26.92 46.17 7.96
C SER G 87 -27.74 44.96 7.50
N LEU G 88 -27.28 44.31 6.44
CA LEU G 88 -28.05 43.23 5.81
C LEU G 88 -27.72 41.81 6.28
N ASP G 89 -28.56 40.88 5.88
CA ASP G 89 -28.35 39.45 6.10
C ASP G 89 -28.11 38.74 4.77
N ALA G 90 -26.89 38.23 4.59
CA ALA G 90 -26.47 37.69 3.31
C ALA G 90 -26.38 36.16 3.33
N GLY G 91 -26.91 35.55 4.38
CA GLY G 91 -26.81 34.12 4.55
C GLY G 91 -28.13 33.38 4.59
N SER G 92 -29.18 34.03 5.10
CA SER G 92 -30.47 33.36 5.31
C SER G 92 -31.08 32.80 4.02
N TRP G 93 -30.88 33.50 2.92
CA TRP G 93 -31.44 33.08 1.63
C TRP G 93 -30.96 31.68 1.25
N PHE G 94 -29.76 31.31 1.70
CA PHE G 94 -29.18 30.01 1.38
C PHE G 94 -29.99 28.88 2.03
N ASN G 95 -30.36 29.06 3.29
CA ASN G 95 -31.07 28.04 4.03
C ASN G 95 -32.47 27.76 3.48
N LYS G 96 -33.04 28.74 2.78
CA LYS G 96 -34.39 28.61 2.25
C LYS G 96 -34.39 28.00 0.86
N ALA G 97 -33.33 28.25 0.08
CA ALA G 97 -33.20 27.66 -1.25
C ALA G 97 -32.78 26.19 -1.17
N TYR G 98 -31.72 25.93 -0.40
CA TYR G 98 -31.22 24.56 -0.16
C TYR G 98 -31.39 24.16 1.32
N PRO G 99 -32.57 23.65 1.69
CA PRO G 99 -32.87 23.30 3.09
C PRO G 99 -32.04 22.14 3.66
N GLU G 100 -31.59 21.22 2.79
CA GLU G 100 -30.81 20.07 3.24
C GLU G 100 -29.36 20.46 3.53
N LYS G 101 -28.96 21.64 3.05
CA LYS G 101 -27.60 22.13 3.25
C LYS G 101 -27.53 23.20 4.31
N ALA G 102 -28.68 23.54 4.88
CA ALA G 102 -28.81 24.69 5.76
C ALA G 102 -28.12 24.50 7.10
N LYS G 103 -27.71 25.63 7.68
CA LYS G 103 -27.09 25.68 9.01
C LYS G 103 -27.51 26.95 9.73
N GLN G 104 -27.61 26.86 11.06
CA GLN G 104 -27.98 28.03 11.85
C GLN G 104 -26.88 29.06 11.81
N GLU G 105 -25.64 28.61 11.61
CA GLU G 105 -24.48 29.48 11.48
C GLU G 105 -24.66 30.53 10.39
N TYR G 106 -25.31 30.13 9.31
CA TYR G 106 -25.35 30.94 8.10
C TYR G 106 -26.26 32.16 8.21
N VAL G 107 -27.18 32.19 9.17
CA VAL G 107 -28.05 33.36 9.31
C VAL G 107 -27.30 34.50 10.00
N GLY G 108 -27.39 35.69 9.41
CA GLY G 108 -26.68 36.85 9.94
C GLY G 108 -25.36 37.17 9.23
N GLN G 109 -24.89 36.26 8.39
CA GLN G 109 -23.67 36.49 7.60
C GLN G 109 -23.77 37.81 6.87
N LYS G 110 -22.70 38.58 6.90
CA LYS G 110 -22.72 39.90 6.31
C LYS G 110 -21.90 39.98 5.02
N VAL G 111 -22.22 40.96 4.20
CA VAL G 111 -21.50 41.16 2.96
C VAL G 111 -20.08 41.62 3.27
N PRO G 112 -19.08 40.88 2.76
CA PRO G 112 -17.68 41.24 2.97
C PRO G 112 -17.25 42.42 2.09
N THR G 113 -16.42 43.31 2.61
CA THR G 113 -15.71 44.22 1.73
C THR G 113 -14.54 43.44 1.17
N LEU G 114 -13.91 43.98 0.13
CA LEU G 114 -12.77 43.30 -0.46
C LEU G 114 -11.62 43.41 0.53
N GLU G 115 -11.52 44.58 1.16
CA GLU G 115 -10.49 44.85 2.13
C GLU G 115 -10.54 43.85 3.27
N GLU G 116 -11.72 43.65 3.86
CA GLU G 116 -11.92 42.66 4.92
C GLU G 116 -11.41 41.27 4.54
N ILE G 117 -11.70 40.82 3.31
CA ILE G 117 -11.22 39.51 2.84
C ILE G 117 -9.70 39.46 2.84
N PHE G 118 -9.08 40.51 2.29
CA PHE G 118 -7.62 40.61 2.23
C PHE G 118 -7.01 40.62 3.63
N GLN G 119 -7.70 41.26 4.57
CA GLN G 119 -7.21 41.35 5.94
C GLN G 119 -7.23 39.98 6.62
N LYS G 120 -8.32 39.25 6.46
CA LYS G 120 -8.44 37.95 7.11
C LYS G 120 -7.47 36.91 6.54
N TYR G 121 -7.40 36.78 5.22
CA TYR G 121 -6.64 35.68 4.63
C TYR G 121 -5.24 36.07 4.15
N GLY G 122 -5.00 37.38 3.97
CA GLY G 122 -3.69 37.87 3.55
C GLY G 122 -3.10 37.10 2.38
N ARG G 123 -1.82 36.75 2.49
CA ARG G 123 -1.16 35.99 1.43
C ARG G 123 -1.45 34.48 1.50
N SER G 124 -2.26 34.04 2.45
CA SER G 124 -2.51 32.61 2.65
C SER G 124 -3.52 32.04 1.65
N MET G 125 -4.09 32.90 0.83
CA MET G 125 -5.07 32.50 -0.20
C MET G 125 -4.76 33.31 -1.45
N LYS G 126 -4.96 32.74 -2.63
CA LYS G 126 -4.87 33.50 -3.86
C LYS G 126 -6.27 33.95 -4.32
N TYR G 127 -6.33 35.02 -5.11
CA TYR G 127 -7.60 35.67 -5.40
C TYR G 127 -7.84 35.80 -6.89
N TYR G 128 -9.02 35.36 -7.32
CA TYR G 128 -9.44 35.36 -8.72
C TYR G 128 -10.56 36.38 -8.91
N ILE G 129 -10.21 37.62 -9.27
CA ILE G 129 -11.12 38.75 -9.13
C ILE G 129 -11.73 39.25 -10.44
N GLU G 130 -13.07 39.27 -10.51
CA GLU G 130 -13.77 39.71 -11.71
C GLU G 130 -14.14 41.19 -11.71
N THR G 131 -13.69 41.91 -12.72
CA THR G 131 -14.12 43.29 -12.93
C THR G 131 -15.23 43.39 -13.99
N LYS G 132 -15.88 44.56 -14.03
CA LYS G 132 -16.96 44.83 -14.98
C LYS G 132 -16.47 45.75 -16.11
N SER G 133 -17.38 46.13 -17.00
CA SER G 133 -17.07 47.13 -18.01
C SER G 133 -16.71 48.46 -17.34
N PRO G 134 -15.74 49.20 -17.93
CA PRO G 134 -15.19 50.43 -17.35
C PRO G 134 -16.25 51.50 -17.08
N ASP G 135 -17.27 51.61 -17.94
CA ASP G 135 -18.30 52.62 -17.79
C ASP G 135 -19.13 52.40 -16.52
N VAL G 136 -19.65 51.18 -16.37
CA VAL G 136 -20.45 50.76 -15.22
C VAL G 136 -19.96 51.31 -13.86
N TYR G 137 -18.66 51.15 -13.59
CA TYR G 137 -18.06 51.54 -12.31
C TYR G 137 -16.75 52.31 -12.51
N PRO G 138 -16.83 53.64 -12.67
CA PRO G 138 -15.58 54.37 -12.94
C PRO G 138 -14.59 54.32 -11.78
N GLY G 139 -13.34 53.98 -12.08
CA GLY G 139 -12.29 53.95 -11.07
C GLY G 139 -12.14 52.60 -10.39
N MET G 140 -13.00 51.65 -10.75
CA MET G 140 -12.98 50.32 -10.14
C MET G 140 -11.60 49.68 -10.23
N GLU G 141 -10.98 49.75 -11.40
CA GLU G 141 -9.69 49.11 -11.62
C GLU G 141 -8.56 49.72 -10.77
N GLU G 142 -8.45 51.05 -10.77
CA GLU G 142 -7.42 51.70 -9.96
C GLU G 142 -7.69 51.50 -8.48
N LYS G 143 -8.96 51.44 -8.11
CA LYS G 143 -9.34 51.14 -6.73
C LYS G 143 -8.85 49.76 -6.39
N LEU G 144 -9.03 48.84 -7.34
CA LEU G 144 -8.67 47.46 -7.14
C LEU G 144 -7.16 47.29 -7.00
N LEU G 145 -6.40 47.89 -7.92
CA LEU G 145 -4.94 47.77 -7.91
C LEU G 145 -4.34 48.34 -6.63
N ALA G 146 -4.71 49.58 -6.31
CA ALA G 146 -4.31 50.24 -5.07
C ALA G 146 -4.52 49.34 -3.87
N LEU G 147 -5.70 48.71 -3.82
CA LEU G 147 -6.10 47.88 -2.69
C LEU G 147 -5.31 46.58 -2.66
N LEU G 148 -4.91 46.10 -3.83
CA LEU G 148 -4.07 44.93 -3.92
C LEU G 148 -2.67 45.28 -3.40
N GLU G 149 -2.11 46.34 -3.93
CA GLU G 149 -0.80 46.81 -3.50
C GLU G 149 -0.75 47.09 -2.00
N LYS G 150 -1.83 47.63 -1.46
CA LYS G 150 -1.90 47.92 -0.03
C LYS G 150 -1.75 46.66 0.81
N TYR G 151 -2.23 45.54 0.30
CA TYR G 151 -2.18 44.29 1.05
C TYR G 151 -1.20 43.30 0.46
N ASN G 152 -0.27 43.82 -0.33
CA ASN G 152 0.88 43.06 -0.82
C ASN G 152 0.52 41.81 -1.62
N LEU G 153 -0.28 42.00 -2.67
CA LEU G 153 -0.80 40.88 -3.46
C LEU G 153 -0.29 40.86 -4.90
N ILE G 154 0.56 41.82 -5.25
CA ILE G 154 1.23 41.78 -6.55
C ILE G 154 2.75 41.80 -6.36
N ARG G 162 -0.08 36.31 -6.81
CA ARG G 162 -1.13 36.19 -5.79
C ARG G 162 -2.54 36.54 -6.28
N VAL G 163 -2.66 37.06 -7.48
CA VAL G 163 -3.98 37.44 -7.97
C VAL G 163 -4.11 37.21 -9.48
N MET G 164 -5.29 36.79 -9.91
CA MET G 164 -5.65 36.79 -11.33
C MET G 164 -6.85 37.70 -11.49
N ILE G 165 -6.89 38.45 -12.57
CA ILE G 165 -8.07 39.24 -12.89
C ILE G 165 -8.79 38.62 -14.08
N GLN G 166 -10.12 38.58 -13.99
CA GLN G 166 -10.98 38.03 -15.03
C GLN G 166 -12.06 39.04 -15.40
N SER G 167 -12.53 38.99 -16.64
CA SER G 167 -13.61 39.86 -17.05
C SER G 167 -14.26 39.39 -18.35
N PHE G 168 -15.51 39.78 -18.55
CA PHE G 168 -16.17 39.59 -19.84
C PHE G 168 -15.83 40.79 -20.74
N SER G 169 -15.46 41.90 -20.12
CA SER G 169 -15.11 43.12 -20.86
C SER G 169 -13.65 43.12 -21.32
N LYS G 170 -13.46 43.02 -22.63
CA LYS G 170 -12.14 43.09 -23.22
C LYS G 170 -11.49 44.44 -22.88
N ASP G 171 -12.30 45.49 -22.82
CA ASP G 171 -11.82 46.85 -22.53
C ASP G 171 -11.27 47.00 -21.11
N SER G 172 -11.94 46.39 -20.14
CA SER G 172 -11.47 46.43 -18.77
C SER G 172 -10.08 45.77 -18.63
N LEU G 173 -9.90 44.63 -19.28
CA LEU G 173 -8.62 43.92 -19.23
C LEU G 173 -7.51 44.70 -19.94
N LYS G 174 -7.79 45.22 -21.13
CA LYS G 174 -6.81 46.02 -21.87
C LYS G 174 -6.32 47.24 -21.07
N LYS G 175 -7.25 47.92 -20.41
CA LYS G 175 -6.93 49.08 -19.58
C LYS G 175 -6.06 48.68 -18.39
N ILE G 176 -6.44 47.60 -17.72
CA ILE G 176 -5.68 47.06 -16.60
C ILE G 176 -4.27 46.68 -17.04
N HIS G 177 -4.19 46.06 -18.22
CA HIS G 177 -2.93 45.63 -18.78
C HIS G 177 -1.97 46.81 -18.97
N SER G 178 -2.53 47.96 -19.34
CA SER G 178 -1.74 49.19 -19.48
C SER G 178 -1.06 49.57 -18.17
N ILE G 179 -1.85 49.69 -17.10
CA ILE G 179 -1.33 50.08 -15.80
C ILE G 179 -0.23 49.15 -15.29
N ASN G 180 -0.54 47.86 -15.22
CA ASN G 180 0.38 46.88 -14.68
C ASN G 180 0.39 45.63 -15.55
N LYS G 181 1.58 45.23 -16.00
CA LYS G 181 1.73 44.10 -16.90
C LYS G 181 1.94 42.79 -16.13
N ASN G 182 2.22 42.88 -14.83
CA ASN G 182 2.56 41.72 -14.03
C ASN G 182 1.35 41.12 -13.30
N ILE G 183 0.17 41.35 -13.86
CA ILE G 183 -1.04 40.72 -13.34
C ILE G 183 -1.63 39.84 -14.43
N PRO G 184 -1.66 38.52 -14.19
CA PRO G 184 -2.20 37.60 -15.20
C PRO G 184 -3.70 37.81 -15.37
N LEU G 185 -4.13 38.01 -16.61
CA LEU G 185 -5.53 38.27 -16.91
C LEU G 185 -6.20 37.10 -17.63
N VAL G 186 -7.51 36.94 -17.45
CA VAL G 186 -8.26 35.88 -18.11
C VAL G 186 -9.53 36.42 -18.78
N GLN G 187 -9.69 36.13 -20.07
CA GLN G 187 -10.84 36.62 -20.83
C GLN G 187 -12.04 35.69 -20.71
N LEU G 188 -13.11 36.16 -20.07
CA LEU G 188 -14.31 35.35 -19.96
C LEU G 188 -15.13 35.37 -21.24
N LEU G 189 -15.53 34.18 -21.68
CA LEU G 189 -16.36 34.01 -22.87
C LEU G 189 -17.72 33.45 -22.49
N TRP G 190 -18.76 33.84 -23.21
CA TRP G 190 -20.06 33.24 -23.02
C TRP G 190 -20.74 32.93 -24.36
N TYR G 191 -20.87 31.64 -24.65
CA TYR G 191 -21.51 31.19 -25.87
C TYR G 191 -22.98 30.86 -25.61
N TYR G 192 -23.83 31.15 -26.58
CA TYR G 192 -25.26 30.83 -26.47
C TYR G 192 -25.91 30.72 -27.84
N PRO G 193 -26.99 29.95 -27.93
CA PRO G 193 -27.75 29.96 -29.18
C PRO G 193 -28.75 31.11 -29.22
N ASN G 194 -28.70 31.95 -30.24
CA ASN G 194 -29.72 32.97 -30.39
C ASN G 194 -31.04 32.35 -30.87
N GLU G 195 -31.99 33.19 -31.26
CA GLU G 195 -33.33 32.74 -31.61
C GLU G 195 -33.31 32.12 -33.00
N ASN G 196 -32.30 32.49 -33.77
CA ASN G 196 -32.03 31.91 -35.08
C ASN G 196 -31.43 30.51 -34.94
N ASN G 197 -31.20 30.10 -33.68
CA ASN G 197 -30.48 28.87 -33.32
C ASN G 197 -28.99 28.92 -33.69
N GLU G 198 -28.52 30.12 -34.05
CA GLU G 198 -27.12 30.36 -34.33
C GLU G 198 -26.35 30.63 -33.03
N ILE G 199 -25.17 30.06 -32.89
CA ILE G 199 -24.39 30.23 -31.67
C ILE G 199 -23.45 31.44 -31.78
N VAL G 200 -23.46 32.26 -30.73
CA VAL G 200 -22.64 33.47 -30.69
C VAL G 200 -21.87 33.60 -29.37
N GLU G 201 -20.75 34.31 -29.42
CA GLU G 201 -20.04 34.75 -28.23
C GLU G 201 -20.54 36.14 -27.83
N TRP G 202 -21.02 36.26 -26.59
CA TRP G 202 -21.66 37.46 -26.06
C TRP G 202 -20.98 38.80 -26.42
N SER G 203 -19.67 38.86 -26.28
CA SER G 203 -18.94 40.09 -26.52
C SER G 203 -18.36 40.16 -27.94
N GLY G 204 -18.65 39.12 -28.74
CA GLY G 204 -18.13 39.04 -30.10
C GLY G 204 -16.62 38.87 -30.20
N ILE G 205 -16.05 38.08 -29.30
CA ILE G 205 -14.60 37.96 -29.19
C ILE G 205 -14.05 36.80 -30.03
N THR G 206 -14.81 35.72 -30.16
CA THR G 206 -14.44 34.61 -31.03
C THR G 206 -15.61 34.15 -31.90
N HIS G 207 -15.35 33.24 -32.83
CA HIS G 207 -16.41 32.60 -33.59
C HIS G 207 -17.09 31.50 -32.78
N GLU G 208 -18.05 30.82 -33.39
CA GLU G 208 -18.68 29.65 -32.78
C GLU G 208 -17.61 28.64 -32.38
N PRO G 209 -17.78 27.94 -31.25
CA PRO G 209 -16.78 26.98 -30.78
C PRO G 209 -16.32 25.97 -31.83
N LYS G 210 -17.21 25.47 -32.68
CA LYS G 210 -16.84 24.52 -33.73
C LYS G 210 -16.04 25.20 -34.83
N ARG G 211 -16.33 26.47 -35.07
CA ARG G 211 -15.71 27.23 -36.16
C ARG G 211 -14.69 28.25 -35.66
N VAL G 212 -14.12 28.03 -34.49
CA VAL G 212 -13.20 29.01 -33.93
C VAL G 212 -11.87 28.93 -34.70
N THR G 213 -11.18 30.07 -34.79
CA THR G 213 -9.97 30.18 -35.61
C THR G 213 -8.75 30.59 -34.77
N ASN G 214 -7.56 30.15 -35.18
CA ASN G 214 -6.30 30.47 -34.50
C ASN G 214 -6.11 31.94 -34.21
N ASP G 215 -6.60 32.79 -35.11
CA ASP G 215 -6.45 34.23 -34.96
C ASP G 215 -7.22 34.75 -33.77
N ASP G 216 -8.42 34.20 -33.55
CA ASP G 216 -9.26 34.60 -32.42
C ASP G 216 -8.45 34.50 -31.13
N PHE G 217 -7.79 33.36 -30.96
CA PHE G 217 -6.99 33.10 -29.76
C PHE G 217 -5.77 34.01 -29.69
N GLN G 218 -5.14 34.28 -30.82
CA GLN G 218 -3.99 35.16 -30.87
C GLN G 218 -4.33 36.60 -30.43
N GLU G 219 -5.56 37.01 -30.67
CA GLU G 219 -6.05 38.33 -30.24
C GLU G 219 -6.08 38.46 -28.72
N ILE G 220 -6.69 37.49 -28.06
CA ILE G 220 -6.77 37.42 -26.60
C ILE G 220 -5.39 37.29 -25.95
N LYS G 221 -4.48 36.61 -26.65
CA LYS G 221 -3.11 36.38 -26.20
C LYS G 221 -2.33 37.68 -26.00
N LYS G 222 -2.75 38.74 -26.66
CA LYS G 222 -2.04 40.02 -26.59
C LYS G 222 -2.20 40.72 -25.23
N TYR G 223 -3.29 40.43 -24.54
CA TYR G 223 -3.54 41.08 -23.26
C TYR G 223 -3.86 40.10 -22.13
N ALA G 224 -4.17 38.86 -22.48
CA ALA G 224 -4.57 37.88 -21.48
C ALA G 224 -3.74 36.60 -21.56
N VAL G 225 -3.70 35.84 -20.47
CA VAL G 225 -2.91 34.63 -20.41
C VAL G 225 -3.77 33.37 -20.51
N GLY G 226 -5.08 33.55 -20.56
CA GLY G 226 -5.98 32.40 -20.64
C GLY G 226 -7.41 32.84 -20.86
N ILE G 227 -8.27 31.85 -21.13
CA ILE G 227 -9.70 32.11 -21.34
C ILE G 227 -10.57 31.38 -20.32
N GLY G 228 -11.82 31.79 -20.24
CA GLY G 228 -12.74 31.18 -19.30
C GLY G 228 -14.11 30.98 -19.92
N PRO G 229 -14.28 29.89 -20.68
CA PRO G 229 -15.51 29.62 -21.45
C PRO G 229 -16.54 28.82 -20.67
N ASN G 230 -17.82 29.07 -20.90
CA ASN G 230 -18.85 28.19 -20.34
C ASN G 230 -18.84 26.83 -21.05
N LEU G 231 -19.07 25.77 -20.28
CA LEU G 231 -19.13 24.42 -20.85
C LEU G 231 -20.52 24.08 -21.43
N ARG G 232 -21.57 24.69 -20.89
CA ARG G 232 -22.93 24.40 -21.33
C ARG G 232 -23.73 25.66 -21.63
N ASN G 233 -24.76 25.54 -22.46
CA ASN G 233 -25.74 26.61 -22.57
C ASN G 233 -26.75 26.43 -21.45
N ASP G 234 -27.78 27.27 -21.42
CA ASP G 234 -28.74 27.27 -20.32
C ASP G 234 -29.59 25.99 -20.25
N ASN G 235 -29.82 25.36 -21.41
CA ASN G 235 -30.51 24.08 -21.46
C ASN G 235 -29.78 23.00 -20.65
N GLY G 236 -28.50 22.82 -20.94
CA GLY G 236 -27.69 21.80 -20.31
C GLY G 236 -26.87 21.05 -21.32
N ASP G 237 -26.92 21.52 -22.57
CA ASP G 237 -26.19 20.88 -23.66
C ASP G 237 -24.75 21.37 -23.67
N LEU G 238 -23.83 20.51 -24.09
CA LEU G 238 -22.45 20.93 -24.25
C LEU G 238 -22.35 21.94 -25.39
N ILE G 239 -21.61 23.03 -25.17
CA ILE G 239 -21.53 24.07 -26.17
C ILE G 239 -20.08 24.29 -26.60
N ILE G 240 -19.16 23.61 -25.94
CA ILE G 240 -17.79 23.55 -26.44
C ILE G 240 -17.37 22.10 -26.54
N ASN G 241 -16.28 21.85 -27.27
CA ASN G 241 -15.84 20.49 -27.53
C ASN G 241 -14.32 20.34 -27.43
N GLU G 242 -13.81 19.15 -27.74
CA GLU G 242 -12.41 18.84 -27.52
C GLU G 242 -11.48 19.63 -28.45
N SER G 243 -11.92 19.85 -29.69
CA SER G 243 -11.13 20.59 -30.68
C SER G 243 -10.91 22.04 -30.24
N TYR G 244 -11.95 22.65 -29.72
CA TYR G 244 -11.88 24.01 -29.18
C TYR G 244 -10.77 24.12 -28.14
N MET G 245 -10.76 23.20 -27.18
CA MET G 245 -9.76 23.19 -26.12
C MET G 245 -8.35 22.95 -26.67
N LYS G 246 -8.25 22.05 -27.64
CA LYS G 246 -6.96 21.68 -28.20
C LYS G 246 -6.32 22.86 -28.93
N MET G 247 -7.14 23.63 -29.63
CA MET G 247 -6.62 24.78 -30.36
C MET G 247 -6.22 25.88 -29.38
N ALA G 248 -7.05 26.12 -28.38
CA ALA G 248 -6.75 27.12 -27.37
C ALA G 248 -5.43 26.84 -26.66
N ARG G 249 -5.15 25.55 -26.45
CA ARG G 249 -3.89 25.12 -25.83
C ARG G 249 -2.69 25.40 -26.74
N GLN G 250 -2.80 25.01 -28.00
CA GLN G 250 -1.75 25.25 -29.00
C GLN G 250 -1.43 26.73 -29.14
N ASN G 251 -2.43 27.59 -28.98
CA ASN G 251 -2.22 29.03 -29.05
C ASN G 251 -1.65 29.59 -27.74
N GLY G 252 -1.41 28.70 -26.78
CA GLY G 252 -0.67 29.06 -25.56
C GLY G 252 -1.49 29.56 -24.39
N LEU G 253 -2.79 29.30 -24.40
CA LEU G 253 -3.67 29.83 -23.37
C LEU G 253 -3.96 28.84 -22.25
N LEU G 254 -4.19 29.36 -21.06
CA LEU G 254 -4.84 28.59 -20.01
C LEU G 254 -6.34 28.52 -20.33
N ILE G 255 -7.01 27.48 -19.85
CA ILE G 255 -8.45 27.41 -20.03
C ILE G 255 -9.11 27.05 -18.72
N HIS G 256 -9.99 27.93 -18.25
CA HIS G 256 -10.74 27.69 -17.02
C HIS G 256 -12.23 27.75 -17.28
N PRO G 257 -12.81 26.60 -17.68
CA PRO G 257 -14.24 26.49 -17.92
C PRO G 257 -15.07 26.66 -16.65
N TYR G 258 -16.30 27.15 -16.81
CA TYR G 258 -17.23 27.29 -15.70
C TYR G 258 -18.60 26.76 -16.15
N THR G 259 -19.51 26.43 -15.22
CA THR G 259 -19.22 26.16 -13.82
C THR G 259 -19.42 24.65 -13.62
N ILE G 260 -18.34 23.98 -13.21
CA ILE G 260 -18.29 22.52 -13.25
C ILE G 260 -18.44 21.91 -11.87
N ASN G 261 -19.55 21.20 -11.65
CA ASN G 261 -19.87 20.74 -10.31
C ASN G 261 -19.99 19.22 -10.18
N GLU G 262 -20.08 18.54 -11.32
CA GLU G 262 -20.24 17.08 -11.30
C GLU G 262 -18.95 16.41 -11.71
N LYS G 263 -18.64 15.28 -11.07
CA LYS G 263 -17.35 14.63 -11.30
C LYS G 263 -17.13 14.13 -12.73
N PRO G 264 -18.16 13.61 -13.40
CA PRO G 264 -17.86 13.21 -14.78
C PRO G 264 -17.56 14.39 -15.73
N ASP G 265 -18.10 15.56 -15.45
CA ASP G 265 -17.71 16.79 -16.13
C ASP G 265 -16.27 17.17 -15.83
N MET G 266 -15.85 16.96 -14.59
CA MET G 266 -14.47 17.28 -14.19
C MET G 266 -13.50 16.37 -14.95
N ARG G 267 -13.74 15.06 -14.91
CA ARG G 267 -12.88 14.09 -15.61
C ARG G 267 -12.83 14.33 -17.12
N LEU G 268 -13.97 14.73 -17.70
CA LEU G 268 -14.03 14.96 -19.14
C LEU G 268 -13.20 16.17 -19.51
N LEU G 269 -13.37 17.24 -18.75
CA LEU G 269 -12.57 18.44 -18.95
C LEU G 269 -11.06 18.21 -18.71
N MET G 270 -10.69 17.41 -17.71
CA MET G 270 -9.27 17.06 -17.53
C MET G 270 -8.73 16.46 -18.81
N LYS G 271 -9.48 15.51 -19.35
CA LYS G 271 -9.08 14.79 -20.55
C LYS G 271 -8.91 15.74 -21.73
N TRP G 272 -9.78 16.74 -21.83
CA TRP G 272 -9.76 17.66 -22.95
C TRP G 272 -8.67 18.74 -22.88
N GLY G 273 -8.02 18.83 -21.73
CA GLY G 273 -6.86 19.72 -21.61
C GLY G 273 -7.13 21.01 -20.86
N ALA G 274 -8.03 20.97 -19.89
CA ALA G 274 -8.31 22.14 -19.07
C ALA G 274 -7.20 22.35 -18.04
N THR G 275 -6.81 23.60 -17.83
CA THR G 275 -5.74 23.90 -16.90
C THR G 275 -6.28 24.39 -15.55
N GLY G 276 -7.61 24.43 -15.43
CA GLY G 276 -8.27 24.89 -14.23
C GLY G 276 -9.77 24.83 -14.45
N MET G 277 -10.55 24.96 -13.37
CA MET G 277 -12.00 24.90 -13.48
C MET G 277 -12.62 25.77 -12.40
N PHE G 278 -13.74 26.41 -12.74
CA PHE G 278 -14.60 27.04 -11.73
C PHE G 278 -15.56 26.00 -11.18
N THR G 279 -15.60 25.86 -9.87
CA THR G 279 -16.49 24.88 -9.27
C THR G 279 -17.09 25.41 -7.97
N ASN G 280 -18.32 24.99 -7.69
CA ASN G 280 -18.93 25.28 -6.40
C ASN G 280 -18.55 24.23 -5.36
N TYR G 281 -17.87 23.17 -5.81
CA TYR G 281 -17.51 22.06 -4.94
C TYR G 281 -16.04 21.71 -5.07
N PRO G 282 -15.16 22.58 -4.55
CA PRO G 282 -13.72 22.36 -4.69
C PRO G 282 -13.29 21.04 -4.05
N ASP G 283 -14.06 20.54 -3.09
CA ASP G 283 -13.78 19.25 -2.48
C ASP G 283 -13.95 18.14 -3.51
N ARG G 284 -15.01 18.20 -4.32
CA ARG G 284 -15.21 17.25 -5.39
C ARG G 284 -14.09 17.26 -6.43
N LEU G 285 -13.65 18.46 -6.80
CA LEU G 285 -12.57 18.60 -7.76
C LEU G 285 -11.27 18.06 -7.18
N HIS G 286 -11.08 18.26 -5.88
CA HIS G 286 -9.85 17.81 -5.24
C HIS G 286 -9.82 16.28 -5.21
N THR G 287 -10.99 15.68 -5.05
CA THR G 287 -11.10 14.23 -5.08
C THR G 287 -10.81 13.68 -6.48
N VAL G 288 -11.24 14.41 -7.50
CA VAL G 288 -11.02 13.98 -8.88
C VAL G 288 -9.53 14.06 -9.22
N LEU G 289 -8.86 15.09 -8.71
CA LEU G 289 -7.42 15.24 -8.92
C LEU G 289 -6.59 14.10 -8.31
N LYS G 290 -7.17 13.38 -7.34
CA LYS G 290 -6.47 12.31 -6.65
C LYS G 290 -6.65 10.94 -7.34
N GLU G 291 -7.72 10.79 -8.12
CA GLU G 291 -8.03 9.52 -8.81
C GLU G 291 -6.86 9.00 -9.64
#